data_8RLU
#
_entry.id   8RLU
#
_cell.length_a   81.417
_cell.length_b   147.845
_cell.length_c   91.908
_cell.angle_alpha   90.000
_cell.angle_beta   99.026
_cell.angle_gamma   90.000
#
_symmetry.space_group_name_H-M   'P 1 21 1'
#
loop_
_entity.id
_entity.type
_entity.pdbx_description
1 polymer 'HLA class I histocompatibility antigen, alpha chain E'
2 polymer Beta-2-microglobulin
3 polymer 'Large envelope protein'
4 polymer 'T cell receptor alpha variable 12-2,T cell receptor alpha chain MC.7.G5'
5 polymer 'T cell receptor beta variable 6-5,T cell receptor beta chain MC.7.G5'
6 water water
#
loop_
_entity_poly.entity_id
_entity_poly.type
_entity_poly.pdbx_seq_one_letter_code
_entity_poly.pdbx_strand_id
1 'polypeptide(L)'
;GSHSLKYFHTSVSRPGRGEPRFISVGYVDDTQFVRFDNDAASPRMVPRAPWMEQEGSEYWDRETRSARDTAQIFRVNLRT
LRGYYNQSEAGSHTLQWMHGCELGPDGRFLRGYEQFAYDGKDYLTLNEDLRSWTAVDTAAQISEQKSNDASEAEHQRAYL
EDTCVEWLHKYLEKGKETLLHLEPPKTHVTHHPISDHEATLRCWALGFYPAEITLTWQQDGEGHTQDTELVETRPAGDGT
FQKWAAVVVPSGEEQRYTCHVQHEGLPEPVTLRWKP
;
A,F
2 'polypeptide(L)'
;MIQRTPKIQVYSRHPAENGKSNFLNCYVSGFHPSDIEVDLLKNGERIEKVEHSDLSFSKDWSFYLLYYTEFTPTEKDEYA
CRVNHVTLSQPKIVKWDRDM
;
B,G
3 'polypeptide(L)' ILNPFLPLL C,H
4 'polypeptide(L)'
;MAKEVEQNSGPLSVPEGAIASLNCTYSDRGSVSFFWYRQYSGKSPELIMSIYLNGLKEDGRFTAQLNKASQYVSLLIRDS
QPSDSATYLCAVGNHNTGNMLTFGGGTRLMVKPHIQNPDPAVYQLRDSKSSDKSVCLFTDFDSQTNVSQSKDSDVYITDK
CVLDMRSMDFKSNSAVAWSNKSDFACANAFNNSIIPEDT
;
D,I
5 'polypeptide(L)'
;MNAGVTQTPKFQVLKTGQSMTLQCAQDMNYEYMSWYRQDPGMGLRLIHYSVSAGLTDQGEVPNGYNVSRSTTEDFPLRLL
SAAPSQTSVYFCASHRNRLTEAFFGQGTRLTVVEDLKNVFPPEVAVFEPSEAEISHTQKATLVCLATGFYPDHVELSWWV
NGKEVHSGVCTDPQPLKEQPALNDSRYALSSRLRVSATFWQDPRNHFRCQVQFYGLSENDEWTQDRAKPVTQIVSAEAWG
RAD
;
E,J
#
# COMPACT_ATOMS: atom_id res chain seq x y z
N GLY A 1 -19.61 3.08 -11.40
CA GLY A 1 -19.74 1.64 -11.12
C GLY A 1 -19.12 1.22 -9.78
N SER A 2 -17.84 0.82 -9.83
CA SER A 2 -17.22 0.06 -8.77
C SER A 2 -16.90 0.95 -7.60
N HIS A 3 -16.38 2.16 -7.82
CA HIS A 3 -15.84 2.98 -6.75
C HIS A 3 -15.86 4.44 -7.19
N SER A 4 -15.88 5.37 -6.23
CA SER A 4 -15.97 6.77 -6.60
C SER A 4 -15.25 7.68 -5.60
N LEU A 5 -14.73 8.78 -6.17
CA LEU A 5 -14.21 9.88 -5.39
C LEU A 5 -15.05 11.11 -5.73
N LYS A 6 -15.80 11.59 -4.72
CA LYS A 6 -16.69 12.71 -4.84
C LYS A 6 -16.39 13.75 -3.77
N TYR A 7 -16.62 15.01 -4.13
CA TYR A 7 -16.54 16.13 -3.22
C TYR A 7 -17.86 16.92 -3.28
N PHE A 8 -18.19 17.56 -2.16
CA PHE A 8 -19.41 18.34 -2.03
C PHE A 8 -19.07 19.66 -1.35
N HIS A 9 -19.38 20.74 -2.05
CA HIS A 9 -18.97 22.08 -1.68
C HIS A 9 -20.25 22.89 -1.46
N THR A 10 -20.29 23.65 -0.35
CA THR A 10 -21.38 24.53 -0.03
C THR A 10 -20.81 25.88 0.43
N SER A 11 -21.23 26.98 -0.23
CA SER A 11 -20.94 28.35 0.15
C SER A 11 -22.26 29.08 0.38
N VAL A 12 -22.37 29.77 1.52
CA VAL A 12 -23.58 30.49 1.88
C VAL A 12 -23.22 31.94 2.21
N SER A 13 -23.82 32.90 1.50
CA SER A 13 -23.50 34.29 1.70
C SER A 13 -24.19 34.78 2.97
N ARG A 14 -23.53 35.71 3.66
CA ARG A 14 -24.11 36.36 4.83
C ARG A 14 -23.79 37.84 4.74
N PRO A 15 -24.43 38.61 3.85
CA PRO A 15 -24.02 40.00 3.61
C PRO A 15 -24.08 40.79 4.91
N GLY A 16 -23.03 41.55 5.21
CA GLY A 16 -22.96 42.32 6.45
C GLY A 16 -22.34 41.55 7.63
N ARG A 17 -22.32 40.23 7.56
CA ARG A 17 -21.76 39.39 8.60
C ARG A 17 -20.49 38.70 8.12
N GLY A 18 -19.66 39.44 7.37
CA GLY A 18 -18.39 38.95 6.88
C GLY A 18 -18.53 38.01 5.68
N GLU A 19 -17.48 37.25 5.39
CA GLU A 19 -17.40 36.50 4.14
C GLU A 19 -18.23 35.22 4.24
N PRO A 20 -18.64 34.62 3.11
CA PRO A 20 -19.54 33.47 3.14
C PRO A 20 -19.01 32.28 3.94
N ARG A 21 -19.93 31.51 4.53
CA ARG A 21 -19.58 30.23 5.11
C ARG A 21 -19.19 29.26 3.98
N PHE A 22 -18.11 28.50 4.14
CA PHE A 22 -17.70 27.53 3.11
C PHE A 22 -17.34 26.18 3.76
N ILE A 23 -18.00 25.12 3.32
CA ILE A 23 -17.74 23.77 3.83
C ILE A 23 -17.51 22.85 2.63
N SER A 24 -16.54 21.96 2.77
CA SER A 24 -16.14 21.06 1.72
C SER A 24 -15.97 19.68 2.33
N VAL A 25 -16.63 18.65 1.78
CA VAL A 25 -16.38 17.30 2.27
C VAL A 25 -16.06 16.36 1.12
N GLY A 26 -15.25 15.35 1.44
CA GLY A 26 -14.82 14.37 0.46
C GLY A 26 -15.21 12.96 0.87
N TYR A 27 -15.71 12.20 -0.10
CA TYR A 27 -16.18 10.84 0.10
C TYR A 27 -15.44 9.90 -0.87
N VAL A 28 -14.97 8.77 -0.38
CA VAL A 28 -14.71 7.61 -1.22
C VAL A 28 -15.88 6.65 -1.01
N ASP A 29 -16.55 6.27 -2.08
CA ASP A 29 -17.76 5.46 -1.95
C ASP A 29 -18.68 6.16 -0.92
N ASP A 30 -19.07 5.51 0.16
CA ASP A 30 -19.99 6.07 1.15
C ASP A 30 -19.24 6.47 2.41
N THR A 31 -17.93 6.66 2.31
CA THR A 31 -17.11 6.91 3.48
C THR A 31 -16.48 8.29 3.38
N GLN A 32 -16.89 9.22 4.25
CA GLN A 32 -16.34 10.57 4.26
C GLN A 32 -14.94 10.48 4.80
N PHE A 33 -13.97 11.21 4.25
CA PHE A 33 -12.59 10.99 4.66
C PHE A 33 -11.83 12.30 4.91
N VAL A 34 -12.38 13.46 4.52
CA VAL A 34 -11.73 14.75 4.72
C VAL A 34 -12.82 15.80 4.81
N ARG A 35 -12.47 16.99 5.35
CA ARG A 35 -13.38 18.11 5.47
C ARG A 35 -12.59 19.40 5.63
N PHE A 36 -13.20 20.48 5.15
CA PHE A 36 -12.68 21.82 5.31
C PHE A 36 -13.83 22.77 5.60
N ASP A 37 -13.66 23.58 6.63
CA ASP A 37 -14.70 24.46 7.12
C ASP A 37 -14.06 25.79 7.45
N ASN A 38 -14.50 26.88 6.85
CA ASN A 38 -13.77 28.14 6.98
C ASN A 38 -14.21 28.92 8.23
N ASP A 39 -15.14 28.39 9.00
CA ASP A 39 -15.54 29.01 10.25
C ASP A 39 -14.43 28.76 11.26
N ALA A 40 -13.41 29.61 11.22
CA ALA A 40 -12.23 29.42 12.07
C ALA A 40 -11.14 30.44 11.70
N ALA A 41 -10.25 30.65 12.65
CA ALA A 41 -9.13 31.57 12.52
C ALA A 41 -8.26 31.16 11.34
N SER A 42 -7.76 29.93 11.36
CA SER A 42 -7.09 29.41 10.18
C SER A 42 -7.67 28.04 9.90
N PRO A 43 -8.69 27.99 9.01
CA PRO A 43 -9.35 26.72 8.69
C PRO A 43 -8.35 25.87 7.92
N ARG A 44 -8.19 24.61 8.32
CA ARG A 44 -7.37 23.70 7.53
C ARG A 44 -8.25 22.57 7.02
N MET A 45 -7.81 21.97 5.92
CA MET A 45 -8.36 20.67 5.57
C MET A 45 -7.88 19.66 6.62
N VAL A 46 -8.73 18.77 7.10
CA VAL A 46 -8.31 17.83 8.14
C VAL A 46 -8.82 16.45 7.79
N PRO A 47 -8.21 15.38 8.29
CA PRO A 47 -8.73 14.03 8.11
C PRO A 47 -10.04 13.76 8.86
N ARG A 48 -10.87 12.89 8.28
CA ARG A 48 -12.16 12.47 8.84
C ARG A 48 -12.34 10.96 8.76
N ALA A 49 -11.23 10.23 8.63
CA ALA A 49 -11.21 8.78 8.54
C ALA A 49 -9.85 8.33 9.03
N PRO A 50 -9.76 7.28 9.84
CA PRO A 50 -8.49 6.97 10.47
C PRO A 50 -7.40 6.58 9.48
N TRP A 51 -7.76 6.02 8.32
CA TRP A 51 -6.76 5.70 7.31
C TRP A 51 -6.17 6.95 6.65
N MET A 52 -6.64 8.15 7.01
CA MET A 52 -6.06 9.37 6.48
C MET A 52 -5.18 10.05 7.54
N GLU A 53 -5.00 9.39 8.69
CA GLU A 53 -4.26 9.98 9.79
C GLU A 53 -2.76 9.86 9.57
N GLN A 54 -2.34 9.18 8.52
CA GLN A 54 -0.94 8.88 8.34
C GLN A 54 -0.40 9.62 7.14
N GLU A 55 -1.09 10.67 6.68
CA GLU A 55 -0.55 11.48 5.60
C GLU A 55 0.32 12.58 6.18
N GLY A 56 1.42 12.86 5.50
CA GLY A 56 2.35 13.95 5.81
C GLY A 56 1.77 15.32 5.55
N SER A 57 2.54 16.33 5.96
CA SER A 57 2.06 17.70 5.96
C SER A 57 1.92 18.21 4.52
N GLU A 58 2.61 17.55 3.59
CA GLU A 58 2.51 17.95 2.19
C GLU A 58 1.06 17.77 1.76
N TYR A 59 0.40 16.68 2.16
CA TYR A 59 -1.02 16.52 1.86
C TYR A 59 -1.82 17.71 2.42
N TRP A 60 -1.72 17.95 3.74
CA TRP A 60 -2.59 18.92 4.42
C TRP A 60 -2.31 20.33 3.94
N ASP A 61 -1.06 20.65 3.64
CA ASP A 61 -0.71 21.99 3.18
C ASP A 61 -1.36 22.27 1.81
N ARG A 62 -1.21 21.33 0.89
CA ARG A 62 -1.80 21.49 -0.44
C ARG A 62 -3.33 21.54 -0.35
N GLU A 63 -3.93 20.60 0.37
CA GLU A 63 -5.38 20.51 0.38
C GLU A 63 -5.96 21.75 1.04
N THR A 64 -5.23 22.31 2.00
CA THR A 64 -5.70 23.50 2.70
C THR A 64 -5.64 24.69 1.74
N ARG A 65 -4.52 24.83 1.01
CA ARG A 65 -4.39 25.93 0.05
C ARG A 65 -5.48 25.85 -1.01
N SER A 66 -5.73 24.62 -1.45
CA SER A 66 -6.67 24.32 -2.52
C SER A 66 -8.10 24.59 -2.05
N ALA A 67 -8.37 24.29 -0.76
CA ALA A 67 -9.67 24.53 -0.16
C ALA A 67 -9.97 26.02 -0.06
N ARG A 68 -8.97 26.76 0.43
CA ARG A 68 -9.10 28.21 0.51
C ARG A 68 -9.26 28.82 -0.88
N ASP A 69 -8.48 28.36 -1.90
CA ASP A 69 -8.67 28.89 -3.24
C ASP A 69 -10.14 28.70 -3.66
N THR A 70 -10.71 27.53 -3.31
CA THR A 70 -12.10 27.22 -3.68
C THR A 70 -13.10 28.19 -3.03
N ALA A 71 -12.91 28.44 -1.73
CA ALA A 71 -13.78 29.34 -0.98
C ALA A 71 -13.82 30.72 -1.63
N GLN A 72 -12.61 31.18 -2.00
CA GLN A 72 -12.39 32.47 -2.65
C GLN A 72 -13.22 32.60 -3.93
N ILE A 73 -13.06 31.65 -4.84
CA ILE A 73 -13.76 31.69 -6.12
C ILE A 73 -15.28 31.55 -5.88
N PHE A 74 -15.69 30.74 -4.91
CA PHE A 74 -17.12 30.62 -4.59
C PHE A 74 -17.70 31.94 -4.07
N ARG A 75 -16.90 32.75 -3.38
CA ARG A 75 -17.31 34.07 -2.95
C ARG A 75 -17.58 34.95 -4.17
N VAL A 76 -16.57 35.01 -5.03
CA VAL A 76 -16.65 35.72 -6.30
C VAL A 76 -17.90 35.28 -7.05
N ASN A 77 -18.13 33.96 -7.18
CA ASN A 77 -19.24 33.48 -8.00
C ASN A 77 -20.58 33.87 -7.34
N LEU A 78 -20.65 33.84 -6.00
CA LEU A 78 -21.85 34.24 -5.27
C LEU A 78 -22.21 35.68 -5.61
N ARG A 79 -21.21 36.56 -5.65
CA ARG A 79 -21.40 37.94 -6.06
C ARG A 79 -21.93 37.98 -7.49
N THR A 80 -21.24 37.32 -8.43
CA THR A 80 -21.67 37.37 -9.81
C THR A 80 -23.12 36.94 -9.97
N LEU A 81 -23.51 35.79 -9.40
CA LEU A 81 -24.87 35.30 -9.57
C LEU A 81 -25.94 36.22 -8.94
N ARG A 82 -25.57 36.99 -7.92
CA ARG A 82 -26.46 37.94 -7.30
C ARG A 82 -26.81 39.05 -8.31
N GLY A 83 -25.77 39.55 -8.99
CA GLY A 83 -25.92 40.43 -10.14
C GLY A 83 -26.78 39.80 -11.24
N TYR A 84 -26.38 38.63 -11.74
CA TYR A 84 -27.09 38.05 -12.86
C TYR A 84 -28.59 38.09 -12.60
N TYR A 85 -29.03 37.81 -11.38
CA TYR A 85 -30.46 37.69 -11.05
C TYR A 85 -31.01 38.94 -10.36
N ASN A 86 -30.17 39.97 -10.24
CA ASN A 86 -30.50 41.26 -9.66
C ASN A 86 -31.20 41.14 -8.31
N GLN A 87 -30.53 40.52 -7.35
CA GLN A 87 -31.11 40.28 -6.03
C GLN A 87 -30.53 41.31 -5.07
N SER A 88 -31.21 41.52 -3.94
N SER A 88 -31.21 41.52 -3.94
CA SER A 88 -30.80 42.48 -2.93
CA SER A 88 -30.77 42.51 -2.96
C SER A 88 -29.50 42.04 -2.28
C SER A 88 -29.50 42.04 -2.28
N GLU A 89 -28.79 43.02 -1.71
CA GLU A 89 -27.48 42.81 -1.13
C GLU A 89 -27.64 42.34 0.30
N ALA A 90 -28.89 42.23 0.76
CA ALA A 90 -29.16 41.84 2.13
C ALA A 90 -29.29 40.33 2.21
N GLY A 91 -29.75 39.72 1.11
CA GLY A 91 -30.05 38.31 1.02
C GLY A 91 -28.86 37.36 1.14
N SER A 92 -29.15 36.24 1.82
CA SER A 92 -28.30 35.07 1.93
C SER A 92 -28.66 34.09 0.83
N HIS A 93 -27.63 33.61 0.11
CA HIS A 93 -27.81 32.71 -1.03
C HIS A 93 -26.77 31.59 -0.96
N THR A 94 -27.09 30.46 -1.62
CA THR A 94 -26.34 29.21 -1.52
C THR A 94 -25.84 28.80 -2.90
N LEU A 95 -24.51 28.66 -3.06
CA LEU A 95 -23.95 28.03 -4.26
C LEU A 95 -23.34 26.69 -3.85
N GLN A 96 -23.77 25.61 -4.49
CA GLN A 96 -23.29 24.26 -4.23
C GLN A 96 -22.57 23.72 -5.46
N TRP A 97 -21.63 22.80 -5.25
CA TRP A 97 -20.88 22.21 -6.36
C TRP A 97 -20.56 20.76 -5.96
N MET A 98 -21.03 19.78 -6.74
CA MET A 98 -20.65 18.39 -6.56
C MET A 98 -19.92 17.96 -7.84
N HIS A 99 -18.90 17.12 -7.64
CA HIS A 99 -18.15 16.50 -8.73
C HIS A 99 -17.61 15.14 -8.27
N GLY A 100 -17.47 14.18 -9.21
CA GLY A 100 -16.88 12.89 -8.89
C GLY A 100 -16.39 12.08 -10.08
N CYS A 101 -15.60 11.04 -9.80
CA CYS A 101 -15.12 10.11 -10.81
C CYS A 101 -15.44 8.70 -10.36
N GLU A 102 -15.72 7.81 -11.32
CA GLU A 102 -16.00 6.42 -10.99
C GLU A 102 -15.07 5.50 -11.75
N LEU A 103 -14.65 4.42 -11.09
CA LEU A 103 -13.87 3.37 -11.71
C LEU A 103 -14.81 2.31 -12.25
N GLY A 104 -14.41 1.70 -13.38
CA GLY A 104 -15.02 0.45 -13.79
C GLY A 104 -14.33 -0.74 -13.09
N PRO A 105 -14.82 -1.98 -13.34
CA PRO A 105 -14.26 -3.17 -12.72
C PRO A 105 -12.77 -3.38 -13.05
N ASP A 106 -12.30 -2.67 -14.07
CA ASP A 106 -10.90 -2.77 -14.47
C ASP A 106 -10.04 -1.78 -13.71
N GLY A 107 -10.61 -0.99 -12.80
CA GLY A 107 -9.82 -0.02 -12.07
C GLY A 107 -9.51 1.26 -12.84
N ARG A 108 -10.00 1.35 -14.07
CA ARG A 108 -9.82 2.51 -14.91
C ARG A 108 -11.04 3.42 -14.89
N PHE A 109 -10.84 4.65 -15.37
CA PHE A 109 -11.91 5.62 -15.50
C PHE A 109 -13.09 5.04 -16.24
N LEU A 110 -14.31 5.14 -15.67
CA LEU A 110 -15.56 4.90 -16.37
C LEU A 110 -16.34 6.19 -16.66
N ARG A 111 -16.72 6.97 -15.63
CA ARG A 111 -17.45 8.19 -15.91
C ARG A 111 -17.07 9.26 -14.90
N GLY A 112 -17.46 10.50 -15.20
CA GLY A 112 -17.22 11.70 -14.42
C GLY A 112 -18.39 12.68 -14.49
N TYR A 113 -18.61 13.42 -13.40
CA TYR A 113 -19.74 14.33 -13.35
C TYR A 113 -19.40 15.55 -12.50
N GLU A 114 -20.21 16.58 -12.70
CA GLU A 114 -19.97 17.89 -12.12
C GLU A 114 -21.19 18.74 -12.43
N GLN A 115 -21.61 19.51 -11.41
CA GLN A 115 -22.91 20.13 -11.35
C GLN A 115 -22.88 21.25 -10.30
N PHE A 116 -23.36 22.45 -10.70
CA PHE A 116 -23.51 23.58 -9.83
C PHE A 116 -24.99 23.81 -9.58
N ALA A 117 -25.34 24.32 -8.39
CA ALA A 117 -26.72 24.60 -7.99
C ALA A 117 -26.70 25.90 -7.24
N TYR A 118 -27.61 26.79 -7.60
CA TYR A 118 -27.77 28.07 -6.94
C TYR A 118 -29.11 28.02 -6.23
N ASP A 119 -29.11 28.35 -4.93
CA ASP A 119 -30.31 28.35 -4.10
C ASP A 119 -31.08 27.04 -4.23
N GLY A 120 -30.36 25.90 -4.33
CA GLY A 120 -31.01 24.58 -4.22
C GLY A 120 -31.59 24.06 -5.54
N LYS A 121 -31.16 24.61 -6.67
CA LYS A 121 -31.71 24.27 -7.96
C LYS A 121 -30.59 24.20 -8.98
N ASP A 122 -30.61 23.21 -9.85
CA ASP A 122 -29.59 23.10 -10.88
C ASP A 122 -29.37 24.48 -11.49
N TYR A 123 -28.09 24.82 -11.67
CA TYR A 123 -27.67 25.98 -12.42
C TYR A 123 -26.91 25.58 -13.71
N LEU A 124 -25.78 24.88 -13.56
CA LEU A 124 -24.90 24.61 -14.70
C LEU A 124 -24.35 23.20 -14.56
N THR A 125 -24.50 22.39 -15.62
CA THR A 125 -24.10 20.99 -15.56
C THR A 125 -23.04 20.68 -16.61
N LEU A 126 -21.97 19.99 -16.20
CA LEU A 126 -21.03 19.49 -17.18
C LEU A 126 -21.67 18.23 -17.78
N ASN A 127 -21.78 18.20 -19.12
CA ASN A 127 -22.42 17.11 -19.83
C ASN A 127 -21.57 15.84 -19.74
N GLU A 128 -22.23 14.71 -20.00
CA GLU A 128 -21.64 13.39 -19.96
C GLU A 128 -20.33 13.32 -20.77
N ASP A 129 -20.23 14.00 -21.92
CA ASP A 129 -19.04 13.97 -22.76
C ASP A 129 -17.86 14.66 -22.08
N LEU A 130 -18.10 15.34 -20.96
CA LEU A 130 -17.14 16.18 -20.25
C LEU A 130 -16.49 17.22 -21.16
N ARG A 131 -17.20 17.64 -22.22
CA ARG A 131 -16.67 18.55 -23.22
C ARG A 131 -17.51 19.83 -23.36
N SER A 132 -18.67 19.88 -22.73
CA SER A 132 -19.61 20.97 -22.89
C SER A 132 -20.58 21.03 -21.71
N TRP A 133 -21.37 22.10 -21.68
CA TRP A 133 -22.19 22.41 -20.53
C TRP A 133 -23.65 22.58 -20.97
N THR A 134 -24.55 22.31 -20.01
CA THR A 134 -25.95 22.68 -20.11
C THR A 134 -26.32 23.72 -19.06
N ALA A 135 -26.92 24.82 -19.52
CA ALA A 135 -27.34 25.92 -18.67
C ALA A 135 -28.85 25.87 -18.51
N VAL A 136 -29.34 26.12 -17.29
CA VAL A 136 -30.78 26.05 -17.05
C VAL A 136 -31.49 27.33 -17.50
N ASP A 137 -30.77 28.47 -17.64
CA ASP A 137 -31.45 29.74 -17.85
C ASP A 137 -30.50 30.79 -18.43
N THR A 138 -31.01 32.00 -18.60
CA THR A 138 -30.26 33.07 -19.24
C THR A 138 -28.97 33.38 -18.50
N ALA A 139 -29.06 33.41 -17.15
CA ALA A 139 -27.90 33.65 -16.32
C ALA A 139 -26.89 32.52 -16.52
N ALA A 140 -27.37 31.29 -16.48
CA ALA A 140 -26.48 30.15 -16.60
C ALA A 140 -25.84 30.08 -18.01
N GLN A 141 -26.51 30.66 -19.00
CA GLN A 141 -25.94 30.76 -20.34
C GLN A 141 -24.75 31.73 -20.35
N ILE A 142 -24.82 32.81 -19.55
CA ILE A 142 -23.69 33.72 -19.45
C ILE A 142 -22.48 32.93 -18.94
N SER A 143 -22.73 32.07 -17.93
CA SER A 143 -21.72 31.23 -17.30
C SER A 143 -21.16 30.20 -18.29
N GLU A 144 -22.03 29.58 -19.09
CA GLU A 144 -21.63 28.66 -20.16
C GLU A 144 -20.62 29.32 -21.11
N GLN A 145 -20.97 30.51 -21.58
CA GLN A 145 -20.14 31.22 -22.53
C GLN A 145 -18.76 31.44 -21.90
N LYS A 146 -18.73 31.85 -20.62
CA LYS A 146 -17.47 32.25 -20.01
C LYS A 146 -16.57 31.04 -19.79
N SER A 147 -17.20 29.90 -19.47
CA SER A 147 -16.48 28.67 -19.29
C SER A 147 -16.02 28.10 -20.65
N ASN A 148 -16.80 28.30 -21.74
CA ASN A 148 -16.35 27.92 -23.08
C ASN A 148 -15.09 28.71 -23.44
N ASP A 149 -15.18 30.03 -23.35
CA ASP A 149 -14.04 30.88 -23.62
C ASP A 149 -12.81 30.50 -22.80
N ALA A 150 -12.98 29.88 -21.62
CA ALA A 150 -11.84 29.68 -20.73
C ALA A 150 -11.34 28.23 -20.81
N SER A 151 -12.03 27.39 -21.59
CA SER A 151 -11.68 26.00 -21.81
C SER A 151 -11.85 25.25 -20.50
N GLU A 152 -12.95 25.52 -19.82
CA GLU A 152 -13.07 25.03 -18.47
C GLU A 152 -13.34 23.54 -18.53
N ALA A 153 -14.19 23.14 -19.48
CA ALA A 153 -14.44 21.74 -19.74
C ALA A 153 -13.14 20.94 -19.81
N GLU A 154 -12.18 21.46 -20.57
CA GLU A 154 -10.96 20.70 -20.82
C GLU A 154 -10.26 20.53 -19.48
N HIS A 155 -10.27 21.58 -18.65
CA HIS A 155 -9.57 21.51 -17.37
C HIS A 155 -10.27 20.54 -16.44
N GLN A 156 -11.60 20.63 -16.38
CA GLN A 156 -12.37 19.69 -15.57
C GLN A 156 -12.15 18.25 -16.03
N ARG A 157 -12.09 18.02 -17.34
CA ARG A 157 -11.88 16.65 -17.81
C ARG A 157 -10.52 16.08 -17.34
N ALA A 158 -9.47 16.89 -17.43
CA ALA A 158 -8.19 16.47 -16.87
C ALA A 158 -8.35 16.09 -15.40
N TYR A 159 -8.97 16.94 -14.56
CA TYR A 159 -9.16 16.56 -13.17
C TYR A 159 -9.87 15.21 -13.10
N LEU A 160 -11.03 15.08 -13.77
CA LEU A 160 -11.93 13.95 -13.55
C LEU A 160 -11.39 12.65 -14.12
N GLU A 161 -10.80 12.71 -15.32
CA GLU A 161 -10.32 11.49 -15.97
C GLU A 161 -9.01 11.04 -15.33
N ASP A 162 -8.20 11.94 -14.77
CA ASP A 162 -6.80 11.63 -14.48
C ASP A 162 -6.48 11.80 -12.99
N THR A 163 -6.34 13.04 -12.50
CA THR A 163 -6.03 13.30 -11.09
C THR A 163 -6.98 12.59 -10.13
N CYS A 164 -8.29 12.78 -10.33
CA CYS A 164 -9.33 12.18 -9.51
C CYS A 164 -9.13 10.64 -9.46
N VAL A 165 -8.91 10.04 -10.63
CA VAL A 165 -8.82 8.59 -10.69
C VAL A 165 -7.59 8.16 -9.92
N GLU A 166 -6.48 8.87 -10.12
CA GLU A 166 -5.19 8.48 -9.56
C GLU A 166 -5.21 8.57 -8.04
N TRP A 167 -5.93 9.54 -7.47
CA TRP A 167 -5.98 9.64 -6.02
C TRP A 167 -6.98 8.65 -5.42
N LEU A 168 -8.05 8.36 -6.15
CA LEU A 168 -8.99 7.30 -5.77
C LEU A 168 -8.25 5.98 -5.56
N HIS A 169 -7.39 5.61 -6.53
CA HIS A 169 -6.52 4.45 -6.35
C HIS A 169 -5.78 4.53 -5.01
N LYS A 170 -5.16 5.70 -4.72
CA LYS A 170 -4.38 5.82 -3.50
C LYS A 170 -5.28 5.60 -2.28
N TYR A 171 -6.46 6.25 -2.27
CA TYR A 171 -7.34 6.19 -1.12
C TYR A 171 -7.87 4.78 -0.91
N LEU A 172 -8.26 4.08 -1.99
CA LEU A 172 -8.73 2.70 -1.89
C LEU A 172 -7.64 1.80 -1.33
N GLU A 173 -6.37 2.13 -1.59
CA GLU A 173 -5.28 1.32 -1.06
C GLU A 173 -5.15 1.56 0.44
N LYS A 174 -5.18 2.83 0.86
CA LYS A 174 -5.02 3.18 2.26
C LYS A 174 -6.21 2.77 3.14
N GLY A 175 -7.43 2.78 2.62
CA GLY A 175 -8.60 2.35 3.38
C GLY A 175 -9.21 1.02 2.90
N LYS A 176 -8.33 0.06 2.46
CA LYS A 176 -8.75 -1.21 1.86
C LYS A 176 -9.69 -2.00 2.77
N GLU A 177 -9.35 -2.07 4.07
CA GLU A 177 -10.08 -2.86 5.06
C GLU A 177 -11.51 -2.34 5.30
N THR A 178 -11.76 -1.07 4.97
CA THR A 178 -13.03 -0.39 5.20
C THR A 178 -13.81 -0.28 3.89
N LEU A 179 -13.09 -0.02 2.80
CA LEU A 179 -13.71 0.34 1.53
C LEU A 179 -13.98 -0.89 0.69
N LEU A 180 -13.12 -1.92 0.79
CA LEU A 180 -13.26 -3.10 -0.07
C LEU A 180 -13.85 -4.27 0.70
N HIS A 181 -13.42 -4.41 1.96
CA HIS A 181 -13.93 -5.40 2.91
C HIS A 181 -15.20 -4.87 3.59
N LEU A 182 -16.35 -5.19 2.98
CA LEU A 182 -17.63 -4.59 3.31
C LEU A 182 -18.17 -5.10 4.65
N GLU A 183 -19.23 -4.47 5.16
CA GLU A 183 -19.81 -4.84 6.45
C GLU A 183 -21.27 -5.22 6.22
N PRO A 184 -21.64 -6.52 6.39
CA PRO A 184 -23.00 -6.96 6.07
C PRO A 184 -23.88 -6.56 7.26
N PRO A 185 -25.21 -6.54 7.09
CA PRO A 185 -26.10 -6.19 8.17
C PRO A 185 -26.23 -7.28 9.22
N LYS A 186 -26.04 -6.91 10.49
CA LYS A 186 -26.63 -7.64 11.59
C LYS A 186 -28.15 -7.39 11.62
N THR A 187 -28.92 -8.46 11.75
CA THR A 187 -30.26 -8.56 11.23
C THR A 187 -31.14 -9.26 12.28
N HIS A 188 -32.27 -8.62 12.68
CA HIS A 188 -33.18 -9.22 13.66
C HIS A 188 -34.59 -8.66 13.56
N VAL A 189 -35.57 -9.43 14.05
CA VAL A 189 -36.97 -9.03 14.05
C VAL A 189 -37.46 -8.78 15.48
N THR A 190 -38.05 -7.61 15.75
CA THR A 190 -38.70 -7.30 17.03
C THR A 190 -40.22 -7.31 16.85
N HIS A 191 -40.95 -7.32 17.98
CA HIS A 191 -42.39 -7.59 18.01
C HIS A 191 -43.09 -6.65 18.98
N HIS A 192 -44.09 -5.92 18.46
CA HIS A 192 -44.74 -4.87 19.23
C HIS A 192 -46.25 -4.99 19.06
N PRO A 193 -46.95 -5.66 20.03
CA PRO A 193 -48.42 -5.73 20.03
C PRO A 193 -49.07 -4.35 19.93
N ILE A 194 -49.97 -4.16 18.98
CA ILE A 194 -50.66 -2.88 18.81
C ILE A 194 -52.00 -2.90 19.55
N SER A 195 -52.58 -4.08 19.73
CA SER A 195 -53.93 -4.26 20.25
C SER A 195 -54.03 -5.71 20.68
N ASP A 196 -55.24 -6.25 20.59
CA ASP A 196 -55.56 -7.61 21.00
C ASP A 196 -55.35 -8.57 19.84
N HIS A 197 -55.44 -8.05 18.64
CA HIS A 197 -55.55 -8.91 17.49
C HIS A 197 -54.53 -8.49 16.44
N GLU A 198 -53.66 -7.50 16.73
CA GLU A 198 -52.57 -7.24 15.78
C GLU A 198 -51.30 -6.76 16.47
N ALA A 199 -50.17 -6.99 15.78
CA ALA A 199 -48.83 -6.62 16.25
C ALA A 199 -47.99 -6.08 15.10
N THR A 200 -46.99 -5.28 15.44
CA THR A 200 -46.01 -4.82 14.47
C THR A 200 -44.82 -5.76 14.51
N LEU A 201 -44.47 -6.35 13.36
CA LEU A 201 -43.19 -7.01 13.19
C LEU A 201 -42.25 -5.98 12.58
N ARG A 202 -41.13 -5.70 13.25
CA ARG A 202 -40.13 -4.73 12.77
C ARG A 202 -38.84 -5.48 12.43
N CYS A 203 -38.42 -5.40 11.17
CA CYS A 203 -37.22 -6.08 10.70
C CYS A 203 -36.05 -5.10 10.68
N TRP A 204 -35.03 -5.37 11.52
CA TRP A 204 -33.89 -4.47 11.68
C TRP A 204 -32.69 -4.90 10.83
N ALA A 205 -32.07 -3.96 10.10
CA ALA A 205 -30.73 -4.18 9.61
C ALA A 205 -29.79 -3.14 10.21
N LEU A 206 -28.77 -3.60 10.94
CA LEU A 206 -27.89 -2.74 11.68
C LEU A 206 -26.42 -2.95 11.29
N GLY A 207 -25.66 -1.84 11.31
CA GLY A 207 -24.21 -1.86 11.27
C GLY A 207 -23.61 -2.19 9.89
N PHE A 208 -24.29 -1.79 8.81
CA PHE A 208 -23.97 -2.26 7.47
C PHE A 208 -23.27 -1.16 6.69
N TYR A 209 -22.43 -1.60 5.74
CA TYR A 209 -21.62 -0.72 4.89
C TYR A 209 -21.34 -1.45 3.58
N PRO A 210 -21.63 -0.88 2.40
CA PRO A 210 -22.09 0.50 2.25
C PRO A 210 -23.58 0.64 2.56
N ALA A 211 -24.17 1.75 2.11
CA ALA A 211 -25.44 2.21 2.64
C ALA A 211 -26.63 1.57 1.90
N GLU A 212 -26.46 1.36 0.59
CA GLU A 212 -27.38 0.59 -0.26
C GLU A 212 -27.87 -0.72 0.37
N ILE A 213 -29.20 -0.90 0.50
CA ILE A 213 -29.78 -2.09 1.11
C ILE A 213 -31.21 -2.29 0.65
N THR A 214 -31.73 -3.53 0.69
CA THR A 214 -33.15 -3.79 0.46
C THR A 214 -33.74 -4.68 1.56
N LEU A 215 -34.83 -4.22 2.18
CA LEU A 215 -35.53 -4.95 3.21
C LEU A 215 -36.95 -5.17 2.71
N THR A 216 -37.40 -6.42 2.65
CA THR A 216 -38.73 -6.73 2.15
C THR A 216 -39.45 -7.68 3.10
N TRP A 217 -40.73 -7.43 3.33
CA TRP A 217 -41.58 -8.35 4.09
C TRP A 217 -42.40 -9.17 3.12
N GLN A 218 -42.49 -10.47 3.38
CA GLN A 218 -43.31 -11.35 2.57
C GLN A 218 -44.19 -12.24 3.45
N GLN A 219 -45.30 -12.67 2.82
CA GLN A 219 -46.38 -13.37 3.49
C GLN A 219 -46.59 -14.73 2.83
N ASP A 220 -46.22 -15.80 3.56
CA ASP A 220 -46.13 -17.15 3.01
C ASP A 220 -45.31 -17.14 1.74
N GLY A 221 -44.21 -16.36 1.75
CA GLY A 221 -43.28 -16.22 0.63
C GLY A 221 -43.85 -15.55 -0.64
N GLU A 222 -44.80 -14.61 -0.49
CA GLU A 222 -45.47 -13.94 -1.61
C GLU A 222 -45.68 -12.45 -1.24
N GLY A 223 -45.89 -11.57 -2.22
CA GLY A 223 -46.02 -10.14 -2.01
C GLY A 223 -47.43 -9.70 -1.59
N HIS A 224 -47.52 -9.08 -0.40
CA HIS A 224 -48.77 -8.68 0.23
C HIS A 224 -48.81 -7.15 0.32
N THR A 225 -50.02 -6.59 0.38
CA THR A 225 -50.20 -5.16 0.59
C THR A 225 -50.86 -4.92 1.94
N GLN A 226 -50.25 -5.45 3.00
CA GLN A 226 -50.49 -4.98 4.35
C GLN A 226 -49.76 -3.65 4.56
N ASP A 227 -49.98 -3.06 5.74
CA ASP A 227 -49.33 -1.81 6.15
C ASP A 227 -47.84 -2.07 6.39
N THR A 228 -46.96 -1.47 5.55
CA THR A 228 -45.53 -1.75 5.51
C THR A 228 -44.75 -0.43 5.48
N GLU A 229 -44.40 0.06 6.68
CA GLU A 229 -43.61 1.27 6.91
C GLU A 229 -42.11 0.99 6.78
N LEU A 230 -41.43 1.82 5.99
CA LEU A 230 -40.01 1.69 5.70
C LEU A 230 -39.32 3.00 6.04
N VAL A 231 -38.44 3.00 7.05
CA VAL A 231 -37.69 4.20 7.42
C VAL A 231 -36.48 4.42 6.48
N GLU A 232 -36.12 5.69 6.28
CA GLU A 232 -35.03 6.11 5.40
C GLU A 232 -33.71 5.67 6.03
N THR A 233 -32.76 5.20 5.20
CA THR A 233 -31.53 4.61 5.71
C THR A 233 -30.79 5.71 6.46
N ARG A 234 -30.26 5.40 7.64
CA ARG A 234 -29.74 6.44 8.47
C ARG A 234 -28.36 6.04 8.98
N PRO A 235 -27.48 7.02 9.26
CA PRO A 235 -26.16 6.70 9.77
C PRO A 235 -26.17 6.35 11.26
N ALA A 236 -25.30 5.40 11.61
CA ALA A 236 -25.11 4.93 12.96
C ALA A 236 -24.15 5.84 13.71
N GLY A 237 -23.41 6.64 12.94
CA GLY A 237 -22.47 7.60 13.50
C GLY A 237 -21.05 7.05 13.57
N ASP A 238 -20.85 5.76 13.25
CA ASP A 238 -19.54 5.16 13.35
C ASP A 238 -19.07 4.73 11.97
N GLY A 239 -19.70 5.25 10.91
CA GLY A 239 -19.31 4.89 9.56
C GLY A 239 -20.20 3.81 8.93
N THR A 240 -21.08 3.18 9.72
CA THR A 240 -22.05 2.24 9.19
C THR A 240 -23.45 2.85 9.22
N PHE A 241 -24.43 2.08 8.75
CA PHE A 241 -25.76 2.58 8.43
C PHE A 241 -26.83 1.64 9.00
N GLN A 242 -28.09 2.10 9.06
CA GLN A 242 -29.18 1.34 9.69
C GLN A 242 -30.45 1.53 8.88
N LYS A 243 -31.30 0.52 8.91
CA LYS A 243 -32.62 0.65 8.33
C LYS A 243 -33.53 -0.36 9.03
N TRP A 244 -34.84 -0.04 9.06
CA TRP A 244 -35.82 -1.04 9.42
C TRP A 244 -37.02 -0.98 8.50
N ALA A 245 -37.70 -2.14 8.38
CA ALA A 245 -39.00 -2.27 7.74
C ALA A 245 -39.99 -2.96 8.67
N ALA A 246 -41.26 -2.55 8.61
CA ALA A 246 -42.28 -3.00 9.56
C ALA A 246 -43.56 -3.37 8.85
N VAL A 247 -44.24 -4.40 9.37
CA VAL A 247 -45.59 -4.77 8.94
C VAL A 247 -46.48 -4.94 10.17
N VAL A 248 -47.79 -4.61 10.05
CA VAL A 248 -48.75 -4.97 11.09
C VAL A 248 -49.38 -6.31 10.69
N VAL A 249 -49.41 -7.27 11.64
CA VAL A 249 -49.91 -8.59 11.33
C VAL A 249 -50.99 -9.03 12.33
N PRO A 250 -51.94 -9.89 11.88
CA PRO A 250 -52.87 -10.52 12.80
C PRO A 250 -52.11 -11.34 13.84
N SER A 251 -52.27 -10.95 15.12
CA SER A 251 -51.82 -11.72 16.27
C SER A 251 -52.12 -13.20 16.09
N GLY A 252 -51.09 -14.00 16.32
CA GLY A 252 -51.15 -15.43 16.10
C GLY A 252 -50.71 -15.85 14.70
N GLU A 253 -50.56 -14.88 13.77
CA GLU A 253 -50.19 -15.22 12.39
C GLU A 253 -48.78 -14.71 12.06
N GLU A 254 -47.94 -14.48 13.08
CA GLU A 254 -46.62 -13.88 12.91
C GLU A 254 -45.73 -14.75 12.01
N GLN A 255 -45.79 -16.06 12.22
CA GLN A 255 -44.82 -16.92 11.57
C GLN A 255 -45.24 -17.20 10.13
N ARG A 256 -46.23 -16.50 9.59
CA ARG A 256 -46.47 -16.54 8.15
C ARG A 256 -45.68 -15.42 7.45
N TYR A 257 -44.75 -14.79 8.17
CA TYR A 257 -44.16 -13.53 7.72
C TYR A 257 -42.63 -13.62 7.79
N THR A 258 -42.02 -13.39 6.60
CA THR A 258 -40.58 -13.44 6.43
C THR A 258 -40.07 -12.08 5.94
N CYS A 259 -38.96 -11.65 6.55
CA CYS A 259 -38.20 -10.50 6.10
C CYS A 259 -36.98 -10.92 5.26
N HIS A 260 -36.83 -10.24 4.11
CA HIS A 260 -35.77 -10.49 3.15
C HIS A 260 -34.84 -9.28 3.10
N VAL A 261 -33.54 -9.53 3.35
CA VAL A 261 -32.50 -8.53 3.29
C VAL A 261 -31.51 -8.85 2.17
N GLN A 262 -31.26 -7.83 1.33
CA GLN A 262 -30.21 -7.83 0.33
C GLN A 262 -29.19 -6.73 0.65
N HIS A 263 -27.91 -7.10 0.58
CA HIS A 263 -26.81 -6.16 0.83
C HIS A 263 -25.54 -6.74 0.21
N GLU A 264 -24.71 -5.86 -0.38
CA GLU A 264 -23.52 -6.22 -1.13
C GLU A 264 -22.57 -7.03 -0.25
N GLY A 265 -22.67 -6.88 1.06
CA GLY A 265 -21.75 -7.51 2.00
C GLY A 265 -22.17 -8.92 2.42
N LEU A 266 -23.34 -9.35 1.97
CA LEU A 266 -23.84 -10.68 2.26
C LEU A 266 -23.45 -11.62 1.11
N PRO A 267 -22.94 -12.83 1.42
CA PRO A 267 -22.65 -13.83 0.38
C PRO A 267 -23.88 -14.08 -0.46
N GLU A 268 -25.02 -14.16 0.23
CA GLU A 268 -26.30 -14.50 -0.37
C GLU A 268 -27.39 -13.68 0.33
N PRO A 269 -28.49 -13.31 -0.36
CA PRO A 269 -29.64 -12.67 0.32
C PRO A 269 -30.10 -13.45 1.54
N VAL A 270 -30.50 -12.80 2.65
CA VAL A 270 -30.91 -13.53 3.84
C VAL A 270 -32.40 -13.34 4.15
N THR A 271 -32.91 -14.31 4.90
CA THR A 271 -34.30 -14.41 5.26
C THR A 271 -34.39 -14.59 6.76
N LEU A 272 -35.42 -13.97 7.33
CA LEU A 272 -35.45 -13.72 8.75
C LEU A 272 -36.91 -13.79 9.22
N ARG A 273 -37.12 -14.21 10.47
CA ARG A 273 -38.45 -14.44 11.03
C ARG A 273 -38.52 -13.98 12.48
N TRP A 274 -39.71 -13.74 13.03
CA TRP A 274 -39.76 -13.49 14.45
C TRP A 274 -39.31 -14.73 15.24
N LYS A 275 -38.41 -14.53 16.24
CA LYS A 275 -37.99 -15.59 17.14
C LYS A 275 -38.53 -15.26 18.53
N PRO A 276 -39.68 -15.85 18.93
CA PRO A 276 -40.25 -15.58 20.25
C PRO A 276 -39.36 -15.99 21.45
N MET B 1 -35.36 30.11 -5.40
CA MET B 1 -35.19 30.09 -3.92
C MET B 1 -35.96 28.91 -3.35
N ILE B 2 -35.35 27.71 -3.41
CA ILE B 2 -35.99 26.50 -2.93
C ILE B 2 -35.92 26.50 -1.40
N GLN B 3 -36.97 26.01 -0.73
CA GLN B 3 -36.98 25.76 0.71
C GLN B 3 -37.65 24.43 1.00
N ARG B 4 -36.92 23.53 1.67
CA ARG B 4 -37.46 22.24 2.03
C ARG B 4 -37.28 22.01 3.52
N THR B 5 -38.33 21.55 4.18
CA THR B 5 -38.29 21.33 5.61
C THR B 5 -37.55 20.04 5.93
N PRO B 6 -36.79 20.01 7.04
CA PRO B 6 -36.00 18.84 7.38
C PRO B 6 -36.87 17.68 7.80
N LYS B 7 -36.37 16.48 7.48
CA LYS B 7 -36.89 15.24 8.04
C LYS B 7 -35.98 14.89 9.19
N ILE B 8 -36.56 14.22 10.18
CA ILE B 8 -35.89 13.99 11.45
C ILE B 8 -36.07 12.55 11.88
N GLN B 9 -34.99 11.94 12.35
CA GLN B 9 -35.07 10.70 13.10
C GLN B 9 -34.17 10.79 14.33
N VAL B 10 -34.62 10.17 15.42
CA VAL B 10 -33.90 10.13 16.67
C VAL B 10 -33.77 8.66 17.08
N TYR B 11 -32.56 8.23 17.47
CA TYR B 11 -32.30 6.81 17.60
C TYR B 11 -30.93 6.61 18.25
N SER B 12 -30.76 5.44 18.90
CA SER B 12 -29.47 5.08 19.44
C SER B 12 -28.65 4.37 18.37
N ARG B 13 -27.33 4.56 18.47
CA ARG B 13 -26.40 3.82 17.62
C ARG B 13 -26.63 2.33 17.78
N HIS B 14 -26.68 1.87 19.04
CA HIS B 14 -26.91 0.48 19.40
C HIS B 14 -28.26 0.30 20.11
N PRO B 15 -28.89 -0.91 20.03
CA PRO B 15 -30.08 -1.21 20.81
C PRO B 15 -29.89 -0.88 22.30
N ALA B 16 -30.94 -0.26 22.85
CA ALA B 16 -30.83 0.40 24.12
C ALA B 16 -30.87 -0.65 25.19
N GLU B 17 -30.00 -0.49 26.18
CA GLU B 17 -30.07 -1.26 27.41
C GLU B 17 -29.88 -0.31 28.57
N ASN B 18 -30.83 -0.33 29.52
CA ASN B 18 -30.71 0.58 30.64
C ASN B 18 -29.39 0.30 31.36
N GLY B 19 -28.66 1.37 31.65
CA GLY B 19 -27.45 1.24 32.43
C GLY B 19 -26.25 0.99 31.54
N LYS B 20 -26.44 0.75 30.24
CA LYS B 20 -25.30 0.55 29.36
C LYS B 20 -25.06 1.78 28.46
N SER B 21 -23.79 2.17 28.38
CA SER B 21 -23.38 3.32 27.60
C SER B 21 -23.64 3.10 26.11
N ASN B 22 -23.87 4.21 25.38
CA ASN B 22 -24.45 4.18 24.04
C ASN B 22 -24.28 5.57 23.40
N PHE B 23 -24.84 5.76 22.20
CA PHE B 23 -24.86 7.06 21.54
C PHE B 23 -26.29 7.38 21.10
N LEU B 24 -26.65 8.67 21.26
CA LEU B 24 -27.99 9.14 20.91
C LEU B 24 -27.85 9.99 19.68
N ASN B 25 -28.65 9.67 18.65
CA ASN B 25 -28.51 10.25 17.34
C ASN B 25 -29.74 11.08 16.97
N CYS B 26 -29.50 12.24 16.38
CA CYS B 26 -30.55 12.95 15.68
C CYS B 26 -30.08 13.24 14.26
N TYR B 27 -30.82 12.66 13.31
CA TYR B 27 -30.48 12.74 11.90
C TYR B 27 -31.47 13.65 11.18
N VAL B 28 -30.99 14.80 10.70
CA VAL B 28 -31.76 15.73 9.89
C VAL B 28 -31.26 15.72 8.46
N SER B 29 -32.21 15.69 7.54
CA SER B 29 -31.93 15.52 6.14
C SER B 29 -33.09 16.08 5.31
N GLY B 30 -32.86 16.31 4.01
CA GLY B 30 -33.94 16.76 3.14
C GLY B 30 -34.21 18.26 3.15
N PHE B 31 -33.34 19.02 3.81
CA PHE B 31 -33.64 20.40 4.10
C PHE B 31 -32.82 21.33 3.23
N HIS B 32 -33.36 22.53 3.05
CA HIS B 32 -32.68 23.59 2.33
C HIS B 32 -33.41 24.88 2.68
N PRO B 33 -32.72 25.98 3.01
CA PRO B 33 -31.26 26.06 3.01
C PRO B 33 -30.62 25.34 4.19
N SER B 34 -29.30 25.54 4.39
CA SER B 34 -28.49 24.69 5.25
C SER B 34 -28.49 25.13 6.71
N ASP B 35 -28.78 26.41 6.96
CA ASP B 35 -28.87 26.89 8.33
C ASP B 35 -29.93 26.10 9.08
N ILE B 36 -29.53 25.56 10.22
CA ILE B 36 -30.42 24.74 11.02
C ILE B 36 -29.89 24.78 12.46
N GLU B 37 -30.78 24.59 13.44
CA GLU B 37 -30.43 24.40 14.84
C GLU B 37 -30.96 23.02 15.22
N VAL B 38 -30.11 22.23 15.89
CA VAL B 38 -30.45 20.89 16.35
C VAL B 38 -29.89 20.72 17.77
N ASP B 39 -30.71 20.30 18.73
CA ASP B 39 -30.16 19.99 20.05
C ASP B 39 -30.76 18.69 20.55
N LEU B 40 -30.02 18.00 21.40
CA LEU B 40 -30.51 16.80 22.03
C LEU B 40 -30.92 17.12 23.47
N LEU B 41 -32.12 16.69 23.85
CA LEU B 41 -32.69 17.06 25.14
C LEU B 41 -32.68 15.85 26.08
N LYS B 42 -32.22 16.08 27.31
CA LYS B 42 -32.47 15.14 28.40
C LYS B 42 -33.45 15.74 29.41
N ASN B 43 -34.64 15.15 29.46
CA ASN B 43 -35.75 15.65 30.26
C ASN B 43 -35.95 17.14 30.00
N GLY B 44 -36.04 17.50 28.72
CA GLY B 44 -36.41 18.86 28.33
C GLY B 44 -35.24 19.83 28.33
N GLU B 45 -34.11 19.43 28.91
CA GLU B 45 -32.93 20.29 28.99
C GLU B 45 -31.96 19.97 27.87
N ARG B 46 -31.33 21.02 27.35
CA ARG B 46 -30.34 20.95 26.30
C ARG B 46 -29.09 20.23 26.81
N ILE B 47 -28.66 19.16 26.15
CA ILE B 47 -27.39 18.52 26.51
C ILE B 47 -26.27 19.38 25.94
N GLU B 48 -25.10 19.44 26.56
CA GLU B 48 -24.09 20.39 26.11
C GLU B 48 -22.92 19.73 25.39
N LYS B 49 -22.66 18.43 25.56
CA LYS B 49 -21.54 17.83 24.87
C LYS B 49 -21.99 17.20 23.54
N VAL B 50 -22.72 17.96 22.70
CA VAL B 50 -23.28 17.40 21.47
C VAL B 50 -22.36 17.72 20.31
N GLU B 51 -21.95 16.70 19.57
CA GLU B 51 -21.15 16.92 18.38
C GLU B 51 -22.00 16.72 17.15
N HIS B 52 -21.44 17.17 16.01
CA HIS B 52 -22.13 16.98 14.75
C HIS B 52 -21.14 16.75 13.60
N SER B 53 -21.71 16.24 12.51
CA SER B 53 -20.99 15.86 11.30
C SER B 53 -20.83 17.08 10.40
N ASP B 54 -20.02 16.92 9.34
CA ASP B 54 -19.70 17.97 8.39
C ASP B 54 -20.81 18.05 7.34
N LEU B 55 -21.29 19.26 7.08
CA LEU B 55 -22.42 19.50 6.20
C LEU B 55 -22.16 18.96 4.80
N SER B 56 -23.07 18.08 4.35
CA SER B 56 -23.02 17.40 3.09
C SER B 56 -24.43 17.41 2.51
N PHE B 57 -24.56 17.07 1.22
CA PHE B 57 -25.87 17.03 0.57
C PHE B 57 -26.05 15.84 -0.37
N SER B 58 -27.32 15.58 -0.66
CA SER B 58 -27.84 14.51 -1.51
C SER B 58 -27.84 14.88 -2.99
N LYS B 59 -28.29 13.96 -3.84
CA LYS B 59 -28.37 14.19 -5.28
C LYS B 59 -29.23 15.42 -5.56
N ASP B 60 -30.28 15.60 -4.74
CA ASP B 60 -31.28 16.63 -4.94
C ASP B 60 -30.85 17.97 -4.34
N TRP B 61 -29.61 18.06 -3.84
CA TRP B 61 -29.06 19.29 -3.27
C TRP B 61 -29.47 19.49 -1.81
N SER B 62 -30.43 18.71 -1.32
CA SER B 62 -30.96 18.88 0.04
C SER B 62 -29.89 18.37 1.01
N PHE B 63 -29.76 19.07 2.15
CA PHE B 63 -28.64 18.82 3.04
C PHE B 63 -28.96 17.70 4.04
N TYR B 64 -27.91 17.17 4.72
CA TYR B 64 -28.06 16.23 5.82
C TYR B 64 -26.96 16.42 6.86
N LEU B 65 -27.30 16.10 8.12
CA LEU B 65 -26.42 16.25 9.26
C LEU B 65 -26.80 15.24 10.35
N LEU B 66 -25.76 14.80 11.08
CA LEU B 66 -25.95 13.93 12.24
C LEU B 66 -25.41 14.65 13.49
N TYR B 67 -26.29 14.74 14.52
CA TYR B 67 -25.91 15.22 15.83
C TYR B 67 -25.96 14.05 16.78
N TYR B 68 -24.98 13.95 17.67
CA TYR B 68 -24.85 12.74 18.46
C TYR B 68 -24.20 13.07 19.80
N THR B 69 -24.41 12.23 20.80
CA THR B 69 -23.77 12.38 22.10
C THR B 69 -23.74 11.03 22.81
N GLU B 70 -22.70 10.82 23.65
CA GLU B 70 -22.64 9.64 24.50
C GLU B 70 -23.80 9.73 25.49
N PHE B 71 -24.43 8.59 25.78
CA PHE B 71 -25.41 8.60 26.86
C PHE B 71 -25.64 7.20 27.40
N THR B 72 -26.19 7.19 28.62
CA THR B 72 -26.63 5.97 29.23
C THR B 72 -28.11 6.06 29.53
N PRO B 73 -28.95 5.40 28.71
CA PRO B 73 -30.39 5.42 28.93
C PRO B 73 -30.73 4.72 30.25
N THR B 74 -31.88 5.11 30.81
CA THR B 74 -32.47 4.55 32.02
C THR B 74 -33.96 4.40 31.74
N GLU B 75 -34.73 3.71 32.57
CA GLU B 75 -36.15 3.61 32.28
C GLU B 75 -36.81 4.99 32.37
N LYS B 76 -36.23 5.87 33.19
CA LYS B 76 -36.91 7.07 33.66
C LYS B 76 -36.58 8.25 32.75
N ASP B 77 -35.33 8.35 32.31
CA ASP B 77 -34.86 9.51 31.59
C ASP B 77 -35.52 9.56 30.23
N GLU B 78 -35.95 10.75 29.81
CA GLU B 78 -36.62 10.96 28.53
C GLU B 78 -35.71 11.82 27.68
N TYR B 79 -35.63 11.46 26.39
CA TYR B 79 -34.66 12.09 25.52
C TYR B 79 -35.39 12.53 24.27
N ALA B 80 -35.03 13.70 23.74
CA ALA B 80 -35.63 14.09 22.48
C ALA B 80 -34.64 14.89 21.64
N CYS B 81 -35.12 15.30 20.47
CA CYS B 81 -34.36 16.17 19.58
C CYS B 81 -35.20 17.42 19.25
N ARG B 82 -34.59 18.59 19.47
CA ARG B 82 -35.20 19.84 19.07
C ARG B 82 -34.52 20.31 17.77
N VAL B 83 -35.38 20.56 16.77
CA VAL B 83 -34.95 21.07 15.49
C VAL B 83 -35.67 22.37 15.21
N ASN B 84 -34.91 23.39 14.77
CA ASN B 84 -35.51 24.55 14.15
C ASN B 84 -34.82 24.93 12.86
N HIS B 85 -35.59 25.48 11.93
CA HIS B 85 -35.14 25.82 10.59
C HIS B 85 -36.08 26.91 10.07
N VAL B 86 -35.63 27.67 9.09
CA VAL B 86 -36.43 28.74 8.54
C VAL B 86 -37.82 28.27 8.14
N THR B 87 -38.00 26.97 7.83
CA THR B 87 -39.25 26.47 7.31
C THR B 87 -40.23 26.15 8.46
N LEU B 88 -39.77 26.24 9.71
CA LEU B 88 -40.61 25.92 10.85
C LEU B 88 -40.97 27.21 11.59
N SER B 89 -42.29 27.44 11.78
CA SER B 89 -42.85 28.45 12.70
C SER B 89 -42.36 28.24 14.12
N GLN B 90 -42.22 26.98 14.50
CA GLN B 90 -41.94 26.64 15.87
C GLN B 90 -41.04 25.41 15.96
N PRO B 91 -40.16 25.34 16.98
CA PRO B 91 -39.25 24.19 17.10
C PRO B 91 -40.04 22.90 16.92
N LYS B 92 -39.49 21.97 16.13
CA LYS B 92 -40.02 20.63 16.12
C LYS B 92 -39.19 19.83 17.13
N ILE B 93 -39.92 19.19 18.03
CA ILE B 93 -39.30 18.38 19.06
C ILE B 93 -39.74 16.96 18.82
N VAL B 94 -38.78 16.04 18.77
CA VAL B 94 -39.10 14.67 18.44
C VAL B 94 -38.51 13.79 19.54
N LYS B 95 -39.38 12.97 20.12
CA LYS B 95 -39.01 12.17 21.27
C LYS B 95 -38.23 10.96 20.82
N TRP B 96 -37.21 10.59 21.59
CA TRP B 96 -36.55 9.32 21.35
C TRP B 96 -37.46 8.18 21.79
N ASP B 97 -37.84 7.32 20.86
CA ASP B 97 -38.44 6.03 21.15
C ASP B 97 -37.47 4.91 20.74
N ARG B 98 -37.11 4.09 21.73
CA ARG B 98 -35.99 3.17 21.61
C ARG B 98 -36.33 2.00 20.71
N ASP B 99 -37.60 1.86 20.32
CA ASP B 99 -38.01 0.75 19.49
C ASP B 99 -38.05 1.19 18.03
N MET B 100 -37.46 2.35 17.71
CA MET B 100 -37.64 2.88 16.37
C MET B 100 -36.36 3.53 15.85
N ILE C 1 -8.11 14.20 -3.92
CA ILE C 1 -7.67 15.58 -3.62
C ILE C 1 -8.68 16.51 -4.27
N LEU C 2 -8.77 17.72 -3.76
CA LEU C 2 -9.63 18.70 -4.35
C LEU C 2 -9.21 19.00 -5.80
N ASN C 3 -10.23 19.32 -6.57
CA ASN C 3 -10.08 19.84 -7.91
C ASN C 3 -9.25 21.12 -7.97
N PRO C 4 -8.10 21.14 -8.69
CA PRO C 4 -7.32 22.37 -8.87
C PRO C 4 -7.98 23.39 -9.79
N PHE C 5 -9.08 23.01 -10.45
CA PHE C 5 -9.54 23.82 -11.56
C PHE C 5 -10.93 24.37 -11.22
N LEU C 6 -11.01 25.69 -11.11
CA LEU C 6 -12.16 26.30 -10.50
C LEU C 6 -12.87 27.18 -11.51
N PRO C 7 -14.06 26.79 -11.94
CA PRO C 7 -14.84 27.62 -12.83
C PRO C 7 -15.25 28.95 -12.21
N LEU C 8 -15.15 29.99 -13.05
CA LEU C 8 -15.68 31.32 -12.84
C LEU C 8 -17.02 31.42 -13.52
N LEU C 9 -18.07 31.56 -12.75
CA LEU C 9 -19.40 31.58 -13.30
C LEU C 9 -19.72 32.97 -13.84
N LYS D 3 17.21 22.54 -12.45
CA LYS D 3 15.90 23.23 -12.30
C LYS D 3 14.72 22.25 -12.26
N GLU D 4 13.58 22.75 -11.80
CA GLU D 4 12.36 21.96 -11.79
C GLU D 4 11.90 21.67 -13.22
N VAL D 5 11.90 22.68 -14.08
CA VAL D 5 11.52 22.51 -15.48
C VAL D 5 12.80 22.61 -16.33
N GLU D 6 13.14 21.50 -17.02
CA GLU D 6 14.35 21.41 -17.83
C GLU D 6 14.01 21.47 -19.33
N GLN D 7 14.59 22.46 -20.02
CA GLN D 7 14.66 22.54 -21.47
C GLN D 7 16.13 22.73 -21.86
N ASN D 8 16.63 22.14 -22.96
CA ASN D 8 17.95 22.50 -23.45
C ASN D 8 17.89 23.92 -24.03
N SER D 9 18.88 24.75 -23.70
CA SER D 9 18.87 26.15 -24.13
C SER D 9 19.21 26.29 -25.60
N GLY D 10 19.99 25.32 -26.10
CA GLY D 10 20.30 25.28 -27.52
C GLY D 10 21.41 26.28 -27.81
N PRO D 11 21.29 27.15 -28.83
CA PRO D 11 20.15 27.15 -29.74
C PRO D 11 20.10 25.96 -30.68
N LEU D 12 18.92 25.77 -31.30
CA LEU D 12 18.67 24.71 -32.26
C LEU D 12 18.40 25.36 -33.62
N SER D 13 18.92 24.71 -34.66
CA SER D 13 18.59 25.04 -36.03
C SER D 13 17.55 24.07 -36.55
N VAL D 14 16.70 24.59 -37.40
CA VAL D 14 15.90 23.75 -38.25
C VAL D 14 15.94 24.41 -39.63
N PRO D 15 16.08 23.63 -40.72
CA PRO D 15 15.95 24.18 -42.05
C PRO D 15 14.52 24.67 -42.20
N GLU D 16 14.35 25.77 -42.92
CA GLU D 16 13.05 26.30 -43.25
C GLU D 16 12.28 25.24 -44.04
N GLY D 17 11.00 25.03 -43.70
CA GLY D 17 10.21 23.99 -44.32
C GLY D 17 10.26 22.67 -43.57
N ALA D 18 11.33 22.44 -42.82
CA ALA D 18 11.46 21.19 -42.07
C ALA D 18 10.66 21.22 -40.74
N ILE D 19 10.65 20.12 -40.01
CA ILE D 19 9.92 20.00 -38.76
C ILE D 19 10.82 20.33 -37.59
N ALA D 20 10.33 21.19 -36.68
CA ALA D 20 11.07 21.46 -35.44
C ALA D 20 10.47 20.62 -34.32
N SER D 21 11.31 20.05 -33.44
CA SER D 21 10.81 19.39 -32.23
C SER D 21 11.47 19.98 -30.98
N LEU D 22 10.66 20.28 -29.96
CA LEU D 22 11.15 20.86 -28.73
C LEU D 22 10.69 19.98 -27.58
N ASN D 23 11.52 19.81 -26.55
CA ASN D 23 11.13 18.93 -25.47
C ASN D 23 11.37 19.63 -24.14
N CYS D 24 10.61 19.14 -23.17
CA CYS D 24 10.54 19.72 -21.83
C CYS D 24 10.28 18.59 -20.83
N THR D 25 11.14 18.51 -19.79
CA THR D 25 10.86 17.61 -18.68
C THR D 25 10.68 18.38 -17.38
N TYR D 26 9.94 17.77 -16.44
CA TYR D 26 9.64 18.38 -15.15
C TYR D 26 9.72 17.32 -14.06
N SER D 27 10.13 17.74 -12.87
CA SER D 27 10.52 16.79 -11.85
C SER D 27 9.34 16.35 -10.99
N ASP D 28 8.22 17.10 -10.92
CA ASP D 28 7.21 16.85 -9.91
C ASP D 28 5.95 16.25 -10.52
N ARG D 29 5.68 14.99 -10.14
CA ARG D 29 4.51 14.25 -10.61
C ARG D 29 3.20 14.98 -10.31
N GLY D 30 3.24 15.95 -9.38
CA GLY D 30 2.04 16.63 -8.98
C GLY D 30 1.70 17.81 -9.87
N SER D 31 2.44 17.96 -11.00
CA SER D 31 2.14 19.00 -11.97
C SER D 31 0.88 18.63 -12.75
N VAL D 32 0.03 19.61 -13.11
CA VAL D 32 -1.28 19.33 -13.69
C VAL D 32 -1.65 20.25 -14.85
N SER D 33 -0.81 21.23 -15.15
CA SER D 33 -1.03 22.11 -16.29
C SER D 33 0.28 22.29 -17.04
N PHE D 34 0.23 22.43 -18.37
CA PHE D 34 1.44 22.51 -19.17
C PHE D 34 1.25 23.52 -20.27
N PHE D 35 2.27 24.35 -20.50
CA PHE D 35 2.17 25.44 -21.46
C PHE D 35 3.42 25.56 -22.31
N TRP D 36 3.21 25.95 -23.57
CA TRP D 36 4.27 26.39 -24.48
C TRP D 36 4.03 27.85 -24.81
N TYR D 37 4.99 28.67 -24.41
CA TYR D 37 4.96 30.08 -24.76
C TYR D 37 6.09 30.34 -25.76
N ARG D 38 5.87 31.37 -26.57
CA ARG D 38 6.87 31.84 -27.50
C ARG D 38 7.28 33.28 -27.15
N GLN D 39 8.58 33.54 -27.22
CA GLN D 39 9.05 34.88 -26.95
C GLN D 39 9.97 35.35 -28.07
N TYR D 40 9.61 36.45 -28.73
CA TYR D 40 10.50 37.14 -29.64
C TYR D 40 11.31 38.14 -28.86
N SER D 41 12.57 38.29 -29.26
CA SER D 41 13.61 38.78 -28.36
C SER D 41 13.16 40.06 -27.68
N GLY D 42 13.34 40.10 -26.34
CA GLY D 42 12.91 41.21 -25.51
C GLY D 42 11.46 41.60 -25.74
N LYS D 43 10.56 40.63 -25.61
CA LYS D 43 9.13 40.89 -25.74
C LYS D 43 8.41 39.95 -24.78
N SER D 44 7.10 40.14 -24.62
CA SER D 44 6.40 39.32 -23.64
C SER D 44 6.00 37.98 -24.23
N PRO D 45 5.97 36.93 -23.38
CA PRO D 45 5.70 35.59 -23.86
C PRO D 45 4.27 35.55 -24.36
N GLU D 46 4.07 34.88 -25.48
CA GLU D 46 2.77 34.80 -26.10
C GLU D 46 2.48 33.32 -26.10
N LEU D 47 1.22 32.96 -25.77
CA LEU D 47 0.91 31.58 -25.54
C LEU D 47 0.71 30.88 -26.88
N ILE D 48 1.37 29.74 -27.08
CA ILE D 48 1.17 28.95 -28.29
C ILE D 48 0.14 27.90 -28.00
N MET D 49 0.35 27.13 -26.94
CA MET D 49 -0.55 26.03 -26.68
C MET D 49 -0.49 25.67 -25.21
N SER D 50 -1.65 25.24 -24.72
CA SER D 50 -1.87 24.80 -23.37
C SER D 50 -2.22 23.33 -23.48
N ILE D 51 -1.82 22.50 -22.51
CA ILE D 51 -2.27 21.13 -22.56
C ILE D 51 -2.36 20.58 -21.15
N TYR D 52 -3.42 19.78 -20.92
CA TYR D 52 -3.81 19.25 -19.61
C TYR D 52 -4.10 17.73 -19.67
N LEU D 53 -4.64 17.19 -20.76
CA LEU D 53 -4.82 15.75 -20.89
C LEU D 53 -3.64 15.09 -21.58
N ASN D 54 -3.24 13.92 -21.09
CA ASN D 54 -2.28 13.08 -21.77
C ASN D 54 -2.67 12.83 -23.22
N GLY D 55 -1.64 12.89 -24.07
CA GLY D 55 -1.80 12.57 -25.47
C GLY D 55 -1.40 13.76 -26.32
N LEU D 56 -2.17 14.02 -27.36
CA LEU D 56 -1.76 14.95 -28.39
C LEU D 56 -2.76 16.08 -28.43
N LYS D 57 -2.29 17.25 -28.83
CA LYS D 57 -3.19 18.34 -29.06
C LYS D 57 -2.64 19.13 -30.23
N GLU D 58 -3.54 19.47 -31.17
CA GLU D 58 -3.13 19.98 -32.47
C GLU D 58 -3.75 21.34 -32.69
N ASP D 59 -2.98 22.26 -33.26
CA ASP D 59 -3.52 23.56 -33.60
C ASP D 59 -2.67 24.12 -34.72
N GLY D 60 -3.19 24.00 -35.94
CA GLY D 60 -2.49 24.48 -37.12
C GLY D 60 -1.22 23.68 -37.30
N ARG D 61 -0.09 24.39 -37.36
CA ARG D 61 1.20 23.77 -37.61
C ARG D 61 1.76 23.18 -36.32
N PHE D 62 1.06 23.39 -35.19
CA PHE D 62 1.59 23.07 -33.88
C PHE D 62 0.91 21.83 -33.35
N THR D 63 1.72 20.93 -32.80
CA THR D 63 1.23 19.77 -32.10
C THR D 63 1.94 19.69 -30.77
N ALA D 64 1.19 19.48 -29.68
CA ALA D 64 1.82 19.27 -28.39
C ALA D 64 1.50 17.87 -27.96
N GLN D 65 2.48 17.22 -27.34
CA GLN D 65 2.31 15.92 -26.73
C GLN D 65 2.62 16.05 -25.25
N LEU D 66 1.73 15.51 -24.42
CA LEU D 66 1.91 15.44 -22.98
C LEU D 66 1.99 13.98 -22.55
N ASN D 67 2.99 13.61 -21.75
CA ASN D 67 2.95 12.30 -21.12
C ASN D 67 3.30 12.41 -19.62
N LYS D 68 2.29 12.32 -18.76
CA LYS D 68 2.48 12.60 -17.34
C LYS D 68 3.21 11.45 -16.64
N ALA D 69 3.09 10.23 -17.11
CA ALA D 69 3.83 9.10 -16.55
C ALA D 69 5.33 9.30 -16.77
N SER D 70 5.73 9.94 -17.87
CA SER D 70 7.15 10.09 -18.16
C SER D 70 7.64 11.48 -17.85
N GLN D 71 6.68 12.35 -17.54
CA GLN D 71 6.96 13.71 -17.09
C GLN D 71 7.74 14.45 -18.18
N TYR D 72 7.17 14.51 -19.38
CA TYR D 72 7.65 15.39 -20.43
C TYR D 72 6.47 15.96 -21.19
N VAL D 73 6.70 17.14 -21.75
CA VAL D 73 5.81 17.70 -22.75
C VAL D 73 6.70 17.98 -23.94
N SER D 74 6.12 17.91 -25.13
CA SER D 74 6.87 18.36 -26.28
C SER D 74 6.02 19.23 -27.19
N LEU D 75 6.71 20.00 -28.03
CA LEU D 75 6.09 20.75 -29.10
C LEU D 75 6.71 20.36 -30.44
N LEU D 76 5.85 20.18 -31.42
CA LEU D 76 6.26 19.90 -32.79
C LEU D 76 5.74 21.02 -33.68
N ILE D 77 6.65 21.60 -34.48
CA ILE D 77 6.29 22.63 -35.46
C ILE D 77 6.48 22.09 -36.90
N ARG D 78 5.37 21.94 -37.64
CA ARG D 78 5.41 21.62 -39.06
C ARG D 78 5.78 22.86 -39.89
N ASP D 79 6.62 22.64 -40.90
CA ASP D 79 6.73 23.55 -42.04
C ASP D 79 7.23 24.90 -41.52
N SER D 80 8.43 24.81 -40.91
CA SER D 80 9.05 25.87 -40.15
C SER D 80 9.26 27.08 -41.01
N GLN D 81 8.93 28.23 -40.43
CA GLN D 81 9.00 29.51 -41.11
C GLN D 81 9.93 30.43 -40.34
N PRO D 82 10.44 31.47 -41.03
CA PRO D 82 11.26 32.48 -40.38
C PRO D 82 10.64 33.03 -39.10
N SER D 83 9.32 33.19 -39.09
CA SER D 83 8.63 33.82 -37.97
C SER D 83 8.58 32.89 -36.76
N ASP D 84 8.90 31.61 -36.95
CA ASP D 84 9.03 30.63 -35.87
C ASP D 84 10.38 30.76 -35.15
N SER D 85 11.26 31.67 -35.60
CA SER D 85 12.48 31.91 -34.86
C SER D 85 12.16 32.67 -33.58
N ALA D 86 12.53 32.12 -32.44
CA ALA D 86 12.09 32.60 -31.15
C ALA D 86 12.65 31.74 -30.03
N THR D 87 12.40 32.20 -28.80
CA THR D 87 12.59 31.41 -27.59
C THR D 87 11.26 30.74 -27.25
N TYR D 88 11.32 29.42 -27.11
CA TYR D 88 10.15 28.62 -26.77
C TYR D 88 10.26 28.28 -25.28
N LEU D 89 9.25 28.70 -24.52
CA LEU D 89 9.29 28.58 -23.06
C LEU D 89 8.27 27.55 -22.65
N CYS D 90 8.74 26.57 -21.88
CA CYS D 90 7.90 25.55 -21.29
C CYS D 90 7.52 25.97 -19.86
N ALA D 91 6.25 25.83 -19.53
CA ALA D 91 5.82 26.18 -18.18
C ALA D 91 4.91 25.07 -17.67
N VAL D 92 5.04 24.75 -16.37
CA VAL D 92 4.12 23.82 -15.72
C VAL D 92 3.43 24.49 -14.52
N GLY D 93 2.20 24.04 -14.25
CA GLY D 93 1.50 24.33 -13.00
C GLY D 93 1.75 23.22 -11.97
N ASN D 94 2.60 23.49 -10.96
CA ASN D 94 2.93 22.50 -9.96
C ASN D 94 1.96 22.63 -8.80
N HIS D 95 1.04 21.66 -8.69
CA HIS D 95 -0.11 21.78 -7.79
C HIS D 95 0.31 21.41 -6.37
N ASN D 96 1.44 20.69 -6.26
CA ASN D 96 2.04 20.37 -4.98
C ASN D 96 2.66 21.61 -4.35
N THR D 97 3.18 22.57 -5.13
CA THR D 97 3.89 23.67 -4.49
C THR D 97 3.06 24.93 -4.57
N GLY D 98 2.27 25.11 -5.63
CA GLY D 98 1.25 26.14 -5.66
C GLY D 98 1.72 27.46 -6.26
N ASN D 99 2.98 27.53 -6.69
CA ASN D 99 3.56 28.83 -7.05
C ASN D 99 3.27 29.22 -8.49
N MET D 100 2.04 29.63 -8.73
CA MET D 100 1.63 30.03 -10.06
C MET D 100 2.30 29.10 -11.08
N LEU D 101 2.80 29.63 -12.22
CA LEU D 101 3.43 28.80 -13.25
C LEU D 101 4.94 28.82 -13.11
N THR D 102 5.53 27.65 -13.22
CA THR D 102 6.98 27.48 -13.18
C THR D 102 7.51 27.29 -14.61
N PHE D 103 8.53 28.09 -14.97
CA PHE D 103 9.05 28.18 -16.31
C PHE D 103 10.41 27.49 -16.41
N GLY D 104 10.68 26.86 -17.55
CA GLY D 104 12.03 26.38 -17.84
C GLY D 104 12.87 27.54 -18.35
N GLY D 105 14.17 27.27 -18.51
CA GLY D 105 15.12 28.24 -19.03
C GLY D 105 14.94 28.62 -20.50
N GLY D 106 14.06 27.94 -21.25
CA GLY D 106 13.74 28.33 -22.62
C GLY D 106 14.64 27.67 -23.65
N THR D 107 14.09 27.37 -24.82
CA THR D 107 14.92 26.84 -25.90
C THR D 107 14.85 27.82 -27.05
N ARG D 108 16.02 28.25 -27.53
CA ARG D 108 16.09 29.23 -28.59
C ARG D 108 16.19 28.48 -29.93
N LEU D 109 15.28 28.77 -30.86
CA LEU D 109 15.17 28.06 -32.14
C LEU D 109 15.45 29.04 -33.28
N MET D 110 16.31 28.64 -34.22
CA MET D 110 16.66 29.44 -35.40
C MET D 110 16.24 28.67 -36.64
N VAL D 111 15.25 29.18 -37.38
CA VAL D 111 14.87 28.61 -38.66
C VAL D 111 15.83 29.14 -39.73
N LYS D 112 16.59 28.27 -40.37
CA LYS D 112 17.64 28.72 -41.28
C LYS D 112 17.18 28.50 -42.72
N PRO D 113 17.13 29.56 -43.53
CA PRO D 113 16.75 29.43 -44.94
C PRO D 113 17.94 29.01 -45.79
N HIS D 114 17.67 28.36 -46.91
CA HIS D 114 18.70 27.94 -47.84
C HIS D 114 19.11 29.15 -48.67
N ILE D 115 20.39 29.50 -48.58
CA ILE D 115 20.94 30.48 -49.51
C ILE D 115 21.12 29.82 -50.89
N GLN D 116 20.43 30.33 -51.92
CA GLN D 116 20.36 29.70 -53.26
C GLN D 116 21.70 29.74 -53.96
N ASN D 117 22.39 30.89 -53.96
CA ASN D 117 23.66 31.01 -54.67
C ASN D 117 24.70 31.70 -53.80
N PRO D 118 25.32 30.96 -52.85
CA PRO D 118 26.25 31.54 -51.91
C PRO D 118 27.49 32.10 -52.62
N ASP D 119 27.89 33.30 -52.23
CA ASP D 119 29.03 33.99 -52.81
C ASP D 119 29.70 34.79 -51.69
N PRO D 120 30.33 34.09 -50.74
CA PRO D 120 30.97 34.73 -49.60
C PRO D 120 31.81 35.92 -50.08
N ALA D 121 31.53 37.15 -49.61
CA ALA D 121 32.33 38.32 -49.98
C ALA D 121 32.42 39.33 -48.83
N VAL D 122 33.52 40.10 -48.79
CA VAL D 122 33.71 41.17 -47.81
C VAL D 122 33.78 42.50 -48.56
N TYR D 123 32.90 43.45 -48.23
CA TYR D 123 32.92 44.76 -48.85
C TYR D 123 33.33 45.79 -47.81
N GLN D 124 33.53 47.04 -48.25
CA GLN D 124 33.91 48.09 -47.33
C GLN D 124 33.12 49.35 -47.65
N LEU D 125 32.65 50.02 -46.58
CA LEU D 125 31.63 51.06 -46.70
C LEU D 125 32.14 52.38 -46.10
N ARG D 126 31.96 53.49 -46.83
CA ARG D 126 32.40 54.79 -46.37
C ARG D 126 31.24 55.51 -45.71
N ASP D 127 31.58 56.34 -44.71
CA ASP D 127 30.60 57.08 -43.93
C ASP D 127 29.88 58.09 -44.84
N SER D 128 28.56 58.23 -44.67
CA SER D 128 27.77 59.20 -45.41
C SER D 128 28.16 60.65 -45.07
N LYS D 129 28.78 60.87 -43.89
CA LYS D 129 29.42 62.14 -43.55
C LYS D 129 30.94 62.00 -43.58
N SER D 130 31.63 63.14 -43.71
CA SER D 130 32.97 63.18 -44.28
C SER D 130 33.98 62.40 -43.42
N SER D 131 33.47 61.64 -42.44
CA SER D 131 34.23 61.30 -41.26
C SER D 131 35.46 60.45 -41.61
N ASP D 132 35.44 59.87 -42.82
CA ASP D 132 36.49 58.97 -43.28
C ASP D 132 36.40 57.64 -42.54
N LYS D 133 35.32 57.45 -41.76
CA LYS D 133 35.13 56.21 -41.02
C LYS D 133 34.53 55.18 -41.96
N SER D 134 34.65 53.92 -41.56
CA SER D 134 34.15 52.84 -42.39
C SER D 134 33.86 51.58 -41.56
N VAL D 135 32.94 50.77 -42.08
CA VAL D 135 32.60 49.46 -41.55
C VAL D 135 32.95 48.42 -42.61
N CYS D 136 33.18 47.17 -42.18
CA CYS D 136 33.34 46.04 -43.08
C CYS D 136 32.07 45.18 -43.10
N LEU D 137 31.65 44.73 -44.29
CA LEU D 137 30.44 43.94 -44.44
C LEU D 137 30.78 42.56 -44.98
N PHE D 138 30.64 41.52 -44.15
CA PHE D 138 30.71 40.15 -44.60
C PHE D 138 29.30 39.70 -45.00
N THR D 139 29.08 39.34 -46.29
CA THR D 139 27.74 39.05 -46.78
C THR D 139 27.73 37.87 -47.75
N ASP D 140 26.49 37.37 -48.00
CA ASP D 140 26.15 36.45 -49.06
C ASP D 140 26.75 35.07 -48.83
N PHE D 141 27.13 34.76 -47.59
CA PHE D 141 27.53 33.40 -47.20
C PHE D 141 26.29 32.56 -46.89
N ASP D 142 26.53 31.24 -46.79
CA ASP D 142 25.51 30.22 -46.56
C ASP D 142 25.16 30.15 -45.07
N SER D 143 24.07 29.46 -44.74
CA SER D 143 23.54 29.48 -43.38
C SER D 143 24.33 28.56 -42.43
N GLN D 144 25.32 27.83 -42.95
CA GLN D 144 26.13 26.95 -42.14
C GLN D 144 27.44 27.61 -41.76
N THR D 145 27.69 28.78 -42.31
CA THR D 145 28.87 29.58 -42.00
C THR D 145 28.64 30.40 -40.73
N ASN D 146 29.53 30.20 -39.76
CA ASN D 146 29.41 30.93 -38.50
C ASN D 146 30.52 31.97 -38.53
N VAL D 147 30.32 33.07 -37.82
CA VAL D 147 31.16 34.24 -37.91
C VAL D 147 31.88 34.43 -36.59
N SER D 148 33.21 34.28 -36.59
CA SER D 148 33.96 34.19 -35.34
C SER D 148 34.02 35.55 -34.65
N GLN D 149 34.20 35.49 -33.32
CA GLN D 149 34.14 36.68 -32.48
C GLN D 149 35.52 37.34 -32.48
N SER D 150 35.53 38.64 -32.18
CA SER D 150 36.72 39.46 -32.24
C SER D 150 37.80 38.89 -31.31
N LYS D 151 39.03 38.75 -31.80
CA LYS D 151 40.17 38.36 -30.98
C LYS D 151 40.97 39.58 -30.54
N ASP D 152 40.66 40.74 -31.12
CA ASP D 152 41.33 41.99 -30.85
C ASP D 152 40.34 42.87 -30.08
N SER D 153 40.83 43.51 -29.00
CA SER D 153 39.99 44.33 -28.15
C SER D 153 39.61 45.62 -28.87
N ASP D 154 40.33 45.96 -29.94
CA ASP D 154 40.06 47.19 -30.66
C ASP D 154 39.19 46.93 -31.89
N VAL D 155 38.92 45.65 -32.21
CA VAL D 155 38.10 45.33 -33.36
C VAL D 155 36.76 44.75 -32.92
N TYR D 156 35.67 45.25 -33.52
CA TYR D 156 34.33 44.79 -33.21
C TYR D 156 33.73 44.01 -34.37
N ILE D 157 33.17 42.83 -34.06
CA ILE D 157 32.48 41.99 -35.02
C ILE D 157 31.12 41.57 -34.45
N THR D 158 30.07 41.79 -35.23
CA THR D 158 28.73 41.44 -34.80
C THR D 158 28.48 39.97 -35.05
N ASP D 159 27.35 39.50 -34.52
CA ASP D 159 26.77 38.23 -34.91
C ASP D 159 26.25 38.35 -36.35
N LYS D 160 25.86 37.23 -36.95
CA LYS D 160 25.22 37.18 -38.26
C LYS D 160 23.72 37.45 -38.13
N CYS D 161 23.12 38.13 -39.12
CA CYS D 161 21.67 38.21 -39.19
C CYS D 161 21.25 38.05 -40.66
N VAL D 162 20.00 37.62 -40.90
CA VAL D 162 19.48 37.34 -42.23
C VAL D 162 18.38 38.35 -42.55
N LEU D 163 18.46 38.99 -43.72
CA LEU D 163 17.42 39.90 -44.21
C LEU D 163 16.72 39.25 -45.41
N ASP D 164 15.49 39.71 -45.64
CA ASP D 164 14.63 39.17 -46.67
C ASP D 164 14.10 40.33 -47.53
N MET D 165 14.60 40.39 -48.77
CA MET D 165 14.10 41.28 -49.79
C MET D 165 12.83 40.67 -50.40
N ARG D 166 11.68 40.89 -49.75
CA ARG D 166 10.47 40.13 -49.99
C ARG D 166 10.10 40.06 -51.47
N SER D 167 10.02 41.23 -52.12
CA SER D 167 9.59 41.36 -53.52
C SER D 167 10.57 40.73 -54.52
N MET D 168 11.78 40.45 -54.09
CA MET D 168 12.84 39.85 -54.87
C MET D 168 12.91 38.35 -54.56
N ASP D 169 12.19 37.90 -53.52
CA ASP D 169 12.22 36.50 -53.10
C ASP D 169 13.67 36.09 -52.86
N PHE D 170 14.35 36.82 -51.96
CA PHE D 170 15.80 36.72 -51.85
C PHE D 170 16.25 36.95 -50.41
N LYS D 171 17.11 36.03 -49.92
CA LYS D 171 17.65 36.11 -48.56
C LYS D 171 19.17 36.11 -48.56
N SER D 172 19.74 37.02 -47.77
CA SER D 172 21.17 37.19 -47.61
C SER D 172 21.47 37.14 -46.12
N ASN D 173 22.60 36.55 -45.78
CA ASN D 173 23.21 36.68 -44.47
C ASN D 173 24.24 37.81 -44.48
N SER D 174 24.58 38.35 -43.30
CA SER D 174 25.35 39.57 -43.12
C SER D 174 25.97 39.59 -41.72
N ALA D 175 27.20 40.08 -41.61
CA ALA D 175 27.80 40.43 -40.33
C ALA D 175 28.60 41.72 -40.57
N VAL D 176 28.76 42.56 -39.54
CA VAL D 176 29.43 43.84 -39.70
C VAL D 176 30.66 43.84 -38.80
N ALA D 177 31.71 44.56 -39.22
CA ALA D 177 32.93 44.68 -38.44
C ALA D 177 33.49 46.09 -38.60
N TRP D 178 34.08 46.61 -37.52
CA TRP D 178 34.64 47.95 -37.55
C TRP D 178 35.72 48.10 -36.47
N SER D 179 36.63 49.08 -36.67
CA SER D 179 37.73 49.38 -35.76
C SER D 179 38.06 50.88 -35.73
N ASN D 180 38.77 51.32 -34.67
CA ASN D 180 39.24 52.69 -34.56
C ASN D 180 40.63 52.84 -35.15
N LYS D 181 41.50 51.88 -34.85
CA LYS D 181 42.79 51.73 -35.51
C LYS D 181 42.66 52.01 -37.02
N SER D 182 43.62 52.75 -37.57
CA SER D 182 43.74 52.94 -39.00
C SER D 182 44.52 51.78 -39.62
N ASP D 183 45.24 51.06 -38.75
CA ASP D 183 45.80 49.74 -39.03
C ASP D 183 44.80 48.85 -39.80
N PHE D 184 43.49 49.18 -39.74
CA PHE D 184 42.41 48.21 -39.95
C PHE D 184 42.07 48.02 -41.42
N ALA D 185 42.33 46.81 -41.92
CA ALA D 185 41.94 46.43 -43.26
C ALA D 185 40.72 45.52 -43.19
N CYS D 186 39.73 45.78 -44.06
CA CYS D 186 38.56 44.92 -44.17
C CYS D 186 38.95 43.55 -44.72
N ALA D 187 39.93 43.56 -45.63
CA ALA D 187 40.25 42.40 -46.43
C ALA D 187 40.36 41.13 -45.57
N ASN D 188 40.92 41.24 -44.36
CA ASN D 188 41.16 40.07 -43.52
C ASN D 188 40.45 40.20 -42.17
N ALA D 189 39.44 41.07 -42.11
CA ALA D 189 38.72 41.33 -40.87
C ALA D 189 38.07 40.06 -40.32
N PHE D 190 37.48 39.23 -41.19
CA PHE D 190 36.55 38.18 -40.76
C PHE D 190 37.20 36.80 -40.80
N ASN D 191 38.20 36.59 -39.93
CA ASN D 191 38.91 35.31 -39.85
C ASN D 191 38.77 34.76 -38.43
N GLY E 4 -5.03 43.19 -22.25
CA GLY E 4 -5.87 43.40 -21.05
C GLY E 4 -5.05 43.65 -19.78
N VAL E 5 -3.72 43.63 -19.89
CA VAL E 5 -2.83 43.85 -18.76
C VAL E 5 -1.89 45.00 -19.13
N THR E 6 -2.08 46.10 -18.41
CA THR E 6 -1.31 47.31 -18.64
C THR E 6 -0.22 47.35 -17.61
N GLN E 7 1.02 47.40 -18.09
CA GLN E 7 2.19 47.43 -17.23
C GLN E 7 3.03 48.63 -17.66
N THR E 8 3.54 49.37 -16.68
CA THR E 8 4.34 50.57 -16.94
C THR E 8 5.42 50.64 -15.86
N PRO E 9 6.56 51.29 -16.12
CA PRO E 9 6.91 51.80 -17.45
C PRO E 9 7.49 50.72 -18.36
N LYS E 10 7.63 51.04 -19.64
CA LYS E 10 8.19 50.12 -20.59
C LYS E 10 9.70 50.01 -20.37
N PHE E 11 10.37 51.15 -20.17
CA PHE E 11 11.80 51.17 -19.85
C PHE E 11 12.02 52.03 -18.61
N GLN E 12 13.19 51.87 -17.99
CA GLN E 12 13.49 52.62 -16.79
C GLN E 12 14.95 52.45 -16.38
N VAL E 13 15.62 53.57 -16.05
CA VAL E 13 16.97 53.47 -15.47
C VAL E 13 16.93 53.95 -14.02
N LEU E 14 17.73 53.30 -13.16
CA LEU E 14 17.77 53.59 -11.74
C LEU E 14 19.21 53.61 -11.28
N LYS E 15 19.47 54.49 -10.31
CA LYS E 15 20.76 54.56 -9.65
C LYS E 15 20.75 53.57 -8.49
N THR E 16 21.87 52.84 -8.30
CA THR E 16 22.01 52.00 -7.14
C THR E 16 21.46 52.72 -5.92
N GLY E 17 20.43 52.13 -5.29
CA GLY E 17 19.95 52.55 -3.98
C GLY E 17 18.60 53.25 -4.06
N GLN E 18 18.21 53.71 -5.26
CA GLN E 18 16.90 54.32 -5.43
C GLN E 18 15.81 53.26 -5.24
N SER E 19 14.59 53.74 -5.00
CA SER E 19 13.43 52.86 -5.02
C SER E 19 12.57 53.26 -6.22
N MET E 20 11.66 52.38 -6.64
CA MET E 20 10.58 52.76 -7.54
C MET E 20 9.50 51.71 -7.48
N THR E 21 8.39 52.06 -8.13
CA THR E 21 7.24 51.18 -8.24
C THR E 21 6.94 50.90 -9.70
N LEU E 22 6.77 49.62 -10.04
CA LEU E 22 6.29 49.20 -11.35
C LEU E 22 4.78 48.98 -11.23
N GLN E 23 4.03 49.59 -12.14
CA GLN E 23 2.59 49.47 -12.14
C GLN E 23 2.15 48.27 -12.98
N CYS E 24 1.08 47.65 -12.50
CA CYS E 24 0.35 46.64 -13.23
C CYS E 24 -1.14 46.73 -12.93
N ALA E 25 -1.93 46.86 -14.02
CA ALA E 25 -3.37 46.88 -13.94
C ALA E 25 -3.92 45.79 -14.86
N GLN E 26 -4.99 45.12 -14.42
CA GLN E 26 -5.76 44.21 -15.26
C GLN E 26 -7.22 44.65 -15.34
N ASP E 27 -7.84 44.42 -16.50
CA ASP E 27 -9.26 44.74 -16.69
C ASP E 27 -10.14 43.53 -16.41
N MET E 28 -9.56 42.33 -16.22
CA MET E 28 -10.36 41.12 -16.37
C MET E 28 -10.98 40.70 -15.04
N ASN E 29 -10.51 41.33 -13.96
CA ASN E 29 -11.03 41.09 -12.62
C ASN E 29 -10.69 39.68 -12.11
N TYR E 30 -9.59 39.10 -12.58
CA TYR E 30 -9.20 37.78 -12.10
C TYR E 30 -8.65 37.90 -10.69
N GLU E 31 -8.75 36.82 -9.92
CA GLU E 31 -8.25 36.82 -8.55
C GLU E 31 -6.73 36.86 -8.47
N TYR E 32 -6.02 36.21 -9.42
CA TYR E 32 -4.58 35.96 -9.29
C TYR E 32 -3.77 36.94 -10.15
N MET E 33 -2.73 37.54 -9.54
CA MET E 33 -1.79 38.37 -10.27
C MET E 33 -0.37 37.97 -9.86
N SER E 34 0.64 38.23 -10.72
CA SER E 34 2.01 37.78 -10.44
C SER E 34 3.04 38.75 -11.02
N TRP E 35 4.29 38.64 -10.51
CA TRP E 35 5.47 39.33 -11.01
C TRP E 35 6.55 38.31 -11.28
N TYR E 36 7.08 38.34 -12.51
CA TYR E 36 8.21 37.49 -12.87
C TYR E 36 9.34 38.40 -13.33
N ARG E 37 10.58 37.92 -13.23
CA ARG E 37 11.64 38.58 -13.92
C ARG E 37 12.41 37.57 -14.76
N GLN E 38 13.12 38.09 -15.78
CA GLN E 38 13.88 37.30 -16.74
C GLN E 38 15.20 38.02 -17.04
N ASP E 39 16.32 37.34 -16.79
CA ASP E 39 17.63 37.86 -17.15
C ASP E 39 17.96 37.38 -18.55
N PRO E 40 18.95 37.95 -19.26
CA PRO E 40 19.05 37.72 -20.71
C PRO E 40 19.44 36.29 -21.04
N GLY E 41 18.71 35.68 -21.98
CA GLY E 41 18.94 34.31 -22.37
C GLY E 41 18.56 33.25 -21.33
N MET E 42 17.51 33.50 -20.54
CA MET E 42 17.16 32.68 -19.35
C MET E 42 15.63 32.52 -19.25
N GLY E 43 15.18 31.70 -18.29
CA GLY E 43 13.75 31.57 -18.03
C GLY E 43 13.19 32.73 -17.20
N LEU E 44 11.85 32.78 -17.12
CA LEU E 44 11.17 33.63 -16.17
C LEU E 44 11.27 33.01 -14.78
N ARG E 45 11.54 33.85 -13.76
CA ARG E 45 11.54 33.44 -12.37
C ARG E 45 10.57 34.32 -11.58
N LEU E 46 9.67 33.66 -10.82
CA LEU E 46 8.58 34.30 -10.10
C LEU E 46 9.13 35.07 -8.91
N ILE E 47 8.77 36.35 -8.81
CA ILE E 47 9.16 37.21 -7.71
C ILE E 47 8.13 37.09 -6.58
N HIS E 48 6.90 37.56 -6.82
CA HIS E 48 5.84 37.55 -5.82
C HIS E 48 4.53 37.31 -6.56
N TYR E 49 3.48 36.95 -5.81
CA TYR E 49 2.18 36.86 -6.44
C TYR E 49 1.06 37.10 -5.43
N SER E 50 -0.17 37.14 -5.93
CA SER E 50 -1.30 37.44 -5.09
C SER E 50 -2.52 36.66 -5.56
N VAL E 51 -3.11 35.90 -4.65
CA VAL E 51 -4.26 35.06 -4.95
C VAL E 51 -5.57 35.84 -4.84
N SER E 52 -5.61 36.97 -4.11
CA SER E 52 -6.73 37.93 -4.21
C SER E 52 -6.46 39.20 -3.42
N ALA E 53 -7.40 40.17 -3.54
CA ALA E 53 -7.27 41.48 -2.93
C ALA E 53 -6.84 41.30 -1.49
N GLY E 54 -5.72 41.92 -1.12
CA GLY E 54 -5.22 41.89 0.23
C GLY E 54 -4.48 40.60 0.58
N LEU E 55 -4.18 39.70 -0.36
CA LEU E 55 -3.23 38.63 -0.05
C LEU E 55 -2.01 38.66 -0.97
N THR E 56 -0.86 38.28 -0.39
CA THR E 56 0.41 38.21 -1.08
C THR E 56 1.23 37.03 -0.57
N ASP E 57 2.09 36.52 -1.45
CA ASP E 57 3.00 35.41 -1.16
C ASP E 57 4.31 35.65 -1.90
N GLN E 58 5.32 34.92 -1.47
CA GLN E 58 6.64 35.04 -2.05
C GLN E 58 6.85 33.99 -3.13
N GLY E 59 7.45 34.40 -4.24
CA GLY E 59 7.85 33.47 -5.27
C GLY E 59 9.22 32.88 -4.99
N GLU E 60 9.97 32.63 -6.05
CA GLU E 60 11.23 31.94 -5.97
C GLU E 60 12.34 32.93 -5.63
N VAL E 61 12.15 34.21 -5.97
CA VAL E 61 13.21 35.20 -5.84
C VAL E 61 12.60 36.48 -5.28
N PRO E 62 12.12 36.44 -4.02
CA PRO E 62 11.42 37.60 -3.43
C PRO E 62 12.35 38.74 -3.05
N ASN E 63 13.61 38.39 -2.74
CA ASN E 63 14.61 39.28 -2.17
C ASN E 63 14.70 40.54 -3.01
N GLY E 64 14.68 41.69 -2.35
CA GLY E 64 14.84 42.98 -2.99
C GLY E 64 13.51 43.68 -3.24
N TYR E 65 12.37 43.02 -3.06
CA TYR E 65 11.13 43.58 -3.59
C TYR E 65 9.97 43.35 -2.63
N ASN E 66 9.00 44.28 -2.67
CA ASN E 66 7.73 44.18 -1.98
C ASN E 66 6.59 44.29 -2.99
N VAL E 67 5.40 43.83 -2.58
CA VAL E 67 4.19 43.94 -3.37
C VAL E 67 3.00 44.14 -2.44
N SER E 68 1.88 44.61 -3.01
CA SER E 68 0.66 44.78 -2.25
C SER E 68 -0.51 44.72 -3.21
N ARG E 69 -1.69 44.43 -2.68
CA ARG E 69 -2.87 44.19 -3.49
C ARG E 69 -4.04 44.78 -2.71
N SER E 70 -4.15 46.12 -2.72
CA SER E 70 -5.29 46.82 -2.16
C SER E 70 -6.55 46.37 -2.90
N THR E 71 -6.54 46.57 -4.22
CA THR E 71 -7.64 46.26 -5.10
C THR E 71 -7.36 45.00 -5.93
N THR E 72 -8.45 44.38 -6.42
CA THR E 72 -8.36 43.29 -7.36
C THR E 72 -7.51 43.67 -8.58
N GLU E 73 -7.64 44.95 -9.03
CA GLU E 73 -7.25 45.38 -10.36
C GLU E 73 -5.75 45.63 -10.50
N ASP E 74 -5.08 46.04 -9.42
CA ASP E 74 -3.72 46.54 -9.52
C ASP E 74 -2.84 45.69 -8.62
N PHE E 75 -1.59 45.50 -9.03
CA PHE E 75 -0.60 44.76 -8.28
C PHE E 75 0.77 45.42 -8.45
N PRO E 76 1.03 46.57 -7.79
CA PRO E 76 2.34 47.22 -7.88
C PRO E 76 3.46 46.35 -7.31
N LEU E 77 4.61 46.41 -7.99
CA LEU E 77 5.85 45.88 -7.47
C LEU E 77 6.76 47.04 -7.09
N ARG E 78 7.52 46.84 -6.01
CA ARG E 78 8.25 47.89 -5.35
C ARG E 78 9.68 47.44 -5.18
N LEU E 79 10.63 48.07 -5.93
CA LEU E 79 12.05 47.89 -5.67
C LEU E 79 12.46 48.77 -4.50
N LEU E 80 12.91 48.13 -3.42
CA LEU E 80 13.15 48.82 -2.17
C LEU E 80 14.43 49.63 -2.31
N SER E 81 15.51 48.91 -2.64
CA SER E 81 16.82 49.48 -2.76
C SER E 81 17.52 48.85 -3.96
N ALA E 82 17.67 49.65 -5.03
CA ALA E 82 18.09 49.14 -6.33
C ALA E 82 19.53 48.65 -6.28
N ALA E 83 19.77 47.52 -6.95
CA ALA E 83 21.11 46.98 -7.09
C ALA E 83 21.29 46.42 -8.50
N PRO E 84 22.53 46.47 -9.04
CA PRO E 84 22.86 45.88 -10.34
C PRO E 84 22.22 44.53 -10.62
N SER E 85 22.21 43.64 -9.64
CA SER E 85 21.65 42.30 -9.84
C SER E 85 20.16 42.34 -10.21
N GLN E 86 19.51 43.52 -10.15
CA GLN E 86 18.07 43.65 -10.38
C GLN E 86 17.82 44.23 -11.77
N THR E 87 18.92 44.61 -12.44
CA THR E 87 18.92 44.85 -13.88
C THR E 87 18.34 43.62 -14.57
N SER E 88 17.22 43.78 -15.29
CA SER E 88 16.40 42.64 -15.70
C SER E 88 15.18 43.10 -16.46
N VAL E 89 14.44 42.16 -17.06
CA VAL E 89 13.16 42.47 -17.68
C VAL E 89 12.10 41.91 -16.75
N TYR E 90 11.11 42.72 -16.42
CA TYR E 90 10.11 42.37 -15.43
C TYR E 90 8.79 42.22 -16.15
N PHE E 91 8.11 41.10 -15.93
CA PHE E 91 6.80 40.86 -16.51
C PHE E 91 5.79 40.63 -15.40
N CYS E 92 4.64 41.28 -15.58
CA CYS E 92 3.47 41.20 -14.74
C CYS E 92 2.51 40.20 -15.40
N ALA E 93 1.68 39.47 -14.62
CA ALA E 93 0.63 38.63 -15.21
C ALA E 93 -0.65 38.58 -14.37
N SER E 94 -1.75 38.22 -15.05
CA SER E 94 -3.02 37.91 -14.44
C SER E 94 -3.40 36.45 -14.75
N HIS E 95 -4.13 35.82 -13.83
CA HIS E 95 -4.54 34.44 -14.03
C HIS E 95 -5.93 34.21 -13.47
N ARG E 96 -6.78 33.44 -14.18
CA ARG E 96 -8.12 33.05 -13.71
C ARG E 96 -8.04 32.09 -12.50
N ASN E 97 -7.12 31.13 -12.54
CA ASN E 97 -6.89 30.17 -11.46
C ASN E 97 -5.39 30.17 -11.15
N ARG E 98 -5.05 29.54 -10.04
CA ARG E 98 -3.66 29.50 -9.64
C ARG E 98 -2.78 28.91 -10.75
N LEU E 99 -3.31 27.93 -11.50
CA LEU E 99 -2.47 27.02 -12.26
C LEU E 99 -2.87 26.98 -13.73
N THR E 100 -3.71 27.93 -14.15
CA THR E 100 -4.05 28.05 -15.55
C THR E 100 -3.17 29.14 -16.19
N GLU E 101 -3.48 29.40 -17.46
CA GLU E 101 -2.72 30.29 -18.33
C GLU E 101 -2.42 31.61 -17.64
N ALA E 102 -1.14 32.01 -17.74
CA ALA E 102 -0.73 33.35 -17.35
C ALA E 102 -0.79 34.28 -18.57
N PHE E 103 -1.43 35.44 -18.36
CA PHE E 103 -1.53 36.49 -19.36
C PHE E 103 -0.64 37.67 -18.97
N PHE E 104 0.48 37.80 -19.68
CA PHE E 104 1.55 38.69 -19.30
C PHE E 104 1.32 40.12 -19.81
N GLY E 105 1.91 41.11 -19.10
CA GLY E 105 2.01 42.48 -19.57
C GLY E 105 3.13 42.59 -20.60
N GLN E 106 3.24 43.80 -21.19
CA GLN E 106 4.20 44.13 -22.22
C GLN E 106 5.64 44.10 -21.68
N GLY E 107 5.83 44.19 -20.37
CA GLY E 107 7.18 44.05 -19.83
C GLY E 107 7.79 45.38 -19.44
N THR E 108 8.88 45.34 -18.67
CA THR E 108 9.58 46.53 -18.24
C THR E 108 11.05 46.21 -18.24
N ARG E 109 11.82 46.97 -19.00
CA ARG E 109 13.24 46.71 -18.98
C ARG E 109 13.84 47.73 -18.02
N LEU E 110 14.65 47.24 -17.09
CA LEU E 110 15.13 48.04 -15.98
C LEU E 110 16.64 47.84 -15.87
N THR E 111 17.37 48.97 -15.99
CA THR E 111 18.82 48.91 -15.77
C THR E 111 19.19 49.72 -14.53
N VAL E 112 19.91 49.08 -13.60
CA VAL E 112 20.36 49.74 -12.39
C VAL E 112 21.83 50.12 -12.56
N VAL E 113 22.10 51.43 -12.51
CA VAL E 113 23.41 51.91 -12.86
C VAL E 113 24.04 52.58 -11.64
N GLU E 114 25.37 52.55 -11.53
CA GLU E 114 26.05 52.98 -10.32
C GLU E 114 26.02 54.51 -10.21
N ASP E 115 25.84 55.22 -11.33
CA ASP E 115 25.77 56.67 -11.32
C ASP E 115 25.17 57.19 -12.61
N LEU E 116 24.26 58.17 -12.53
CA LEU E 116 23.60 58.67 -13.73
C LEU E 116 24.56 59.25 -14.77
N LYS E 117 25.84 59.47 -14.42
CA LYS E 117 26.76 60.06 -15.38
C LYS E 117 27.44 58.94 -16.19
N ASN E 118 26.89 57.74 -16.08
CA ASN E 118 27.25 56.68 -17.00
C ASN E 118 26.27 56.64 -18.17
N VAL E 119 25.13 57.34 -18.05
CA VAL E 119 24.16 57.22 -19.12
C VAL E 119 24.55 58.16 -20.26
N PHE E 120 24.38 57.67 -21.50
CA PHE E 120 24.79 58.33 -22.72
C PHE E 120 23.82 57.96 -23.83
N PRO E 121 23.38 58.90 -24.69
CA PRO E 121 22.58 58.54 -25.85
C PRO E 121 23.55 57.97 -26.87
N PRO E 122 23.05 57.30 -27.93
CA PRO E 122 23.92 56.76 -28.98
C PRO E 122 24.24 57.81 -30.03
N GLU E 123 25.46 57.72 -30.57
CA GLU E 123 25.76 58.31 -31.87
C GLU E 123 25.35 57.33 -32.96
N VAL E 124 24.79 57.88 -34.04
CA VAL E 124 24.30 57.11 -35.17
C VAL E 124 25.02 57.53 -36.45
N ALA E 125 25.39 56.55 -37.27
CA ALA E 125 25.98 56.86 -38.57
C ALA E 125 25.46 55.87 -39.60
N VAL E 126 25.16 56.36 -40.81
CA VAL E 126 24.81 55.54 -41.95
C VAL E 126 25.99 55.44 -42.90
N PHE E 127 26.28 54.21 -43.33
CA PHE E 127 27.39 53.91 -44.21
C PHE E 127 26.84 53.45 -45.55
N GLU E 128 27.42 53.99 -46.63
CA GLU E 128 26.85 53.88 -47.96
C GLU E 128 27.35 52.61 -48.62
N PRO E 129 26.55 52.02 -49.54
CA PRO E 129 26.92 50.76 -50.19
C PRO E 129 28.27 50.80 -50.89
N SER E 130 28.93 49.64 -50.91
CA SER E 130 30.16 49.47 -51.65
C SER E 130 29.83 49.39 -53.14
N GLU E 131 30.72 49.96 -53.96
CA GLU E 131 30.48 49.90 -55.40
C GLU E 131 30.88 48.52 -55.89
N ALA E 132 31.78 47.85 -55.17
CA ALA E 132 32.13 46.46 -55.50
C ALA E 132 30.90 45.55 -55.28
N GLU E 133 30.14 45.76 -54.19
CA GLU E 133 28.86 45.09 -54.01
C GLU E 133 27.89 45.45 -55.14
N ILE E 134 27.72 46.73 -55.49
CA ILE E 134 26.78 47.05 -56.58
C ILE E 134 27.18 46.36 -57.89
N SER E 135 28.48 46.36 -58.23
CA SER E 135 28.97 45.80 -59.50
C SER E 135 28.66 44.32 -59.60
N HIS E 136 28.98 43.61 -58.52
CA HIS E 136 29.11 42.17 -58.51
C HIS E 136 27.77 41.49 -58.22
N THR E 137 26.81 42.23 -57.62
CA THR E 137 25.54 41.64 -57.15
C THR E 137 24.31 42.41 -57.61
N GLN E 138 24.45 43.64 -58.12
CA GLN E 138 23.34 44.49 -58.54
C GLN E 138 22.43 44.81 -57.35
N LYS E 139 23.03 44.92 -56.16
CA LYS E 139 22.32 45.20 -54.93
C LYS E 139 23.20 46.09 -54.06
N ALA E 140 22.57 46.87 -53.17
CA ALA E 140 23.27 47.82 -52.34
C ALA E 140 22.87 47.65 -50.90
N THR E 141 23.85 47.40 -50.02
CA THR E 141 23.65 47.22 -48.59
C THR E 141 24.19 48.44 -47.81
N LEU E 142 23.24 49.20 -47.23
CA LEU E 142 23.52 50.25 -46.27
C LEU E 142 23.69 49.62 -44.88
N VAL E 143 24.62 50.17 -44.10
CA VAL E 143 24.83 49.77 -42.71
C VAL E 143 24.56 50.95 -41.79
N CYS E 144 23.70 50.75 -40.79
CA CYS E 144 23.56 51.71 -39.70
C CYS E 144 24.34 51.24 -38.46
N LEU E 145 24.91 52.19 -37.72
CA LEU E 145 25.77 51.83 -36.61
C LEU E 145 25.57 52.84 -35.48
N ALA E 146 25.14 52.32 -34.31
CA ALA E 146 24.79 53.13 -33.16
C ALA E 146 25.79 52.84 -32.04
N THR E 147 26.40 53.91 -31.49
CA THR E 147 27.64 53.79 -30.73
C THR E 147 27.54 54.51 -29.38
N GLY E 148 28.24 53.98 -28.39
CA GLY E 148 28.42 54.65 -27.11
C GLY E 148 27.11 54.92 -26.35
N PHE E 149 26.13 54.02 -26.46
CA PHE E 149 24.88 54.25 -25.74
C PHE E 149 24.89 53.45 -24.44
N TYR E 150 24.11 53.93 -23.47
CA TYR E 150 23.99 53.27 -22.19
C TYR E 150 22.90 53.92 -21.34
N PRO E 151 21.95 53.16 -20.77
CA PRO E 151 21.97 51.69 -20.82
C PRO E 151 21.53 51.09 -22.17
N ASP E 152 21.56 49.77 -22.30
CA ASP E 152 21.16 49.10 -23.53
C ASP E 152 19.63 49.15 -23.73
N HIS E 153 19.09 50.35 -24.00
CA HIS E 153 17.66 50.52 -24.18
C HIS E 153 17.38 51.30 -25.45
N VAL E 154 17.49 50.64 -26.61
CA VAL E 154 17.33 51.30 -27.90
C VAL E 154 16.40 50.51 -28.79
N GLU E 155 15.78 51.22 -29.74
CA GLU E 155 15.03 50.59 -30.79
C GLU E 155 15.48 51.21 -32.12
N LEU E 156 16.05 50.38 -33.02
CA LEU E 156 16.53 50.84 -34.32
C LEU E 156 15.48 50.58 -35.41
N SER E 157 15.24 51.57 -36.27
CA SER E 157 14.34 51.47 -37.40
C SER E 157 14.97 52.08 -38.65
N TRP E 158 14.39 51.75 -39.82
CA TRP E 158 14.83 52.26 -41.11
C TRP E 158 13.65 52.93 -41.77
N TRP E 159 13.90 54.15 -42.31
CA TRP E 159 12.88 54.95 -42.99
C TRP E 159 13.39 55.26 -44.39
N VAL E 160 12.57 54.93 -45.40
CA VAL E 160 12.90 55.19 -46.79
C VAL E 160 11.84 56.14 -47.31
N ASN E 161 12.26 57.34 -47.74
CA ASN E 161 11.37 58.39 -48.19
C ASN E 161 10.30 58.67 -47.13
N GLY E 162 10.70 58.65 -45.85
CA GLY E 162 9.84 59.04 -44.75
C GLY E 162 8.86 57.97 -44.26
N LYS E 163 8.87 56.78 -44.86
CA LYS E 163 8.00 55.70 -44.42
C LYS E 163 8.91 54.59 -43.88
N GLU E 164 8.53 54.02 -42.74
CA GLU E 164 9.32 52.99 -42.10
C GLU E 164 9.25 51.68 -42.89
N VAL E 165 10.36 50.93 -42.96
CA VAL E 165 10.48 49.74 -43.80
C VAL E 165 10.88 48.53 -42.96
N HIS E 166 10.56 47.32 -43.45
CA HIS E 166 10.90 46.07 -42.76
C HIS E 166 11.54 45.10 -43.76
N SER E 167 10.99 45.05 -44.99
CA SER E 167 11.63 44.32 -46.07
C SER E 167 13.09 44.82 -46.27
N GLY E 168 14.00 43.85 -46.39
CA GLY E 168 15.41 44.05 -46.68
C GLY E 168 16.23 44.42 -45.44
N VAL E 169 15.61 44.34 -44.25
CA VAL E 169 16.22 44.87 -43.04
C VAL E 169 16.60 43.75 -42.07
N CYS E 170 17.57 44.03 -41.19
CA CYS E 170 18.28 43.04 -40.41
C CYS E 170 19.11 43.72 -39.32
N THR E 171 18.67 43.69 -38.06
CA THR E 171 19.42 44.29 -36.96
C THR E 171 20.08 43.20 -36.13
N ASP E 172 21.30 43.43 -35.67
CA ASP E 172 21.91 42.52 -34.72
C ASP E 172 20.89 42.10 -33.65
N PRO E 173 21.00 40.84 -33.13
CA PRO E 173 20.12 40.36 -32.08
C PRO E 173 20.35 41.11 -30.76
N GLN E 174 21.56 41.02 -30.19
CA GLN E 174 22.00 41.88 -29.10
C GLN E 174 23.13 42.81 -29.53
N PRO E 175 23.40 43.91 -28.79
CA PRO E 175 24.56 44.77 -29.03
C PRO E 175 25.87 44.27 -28.43
N LEU E 176 26.98 44.93 -28.78
CA LEU E 176 28.30 44.66 -28.26
C LEU E 176 28.61 45.66 -27.16
N LYS E 177 29.36 45.16 -26.18
CA LYS E 177 30.00 46.02 -25.21
C LYS E 177 31.22 46.62 -25.89
N GLU E 178 31.34 47.95 -25.81
CA GLU E 178 32.51 48.65 -26.32
C GLU E 178 33.68 48.35 -25.39
N GLN E 179 33.43 48.31 -24.07
CA GLN E 179 34.46 47.98 -23.10
C GLN E 179 34.08 46.72 -22.34
N PRO E 180 34.27 45.51 -22.93
CA PRO E 180 33.92 44.25 -22.24
C PRO E 180 34.38 44.16 -20.78
N ALA E 181 35.55 44.77 -20.49
CA ALA E 181 36.09 44.82 -19.14
C ALA E 181 35.11 45.52 -18.18
N LEU E 182 34.80 46.79 -18.45
CA LEU E 182 34.00 47.66 -17.57
C LEU E 182 32.61 47.08 -17.31
N ASN E 183 32.10 47.30 -16.09
CA ASN E 183 30.75 46.86 -15.76
C ASN E 183 29.76 47.95 -16.12
N ASP E 184 30.23 49.16 -16.48
CA ASP E 184 29.33 50.16 -17.00
C ASP E 184 29.62 50.45 -18.47
N SER E 185 30.01 49.41 -19.23
CA SER E 185 30.35 49.56 -20.64
C SER E 185 29.17 50.05 -21.46
N ARG E 186 29.43 51.00 -22.35
CA ARG E 186 28.45 51.47 -23.31
C ARG E 186 28.44 50.50 -24.49
N TYR E 187 27.40 50.61 -25.33
CA TYR E 187 27.10 49.54 -26.25
C TYR E 187 27.14 50.05 -27.69
N ALA E 188 27.35 49.13 -28.63
CA ALA E 188 27.20 49.39 -30.06
C ALA E 188 26.11 48.49 -30.62
N LEU E 189 25.45 48.91 -31.69
CA LEU E 189 24.43 48.10 -32.33
C LEU E 189 24.44 48.40 -33.82
N SER E 190 24.42 47.35 -34.66
CA SER E 190 24.41 47.56 -36.10
C SER E 190 23.11 47.05 -36.71
N SER E 191 22.83 47.53 -37.90
CA SER E 191 21.69 47.13 -38.71
C SER E 191 22.11 47.16 -40.18
N ARG E 192 21.32 46.52 -41.06
CA ARG E 192 21.52 46.48 -42.48
C ARG E 192 20.20 46.71 -43.17
N LEU E 193 20.19 47.63 -44.15
CA LEU E 193 19.14 47.72 -45.15
C LEU E 193 19.71 47.41 -46.54
N ARG E 194 19.13 46.44 -47.25
CA ARG E 194 19.57 46.08 -48.59
C ARG E 194 18.46 46.40 -49.58
N VAL E 195 18.86 47.09 -50.64
CA VAL E 195 17.97 47.54 -51.70
C VAL E 195 18.67 47.21 -53.03
N SER E 196 17.91 47.22 -54.14
CA SER E 196 18.53 47.00 -55.45
C SER E 196 19.45 48.16 -55.75
N ALA E 197 20.53 47.89 -56.49
CA ALA E 197 21.42 48.95 -56.99
C ALA E 197 20.60 50.08 -57.59
N THR E 198 19.69 49.74 -58.51
CA THR E 198 18.83 50.69 -59.22
C THR E 198 18.14 51.66 -58.25
N PHE E 199 17.63 51.15 -57.13
CA PHE E 199 16.88 52.00 -56.21
C PHE E 199 17.85 52.97 -55.54
N TRP E 200 19.03 52.45 -55.15
CA TRP E 200 20.02 53.24 -54.47
C TRP E 200 20.52 54.35 -55.38
N GLN E 201 20.56 54.10 -56.69
CA GLN E 201 21.32 55.01 -57.51
C GLN E 201 20.42 56.17 -57.95
N ASP E 202 19.12 56.13 -57.64
CA ASP E 202 18.25 57.30 -57.79
C ASP E 202 18.49 58.25 -56.62
N PRO E 203 19.06 59.44 -56.83
CA PRO E 203 19.45 60.29 -55.69
C PRO E 203 18.34 61.09 -55.00
N ARG E 204 17.10 60.95 -55.49
CA ARG E 204 15.91 61.51 -54.87
C ARG E 204 15.37 60.63 -53.72
N ASN E 205 15.97 59.44 -53.58
CA ASN E 205 15.61 58.43 -52.60
C ASN E 205 16.38 58.73 -51.32
N HIS E 206 15.59 58.80 -50.24
CA HIS E 206 16.06 59.26 -48.94
C HIS E 206 16.16 58.10 -47.96
N PHE E 207 17.36 57.84 -47.39
CA PHE E 207 17.51 56.74 -46.44
C PHE E 207 17.80 57.31 -45.05
N ARG E 208 17.01 56.90 -44.03
CA ARG E 208 17.24 57.31 -42.65
C ARG E 208 17.23 56.12 -41.70
N CYS E 209 18.26 56.09 -40.86
CA CYS E 209 18.37 55.20 -39.74
C CYS E 209 17.99 55.94 -38.44
N GLN E 210 16.85 55.61 -37.85
CA GLN E 210 16.35 56.23 -36.61
C GLN E 210 16.63 55.34 -35.39
N VAL E 211 17.20 55.90 -34.34
CA VAL E 211 17.53 55.12 -33.13
C VAL E 211 16.83 55.73 -31.91
N GLN E 212 15.74 55.11 -31.47
CA GLN E 212 15.00 55.58 -30.32
C GLN E 212 15.74 55.17 -29.06
N PHE E 213 16.00 56.13 -28.16
CA PHE E 213 16.74 55.88 -26.93
C PHE E 213 15.85 56.20 -25.74
N TYR E 214 16.03 55.42 -24.66
CA TYR E 214 15.29 55.57 -23.43
C TYR E 214 16.28 55.81 -22.30
N GLY E 215 16.29 57.06 -21.81
CA GLY E 215 17.22 57.51 -20.79
C GLY E 215 16.53 58.04 -19.54
N LEU E 216 16.71 59.33 -19.25
CA LEU E 216 16.26 59.96 -18.02
C LEU E 216 14.94 60.70 -18.25
N SER E 217 14.18 60.85 -17.14
CA SER E 217 12.89 61.51 -17.14
C SER E 217 13.11 62.96 -16.76
N GLU E 218 12.07 63.78 -16.98
CA GLU E 218 12.08 65.19 -16.59
C GLU E 218 12.58 65.31 -15.16
N ASN E 219 11.93 64.55 -14.27
CA ASN E 219 12.10 64.75 -12.84
C ASN E 219 13.41 64.13 -12.33
N ASP E 220 14.21 63.47 -13.18
CA ASP E 220 15.59 63.15 -12.83
C ASP E 220 16.41 64.44 -12.86
N GLU E 221 17.60 64.37 -12.25
CA GLU E 221 18.41 65.52 -11.91
C GLU E 221 19.73 65.42 -12.68
N TRP E 222 20.08 66.46 -13.45
CA TRP E 222 21.32 66.42 -14.22
C TRP E 222 22.26 67.54 -13.75
N THR E 223 23.54 67.18 -13.58
CA THR E 223 24.53 68.02 -12.91
C THR E 223 25.85 67.93 -13.67
N GLN E 224 25.85 68.22 -14.99
CA GLN E 224 27.02 68.01 -15.83
C GLN E 224 27.07 68.97 -17.02
N ASP E 225 28.25 69.01 -17.68
CA ASP E 225 28.47 69.86 -18.85
C ASP E 225 27.55 69.44 -19.99
N ARG E 226 27.77 68.23 -20.53
CA ARG E 226 26.95 67.65 -21.59
C ARG E 226 25.46 67.77 -21.29
N ALA E 227 24.66 67.81 -22.36
CA ALA E 227 23.21 67.80 -22.24
C ALA E 227 22.78 66.52 -21.53
N LYS E 228 21.45 66.43 -21.32
CA LYS E 228 20.87 65.45 -20.43
C LYS E 228 20.60 64.18 -21.22
N PRO E 229 21.13 63.01 -20.82
CA PRO E 229 20.83 61.74 -21.51
C PRO E 229 19.36 61.38 -21.32
N VAL E 230 18.51 62.22 -21.90
CA VAL E 230 17.08 62.11 -21.81
C VAL E 230 16.59 61.21 -22.97
N THR E 231 15.36 60.69 -22.82
CA THR E 231 14.69 59.94 -23.87
C THR E 231 14.57 60.78 -25.14
N GLN E 232 14.99 60.22 -26.28
CA GLN E 232 15.22 61.00 -27.49
C GLN E 232 15.53 60.09 -28.68
N ILE E 233 15.23 60.59 -29.89
CA ILE E 233 15.59 59.92 -31.12
C ILE E 233 16.88 60.47 -31.69
N VAL E 234 17.75 59.60 -32.19
CA VAL E 234 18.95 60.07 -32.85
C VAL E 234 19.00 59.37 -34.19
N SER E 235 19.12 60.18 -35.25
CA SER E 235 18.99 59.72 -36.61
C SER E 235 20.31 59.95 -37.37
N ALA E 236 20.41 59.36 -38.54
CA ALA E 236 21.41 59.69 -39.55
C ALA E 236 20.82 59.32 -40.89
N GLU E 237 21.31 59.97 -41.96
CA GLU E 237 20.64 59.90 -43.24
C GLU E 237 21.66 59.84 -44.37
N ALA E 238 21.22 59.27 -45.49
CA ALA E 238 21.91 59.39 -46.77
C ALA E 238 20.87 59.50 -47.88
N TRP E 239 21.22 60.22 -48.96
CA TRP E 239 20.44 60.16 -50.18
C TRP E 239 21.09 59.16 -51.13
N GLY E 240 20.29 58.61 -52.04
CA GLY E 240 20.82 57.78 -53.11
C GLY E 240 21.95 58.47 -53.88
N ARG E 241 22.61 57.73 -54.78
CA ARG E 241 23.78 58.25 -55.49
C ARG E 241 23.98 57.58 -56.87
N ALA E 242 23.81 58.38 -57.93
CA ALA E 242 24.01 57.92 -59.30
C ALA E 242 25.41 57.35 -59.43
N ASP E 243 26.42 58.07 -58.92
CA ASP E 243 27.74 57.47 -58.75
C ASP E 243 28.72 58.47 -58.13
N GLY F 1 -16.22 -9.61 -3.03
CA GLY F 1 -16.82 -10.96 -3.17
C GLY F 1 -15.80 -12.09 -3.01
N SER F 2 -15.84 -13.04 -3.96
CA SER F 2 -14.93 -14.17 -3.97
C SER F 2 -13.49 -13.77 -4.28
N HIS F 3 -12.61 -14.41 -3.54
CA HIS F 3 -11.20 -14.50 -3.85
C HIS F 3 -10.71 -15.80 -3.22
N SER F 4 -9.57 -16.33 -3.72
CA SER F 4 -9.10 -17.59 -3.17
C SER F 4 -7.59 -17.69 -3.15
N LEU F 5 -7.10 -18.46 -2.17
CA LEU F 5 -5.71 -18.86 -2.10
C LEU F 5 -5.67 -20.38 -2.12
N LYS F 6 -5.11 -20.93 -3.20
CA LYS F 6 -5.10 -22.37 -3.46
C LYS F 6 -3.67 -22.78 -3.79
N TYR F 7 -3.32 -24.00 -3.32
CA TYR F 7 -2.07 -24.61 -3.70
C TYR F 7 -2.33 -25.99 -4.34
N PHE F 8 -1.44 -26.38 -5.25
CA PHE F 8 -1.52 -27.67 -5.95
C PHE F 8 -0.16 -28.36 -5.90
N HIS F 9 -0.16 -29.54 -5.30
CA HIS F 9 1.05 -30.26 -4.99
C HIS F 9 1.00 -31.59 -5.76
N THR F 10 2.09 -31.90 -6.49
CA THR F 10 2.25 -33.15 -7.22
C THR F 10 3.61 -33.77 -6.85
N SER F 11 3.56 -35.03 -6.39
CA SER F 11 4.73 -35.86 -6.09
C SER F 11 4.64 -37.12 -6.94
N VAL F 12 5.72 -37.41 -7.70
CA VAL F 12 5.74 -38.56 -8.58
C VAL F 12 6.95 -39.44 -8.24
N SER F 13 6.72 -40.73 -7.94
CA SER F 13 7.83 -41.64 -7.71
C SER F 13 8.47 -42.00 -9.06
N ARG F 14 9.79 -42.18 -9.02
CA ARG F 14 10.52 -42.46 -10.24
C ARG F 14 11.62 -43.43 -9.89
N PRO F 15 11.29 -44.73 -9.84
CA PRO F 15 12.28 -45.77 -9.52
C PRO F 15 13.53 -45.63 -10.40
N GLY F 16 14.69 -45.63 -9.75
CA GLY F 16 15.95 -45.54 -10.43
C GLY F 16 16.44 -44.10 -10.61
N ARG F 17 15.56 -43.11 -10.32
CA ARG F 17 15.94 -41.70 -10.37
C ARG F 17 15.83 -41.02 -9.01
N GLY F 18 16.18 -41.77 -7.95
CA GLY F 18 16.28 -41.22 -6.61
C GLY F 18 14.93 -40.83 -6.03
N GLU F 19 14.89 -39.72 -5.28
CA GLU F 19 13.68 -39.33 -4.56
C GLU F 19 12.61 -38.87 -5.55
N PRO F 20 11.31 -38.92 -5.17
CA PRO F 20 10.25 -38.43 -6.05
C PRO F 20 10.41 -37.00 -6.59
N ARG F 21 9.93 -36.75 -7.80
CA ARG F 21 9.73 -35.41 -8.32
C ARG F 21 8.69 -34.68 -7.44
N PHE F 22 8.95 -33.41 -7.08
CA PHE F 22 8.00 -32.67 -6.26
C PHE F 22 7.80 -31.26 -6.80
N ILE F 23 6.56 -30.93 -7.19
CA ILE F 23 6.25 -29.61 -7.71
C ILE F 23 5.08 -29.04 -6.92
N SER F 24 5.18 -27.77 -6.57
CA SER F 24 4.16 -27.09 -5.80
C SER F 24 3.87 -25.76 -6.50
N VAL F 25 2.61 -25.48 -6.83
CA VAL F 25 2.31 -24.13 -7.30
C VAL F 25 1.19 -23.50 -6.49
N GLY F 26 1.23 -22.17 -6.43
CA GLY F 26 0.27 -21.40 -5.66
C GLY F 26 -0.47 -20.38 -6.53
N TYR F 27 -1.79 -20.27 -6.33
CA TYR F 27 -2.65 -19.39 -7.11
C TYR F 27 -3.44 -18.46 -6.19
N VAL F 28 -3.44 -17.16 -6.48
CA VAL F 28 -4.44 -16.25 -5.92
C VAL F 28 -5.43 -15.95 -7.00
N ASP F 29 -6.71 -16.27 -6.75
CA ASP F 29 -7.66 -16.22 -7.85
C ASP F 29 -7.10 -17.09 -9.00
N ASP F 30 -6.99 -16.55 -10.20
CA ASP F 30 -6.49 -17.29 -11.36
C ASP F 30 -5.06 -16.89 -11.70
N THR F 31 -4.35 -16.33 -10.72
CA THR F 31 -3.00 -15.85 -10.95
C THR F 31 -2.02 -16.72 -10.17
N GLN F 32 -1.20 -17.53 -10.89
CA GLN F 32 -0.14 -18.29 -10.29
C GLN F 32 0.86 -17.29 -9.76
N PHE F 33 1.36 -17.46 -8.53
CA PHE F 33 2.22 -16.42 -7.98
C PHE F 33 3.52 -16.98 -7.39
N VAL F 34 3.61 -18.31 -7.19
CA VAL F 34 4.78 -18.93 -6.57
C VAL F 34 4.90 -20.35 -7.11
N ARG F 35 6.11 -20.91 -6.98
CA ARG F 35 6.43 -22.23 -7.47
C ARG F 35 7.59 -22.81 -6.68
N PHE F 36 7.54 -24.12 -6.44
CA PHE F 36 8.66 -24.88 -5.92
C PHE F 36 8.77 -26.18 -6.70
N ASP F 37 9.96 -26.44 -7.21
CA ASP F 37 10.25 -27.64 -7.98
C ASP F 37 11.58 -28.17 -7.46
N ASN F 38 11.63 -29.44 -7.03
CA ASN F 38 12.84 -29.96 -6.42
C ASN F 38 13.88 -30.42 -7.45
N ASP F 39 13.56 -30.29 -8.76
CA ASP F 39 14.46 -30.59 -9.86
C ASP F 39 15.02 -29.37 -10.57
N ALA F 40 14.53 -28.18 -10.22
CA ALA F 40 14.91 -26.95 -10.91
C ALA F 40 16.37 -26.60 -10.59
N ALA F 41 16.87 -25.52 -11.22
CA ALA F 41 18.18 -24.94 -10.91
C ALA F 41 18.27 -24.59 -9.42
N SER F 42 17.30 -23.77 -8.92
CA SER F 42 17.01 -23.51 -7.51
C SER F 42 16.02 -24.53 -6.91
N PRO F 43 16.44 -25.44 -5.99
CA PRO F 43 15.48 -26.14 -5.12
C PRO F 43 14.91 -25.17 -4.09
N ARG F 44 14.35 -24.05 -4.54
CA ARG F 44 13.82 -23.02 -3.64
C ARG F 44 12.43 -22.61 -4.11
N MET F 45 11.61 -22.16 -3.16
CA MET F 45 10.38 -21.50 -3.54
C MET F 45 10.74 -20.17 -4.22
N VAL F 46 10.13 -19.84 -5.35
CA VAL F 46 10.53 -18.65 -6.08
C VAL F 46 9.27 -17.93 -6.51
N PRO F 47 9.32 -16.60 -6.75
CA PRO F 47 8.17 -15.86 -7.28
C PRO F 47 7.87 -16.21 -8.73
N ARG F 48 6.58 -16.14 -9.07
CA ARG F 48 6.04 -16.40 -10.39
C ARG F 48 5.02 -15.34 -10.80
N ALA F 49 5.00 -14.20 -10.09
CA ALA F 49 4.17 -13.06 -10.42
C ALA F 49 4.98 -11.83 -10.06
N PRO F 50 4.93 -10.77 -10.87
CA PRO F 50 5.78 -9.62 -10.62
C PRO F 50 5.56 -8.95 -9.26
N TRP F 51 4.32 -8.98 -8.75
CA TRP F 51 4.04 -8.36 -7.46
C TRP F 51 4.63 -9.17 -6.31
N MET F 52 5.26 -10.32 -6.58
CA MET F 52 5.91 -11.07 -5.51
C MET F 52 7.42 -10.86 -5.53
N GLU F 53 7.90 -9.99 -6.44
CA GLU F 53 9.33 -9.87 -6.70
C GLU F 53 9.99 -9.06 -5.59
N GLN F 54 9.20 -8.44 -4.70
CA GLN F 54 9.74 -7.45 -3.79
C GLN F 54 9.69 -7.98 -2.36
N GLU F 55 9.57 -9.31 -2.20
CA GLU F 55 9.49 -9.89 -0.86
C GLU F 55 10.89 -10.19 -0.40
N GLY F 56 11.11 -10.01 0.89
CA GLY F 56 12.41 -10.28 1.49
C GLY F 56 12.69 -11.78 1.66
N SER F 57 13.92 -12.07 2.07
CA SER F 57 14.40 -13.44 2.13
C SER F 57 13.71 -14.20 3.25
N GLU F 58 13.15 -13.48 4.21
CA GLU F 58 12.33 -14.09 5.26
C GLU F 58 11.24 -14.94 4.61
N TYR F 59 10.53 -14.37 3.63
CA TYR F 59 9.46 -15.10 2.95
C TYR F 59 10.06 -16.33 2.27
N TRP F 60 11.07 -16.15 1.38
CA TRP F 60 11.57 -17.26 0.55
C TRP F 60 12.22 -18.35 1.41
N ASP F 61 12.89 -17.98 2.50
CA ASP F 61 13.53 -18.96 3.37
C ASP F 61 12.47 -19.85 4.02
N ARG F 62 11.41 -19.24 4.56
CA ARG F 62 10.37 -20.02 5.23
C ARG F 62 9.63 -20.88 4.20
N GLU F 63 9.24 -20.29 3.08
CA GLU F 63 8.45 -21.03 2.10
C GLU F 63 9.27 -22.18 1.54
N THR F 64 10.59 -22.01 1.47
CA THR F 64 11.44 -23.07 0.96
C THR F 64 11.51 -24.19 1.99
N ARG F 65 11.73 -23.86 3.25
CA ARG F 65 11.80 -24.86 4.32
C ARG F 65 10.50 -25.67 4.38
N SER F 66 9.42 -24.96 4.21
CA SER F 66 8.08 -25.51 4.31
C SER F 66 7.77 -26.35 3.06
N ALA F 67 8.29 -25.94 1.89
CA ALA F 67 8.18 -26.72 0.64
C ALA F 67 8.96 -28.03 0.78
N ARG F 68 10.18 -27.97 1.29
CA ARG F 68 11.02 -29.15 1.47
C ARG F 68 10.37 -30.08 2.49
N ASP F 69 9.83 -29.53 3.59
CA ASP F 69 9.13 -30.35 4.56
C ASP F 69 8.01 -31.14 3.88
N THR F 70 7.27 -30.46 2.99
CA THR F 70 6.16 -31.05 2.26
C THR F 70 6.61 -32.17 1.34
N ALA F 71 7.69 -31.95 0.59
CA ALA F 71 8.22 -32.94 -0.34
C ALA F 71 8.55 -34.21 0.40
N GLN F 72 9.20 -34.02 1.56
CA GLN F 72 9.66 -35.08 2.42
C GLN F 72 8.47 -35.95 2.87
N ILE F 73 7.42 -35.34 3.42
CA ILE F 73 6.26 -36.08 3.90
C ILE F 73 5.55 -36.76 2.72
N PHE F 74 5.50 -36.11 1.57
CA PHE F 74 4.92 -36.71 0.38
C PHE F 74 5.68 -37.96 -0.08
N ARG F 75 7.00 -37.97 0.13
CA ARG F 75 7.82 -39.13 -0.13
C ARG F 75 7.39 -40.27 0.78
N VAL F 76 7.39 -39.98 2.09
CA VAL F 76 6.95 -40.91 3.11
C VAL F 76 5.57 -41.44 2.74
N ASN F 77 4.62 -40.58 2.34
CA ASN F 77 3.27 -41.03 2.08
C ASN F 77 3.23 -41.92 0.84
N LEU F 78 4.02 -41.58 -0.19
CA LEU F 78 4.14 -42.43 -1.39
C LEU F 78 4.60 -43.83 -1.00
N ARG F 79 5.56 -43.92 -0.08
CA ARG F 79 6.02 -45.20 0.44
C ARG F 79 4.89 -45.93 1.17
N THR F 80 4.23 -45.28 2.13
CA THR F 80 3.12 -45.91 2.82
C THR F 80 2.07 -46.46 1.83
N LEU F 81 1.62 -45.64 0.86
CA LEU F 81 0.53 -46.06 -0.04
C LEU F 81 0.94 -47.25 -0.90
N ARG F 82 2.24 -47.39 -1.17
CA ARG F 82 2.75 -48.48 -1.96
C ARG F 82 2.55 -49.80 -1.20
N GLY F 83 2.85 -49.78 0.10
CA GLY F 83 2.49 -50.85 1.04
C GLY F 83 0.99 -51.10 1.07
N TYR F 84 0.18 -50.07 1.35
CA TYR F 84 -1.24 -50.29 1.49
C TYR F 84 -1.73 -51.13 0.31
N TYR F 85 -1.28 -50.83 -0.92
CA TYR F 85 -1.82 -51.44 -2.13
C TYR F 85 -0.89 -52.54 -2.68
N ASN F 86 0.16 -52.91 -1.93
CA ASN F 86 1.08 -53.98 -2.31
C ASN F 86 1.62 -53.84 -3.72
N GLN F 87 2.23 -52.71 -4.06
CA GLN F 87 2.70 -52.43 -5.41
C GLN F 87 4.21 -52.61 -5.43
N SER F 88 4.76 -52.89 -6.63
CA SER F 88 6.18 -53.11 -6.83
C SER F 88 6.94 -51.81 -6.60
N GLU F 89 8.27 -51.95 -6.51
CA GLU F 89 9.20 -50.84 -6.53
C GLU F 89 9.45 -50.38 -7.97
N ALA F 90 8.78 -51.00 -8.93
CA ALA F 90 9.11 -50.76 -10.32
C ALA F 90 8.18 -49.69 -10.90
N GLY F 91 7.00 -49.52 -10.29
CA GLY F 91 6.02 -48.55 -10.78
C GLY F 91 6.31 -47.12 -10.31
N SER F 92 6.04 -46.17 -11.20
CA SER F 92 5.86 -44.76 -10.89
C SER F 92 4.42 -44.50 -10.42
N HIS F 93 4.26 -43.77 -9.29
CA HIS F 93 2.96 -43.44 -8.76
C HIS F 93 2.89 -41.95 -8.40
N THR F 94 1.66 -41.40 -8.37
CA THR F 94 1.41 -39.97 -8.23
C THR F 94 0.52 -39.71 -7.00
N LEU F 95 1.03 -38.91 -6.06
CA LEU F 95 0.23 -38.38 -4.97
C LEU F 95 0.02 -36.87 -5.18
N GLN F 96 -1.25 -36.44 -5.27
CA GLN F 96 -1.60 -35.04 -5.46
C GLN F 96 -2.29 -34.52 -4.20
N TRP F 97 -2.20 -33.21 -3.96
CA TRP F 97 -2.88 -32.58 -2.84
C TRP F 97 -3.30 -31.17 -3.28
N MET F 98 -4.61 -30.85 -3.24
CA MET F 98 -5.07 -29.48 -3.41
C MET F 98 -5.84 -29.05 -2.16
N HIS F 99 -5.76 -27.76 -1.85
CA HIS F 99 -6.39 -27.14 -0.70
C HIS F 99 -6.56 -25.65 -1.00
N GLY F 100 -7.61 -25.03 -0.44
CA GLY F 100 -7.78 -23.59 -0.56
C GLY F 100 -8.79 -22.98 0.41
N CYS F 101 -8.78 -21.64 0.48
CA CYS F 101 -9.68 -20.86 1.27
C CYS F 101 -10.32 -19.85 0.33
N GLU F 102 -11.62 -19.54 0.55
CA GLU F 102 -12.28 -18.48 -0.17
C GLU F 102 -12.81 -17.41 0.76
N LEU F 103 -12.77 -16.16 0.32
CA LEU F 103 -13.32 -15.03 1.05
C LEU F 103 -14.73 -14.75 0.59
N GLY F 104 -15.55 -14.27 1.52
CA GLY F 104 -16.81 -13.64 1.15
C GLY F 104 -16.64 -12.15 0.88
N PRO F 105 -17.72 -11.44 0.47
CA PRO F 105 -17.65 -10.02 0.16
C PRO F 105 -17.18 -9.14 1.31
N ASP F 106 -17.22 -9.69 2.54
CA ASP F 106 -16.78 -8.97 3.70
C ASP F 106 -15.29 -9.20 3.97
N GLY F 107 -14.60 -9.94 3.10
CA GLY F 107 -13.17 -10.16 3.32
C GLY F 107 -12.87 -11.30 4.31
N ARG F 108 -13.92 -11.92 4.84
CA ARG F 108 -13.77 -12.95 5.85
C ARG F 108 -13.86 -14.35 5.22
N PHE F 109 -13.41 -15.33 5.99
CA PHE F 109 -13.54 -16.73 5.63
C PHE F 109 -14.96 -17.07 5.21
N LEU F 110 -15.15 -17.68 4.03
CA LEU F 110 -16.42 -18.26 3.63
C LEU F 110 -16.37 -19.80 3.53
N ARG F 111 -15.45 -20.41 2.77
CA ARG F 111 -15.35 -21.86 2.77
C ARG F 111 -13.91 -22.29 2.52
N GLY F 112 -13.66 -23.58 2.76
CA GLY F 112 -12.35 -24.22 2.73
C GLY F 112 -12.44 -25.67 2.23
N TYR F 113 -11.42 -26.13 1.49
CA TYR F 113 -11.45 -27.48 0.92
C TYR F 113 -10.04 -28.05 0.85
N GLU F 114 -9.99 -29.37 0.65
CA GLU F 114 -8.75 -30.10 0.80
C GLU F 114 -8.99 -31.56 0.47
N GLN F 115 -8.09 -32.11 -0.34
CA GLN F 115 -8.34 -33.33 -1.09
C GLN F 115 -7.00 -33.92 -1.52
N PHE F 116 -6.81 -35.22 -1.26
CA PHE F 116 -5.70 -36.01 -1.75
C PHE F 116 -6.16 -36.94 -2.87
N ALA F 117 -5.30 -37.16 -3.87
CA ALA F 117 -5.53 -38.14 -4.94
C ALA F 117 -4.31 -39.04 -5.07
N TYR F 118 -4.54 -40.36 -5.17
CA TYR F 118 -3.47 -41.30 -5.51
C TYR F 118 -3.72 -41.82 -6.93
N ASP F 119 -2.69 -41.75 -7.78
CA ASP F 119 -2.76 -42.23 -9.15
C ASP F 119 -3.95 -41.64 -9.90
N GLY F 120 -4.30 -40.38 -9.66
CA GLY F 120 -5.30 -39.68 -10.45
C GLY F 120 -6.77 -39.91 -10.05
N LYS F 121 -7.02 -40.61 -8.93
CA LYS F 121 -8.35 -40.73 -8.37
C LYS F 121 -8.40 -40.18 -6.93
N ASP F 122 -9.55 -39.60 -6.55
CA ASP F 122 -9.76 -39.24 -5.16
C ASP F 122 -9.26 -40.38 -4.29
N TYR F 123 -8.51 -40.02 -3.26
CA TYR F 123 -8.11 -40.92 -2.18
C TYR F 123 -8.79 -40.52 -0.85
N LEU F 124 -8.56 -39.28 -0.38
CA LEU F 124 -9.03 -38.85 0.93
C LEU F 124 -9.46 -37.38 0.89
N THR F 125 -10.69 -37.12 1.35
CA THR F 125 -11.26 -35.79 1.22
C THR F 125 -11.63 -35.23 2.58
N LEU F 126 -11.26 -33.97 2.82
CA LEU F 126 -11.72 -33.30 4.03
C LEU F 126 -13.15 -32.88 3.73
N ASN F 127 -14.08 -33.28 4.63
CA ASN F 127 -15.50 -32.98 4.47
C ASN F 127 -15.77 -31.50 4.69
N GLU F 128 -16.93 -31.05 4.20
CA GLU F 128 -17.28 -29.64 4.19
C GLU F 128 -17.24 -29.04 5.61
N ASP F 129 -17.55 -29.82 6.66
CA ASP F 129 -17.53 -29.33 8.04
C ASP F 129 -16.10 -29.05 8.52
N LEU F 130 -15.10 -29.40 7.69
CA LEU F 130 -13.67 -29.29 7.98
C LEU F 130 -13.31 -30.00 9.28
N ARG F 131 -14.10 -31.00 9.69
CA ARG F 131 -13.89 -31.71 10.95
C ARG F 131 -13.71 -33.22 10.77
N SER F 132 -13.85 -33.73 9.54
CA SER F 132 -13.85 -35.15 9.33
C SER F 132 -13.52 -35.48 7.86
N TRP F 133 -13.26 -36.75 7.60
CA TRP F 133 -12.73 -37.16 6.31
C TRP F 133 -13.62 -38.25 5.70
N THR F 134 -13.59 -38.28 4.37
CA THR F 134 -14.16 -39.36 3.59
C THR F 134 -13.06 -40.10 2.83
N ALA F 135 -13.01 -41.42 3.04
CA ALA F 135 -12.03 -42.30 2.44
C ALA F 135 -12.69 -43.06 1.30
N VAL F 136 -11.99 -43.27 0.18
CA VAL F 136 -12.60 -43.93 -0.97
C VAL F 136 -12.55 -45.45 -0.82
N ASP F 137 -11.66 -45.98 0.04
CA ASP F 137 -11.45 -47.42 0.08
C ASP F 137 -10.78 -47.85 1.39
N THR F 138 -10.46 -49.13 1.48
CA THR F 138 -9.91 -49.71 2.69
C THR F 138 -8.61 -49.06 3.11
N ALA F 139 -7.75 -48.79 2.11
CA ALA F 139 -6.47 -48.18 2.37
C ALA F 139 -6.73 -46.76 2.91
N ALA F 140 -7.63 -46.03 2.24
CA ALA F 140 -7.89 -44.65 2.61
C ALA F 140 -8.52 -44.57 4.01
N GLN F 141 -9.18 -45.65 4.42
CA GLN F 141 -9.72 -45.73 5.78
C GLN F 141 -8.59 -45.85 6.79
N ILE F 142 -7.49 -46.53 6.46
CA ILE F 142 -6.34 -46.57 7.36
C ILE F 142 -5.84 -45.14 7.58
N SER F 143 -5.75 -44.38 6.48
CA SER F 143 -5.36 -42.98 6.48
C SER F 143 -6.32 -42.10 7.31
N GLU F 144 -7.63 -42.29 7.14
CA GLU F 144 -8.66 -41.62 7.93
C GLU F 144 -8.41 -41.83 9.42
N GLN F 145 -8.20 -43.09 9.81
CA GLN F 145 -8.04 -43.42 11.22
C GLN F 145 -6.83 -42.66 11.76
N LYS F 146 -5.72 -42.64 11.00
CA LYS F 146 -4.47 -42.09 11.53
C LYS F 146 -4.58 -40.57 11.63
N SER F 147 -5.32 -39.96 10.70
CA SER F 147 -5.57 -38.54 10.73
C SER F 147 -6.55 -38.20 11.87
N ASN F 148 -7.53 -39.06 12.17
CA ASN F 148 -8.45 -38.81 13.29
C ASN F 148 -7.64 -38.83 14.59
N ASP F 149 -6.87 -39.89 14.79
CA ASP F 149 -6.05 -40.01 15.96
C ASP F 149 -5.09 -38.83 16.13
N ALA F 150 -4.76 -38.12 15.05
CA ALA F 150 -3.74 -37.08 15.16
C ALA F 150 -4.36 -35.68 15.15
N SER F 151 -5.69 -35.61 15.00
CA SER F 151 -6.46 -34.37 15.02
C SER F 151 -6.08 -33.55 13.81
N GLU F 152 -5.97 -34.21 12.66
CA GLU F 152 -5.41 -33.54 11.50
C GLU F 152 -6.44 -32.53 11.03
N ALA F 153 -7.71 -32.91 11.02
CA ALA F 153 -8.77 -32.00 10.62
C ALA F 153 -8.66 -30.67 11.39
N GLU F 154 -8.46 -30.76 12.71
CA GLU F 154 -8.36 -29.56 13.53
C GLU F 154 -7.23 -28.69 12.98
N HIS F 155 -6.08 -29.29 12.64
CA HIS F 155 -4.91 -28.52 12.21
C HIS F 155 -5.20 -27.90 10.84
N GLN F 156 -5.78 -28.70 9.94
CA GLN F 156 -6.13 -28.20 8.63
C GLN F 156 -7.13 -27.05 8.73
N ARG F 157 -8.12 -27.16 9.62
CA ARG F 157 -9.11 -26.10 9.75
C ARG F 157 -8.42 -24.79 10.19
N ALA F 158 -7.50 -24.88 11.15
CA ALA F 158 -6.74 -23.69 11.53
C ALA F 158 -6.07 -23.09 10.28
N TYR F 159 -5.34 -23.87 9.48
CA TYR F 159 -4.71 -23.28 8.31
C TYR F 159 -5.76 -22.60 7.44
N LEU F 160 -6.84 -23.31 7.10
CA LEU F 160 -7.76 -22.84 6.06
C LEU F 160 -8.58 -21.64 6.53
N GLU F 161 -9.03 -21.65 7.79
CA GLU F 161 -9.86 -20.56 8.31
C GLU F 161 -9.02 -19.32 8.63
N ASP F 162 -7.77 -19.45 9.12
CA ASP F 162 -7.03 -18.35 9.74
C ASP F 162 -5.80 -18.01 8.87
N THR F 163 -4.75 -18.85 8.90
CA THR F 163 -3.51 -18.51 8.20
C THR F 163 -3.74 -18.23 6.70
N CYS F 164 -4.45 -19.12 6.02
CA CYS F 164 -4.74 -18.98 4.62
C CYS F 164 -5.45 -17.65 4.34
N VAL F 165 -6.43 -17.33 5.18
CA VAL F 165 -7.21 -16.12 4.94
C VAL F 165 -6.31 -14.91 5.10
N GLU F 166 -5.50 -14.93 6.15
CA GLU F 166 -4.68 -13.76 6.50
C GLU F 166 -3.63 -13.51 5.43
N TRP F 167 -3.08 -14.56 4.80
CA TRP F 167 -2.06 -14.32 3.77
C TRP F 167 -2.71 -13.90 2.46
N LEU F 168 -3.92 -14.42 2.19
CA LEU F 168 -4.69 -14.01 1.02
C LEU F 168 -4.89 -12.50 1.04
N HIS F 169 -5.29 -11.96 2.19
CA HIS F 169 -5.34 -10.52 2.38
C HIS F 169 -4.01 -9.87 1.98
N LYS F 170 -2.88 -10.39 2.46
CA LYS F 170 -1.60 -9.78 2.13
C LYS F 170 -1.38 -9.81 0.62
N TYR F 171 -1.62 -10.96 -0.02
CA TYR F 171 -1.37 -11.11 -1.44
C TYR F 171 -2.28 -10.20 -2.25
N LEU F 172 -3.57 -10.11 -1.92
CA LEU F 172 -4.50 -9.24 -2.63
C LEU F 172 -4.07 -7.78 -2.47
N GLU F 173 -3.44 -7.44 -1.34
CA GLU F 173 -2.91 -6.10 -1.17
C GLU F 173 -1.73 -5.86 -2.11
N LYS F 174 -0.76 -6.78 -2.19
CA LYS F 174 0.41 -6.57 -3.05
C LYS F 174 0.12 -6.70 -4.55
N GLY F 175 -0.86 -7.54 -4.95
CA GLY F 175 -1.20 -7.66 -6.36
C GLY F 175 -2.55 -7.02 -6.73
N LYS F 176 -2.92 -5.92 -6.05
CA LYS F 176 -4.17 -5.21 -6.23
C LYS F 176 -4.43 -4.86 -7.70
N GLU F 177 -3.43 -4.35 -8.40
CA GLU F 177 -3.58 -3.83 -9.76
C GLU F 177 -3.85 -4.93 -10.79
N THR F 178 -3.56 -6.19 -10.43
CA THR F 178 -3.73 -7.35 -11.30
C THR F 178 -4.93 -8.19 -10.83
N LEU F 179 -5.11 -8.29 -9.50
CA LEU F 179 -6.08 -9.21 -8.92
C LEU F 179 -7.43 -8.53 -8.76
N LEU F 180 -7.47 -7.21 -8.50
CA LEU F 180 -8.73 -6.52 -8.28
C LEU F 180 -9.12 -5.68 -9.48
N HIS F 181 -8.10 -5.09 -10.13
CA HIS F 181 -8.26 -4.31 -11.35
C HIS F 181 -8.17 -5.26 -12.53
N LEU F 182 -9.30 -5.85 -12.89
CA LEU F 182 -9.41 -6.95 -13.83
C LEU F 182 -9.11 -6.48 -15.26
N GLU F 183 -9.05 -7.42 -16.20
CA GLU F 183 -8.72 -7.10 -17.58
C GLU F 183 -9.86 -7.61 -18.47
N PRO F 184 -10.66 -6.70 -19.09
CA PRO F 184 -11.83 -7.11 -19.85
C PRO F 184 -11.34 -7.63 -21.19
N PRO F 185 -12.15 -8.41 -21.91
CA PRO F 185 -11.75 -8.97 -23.19
C PRO F 185 -11.71 -7.94 -24.31
N LYS F 186 -10.59 -7.90 -25.04
CA LYS F 186 -10.57 -7.37 -26.39
C LYS F 186 -11.29 -8.36 -27.33
N THR F 187 -12.14 -7.81 -28.20
CA THR F 187 -13.27 -8.54 -28.75
C THR F 187 -13.36 -8.22 -30.25
N HIS F 188 -13.40 -9.25 -31.10
CA HIS F 188 -13.61 -9.05 -32.53
C HIS F 188 -14.17 -10.31 -33.18
N VAL F 189 -14.83 -10.13 -34.34
CA VAL F 189 -15.40 -11.22 -35.11
C VAL F 189 -14.65 -11.31 -36.44
N THR F 190 -14.19 -12.52 -36.78
CA THR F 190 -13.59 -12.82 -38.09
C THR F 190 -14.57 -13.64 -38.93
N HIS F 191 -14.27 -13.73 -40.24
CA HIS F 191 -15.20 -14.28 -41.22
C HIS F 191 -14.45 -15.23 -42.16
N HIS F 192 -14.93 -16.46 -42.27
CA HIS F 192 -14.21 -17.46 -43.04
C HIS F 192 -15.22 -18.19 -43.93
N PRO F 193 -15.29 -17.80 -45.23
CA PRO F 193 -16.23 -18.39 -46.18
C PRO F 193 -15.78 -19.84 -46.34
N ILE F 194 -16.70 -20.79 -46.14
CA ILE F 194 -16.30 -22.18 -46.18
C ILE F 194 -16.73 -22.72 -47.54
N SER F 195 -18.01 -22.52 -47.92
CA SER F 195 -18.49 -22.90 -49.24
C SER F 195 -18.84 -21.66 -50.06
N ASP F 196 -19.99 -21.65 -50.73
CA ASP F 196 -20.53 -20.44 -51.35
C ASP F 196 -21.87 -20.07 -50.74
N HIS F 197 -22.47 -21.01 -50.01
CA HIS F 197 -23.76 -20.80 -49.39
C HIS F 197 -23.60 -20.64 -47.88
N GLU F 198 -22.34 -20.70 -47.38
CA GLU F 198 -22.08 -20.72 -45.95
C GLU F 198 -20.72 -20.08 -45.64
N ALA F 199 -20.61 -19.46 -44.44
CA ALA F 199 -19.34 -19.02 -43.85
C ALA F 199 -19.31 -19.33 -42.34
N THR F 200 -18.09 -19.33 -41.79
CA THR F 200 -17.92 -19.37 -40.34
C THR F 200 -17.75 -17.95 -39.80
N LEU F 201 -18.61 -17.53 -38.88
CA LEU F 201 -18.36 -16.34 -38.05
C LEU F 201 -17.66 -16.81 -36.78
N ARG F 202 -16.46 -16.27 -36.50
CA ARG F 202 -15.72 -16.61 -35.29
C ARG F 202 -15.65 -15.37 -34.39
N CYS F 203 -16.20 -15.49 -33.18
CA CYS F 203 -16.16 -14.40 -32.21
C CYS F 203 -14.98 -14.60 -31.26
N TRP F 204 -14.02 -13.67 -31.29
CA TRP F 204 -12.81 -13.78 -30.46
C TRP F 204 -12.93 -12.98 -29.16
N ALA F 205 -12.58 -13.56 -28.01
CA ALA F 205 -12.27 -12.76 -26.82
C ALA F 205 -10.81 -12.99 -26.43
N LEU F 206 -10.04 -11.91 -26.40
CA LEU F 206 -8.60 -11.97 -26.16
C LEU F 206 -8.17 -11.08 -24.97
N GLY F 207 -7.12 -11.51 -24.26
CA GLY F 207 -6.40 -10.67 -23.31
C GLY F 207 -7.13 -10.47 -21.98
N PHE F 208 -7.98 -11.41 -21.54
CA PHE F 208 -8.92 -11.16 -20.45
C PHE F 208 -8.45 -11.85 -19.17
N TYR F 209 -8.90 -11.30 -18.03
CA TYR F 209 -8.58 -11.80 -16.69
C TYR F 209 -9.68 -11.36 -15.75
N PRO F 210 -10.29 -12.23 -14.95
CA PRO F 210 -9.91 -13.63 -14.81
C PRO F 210 -10.43 -14.47 -15.95
N ALA F 211 -10.47 -15.80 -15.74
CA ALA F 211 -10.55 -16.75 -16.84
C ALA F 211 -12.00 -17.03 -17.23
N GLU F 212 -12.89 -17.06 -16.24
CA GLU F 212 -14.35 -17.15 -16.45
C GLU F 212 -14.85 -16.14 -17.49
N ILE F 213 -15.53 -16.65 -18.52
CA ILE F 213 -16.10 -15.82 -19.57
C ILE F 213 -17.29 -16.57 -20.17
N THR F 214 -18.24 -15.83 -20.75
CA THR F 214 -19.28 -16.43 -21.56
C THR F 214 -19.34 -15.78 -22.94
N LEU F 215 -19.26 -16.61 -23.98
CA LEU F 215 -19.36 -16.19 -25.36
C LEU F 215 -20.58 -16.87 -25.96
N THR F 216 -21.49 -16.08 -26.55
CA THR F 216 -22.76 -16.59 -27.03
C THR F 216 -23.02 -16.00 -28.41
N TRP F 217 -23.44 -16.86 -29.34
CA TRP F 217 -23.94 -16.42 -30.63
C TRP F 217 -25.46 -16.43 -30.58
N GLN F 218 -26.05 -15.34 -31.11
CA GLN F 218 -27.50 -15.25 -31.20
C GLN F 218 -27.91 -14.81 -32.61
N GLN F 219 -29.17 -15.15 -32.92
CA GLN F 219 -29.74 -14.96 -34.24
C GLN F 219 -31.05 -14.19 -34.10
N ASP F 220 -31.04 -12.93 -34.56
CA ASP F 220 -32.17 -12.01 -34.33
C ASP F 220 -32.52 -12.00 -32.85
N GLY F 221 -31.51 -12.01 -31.98
CA GLY F 221 -31.66 -11.98 -30.53
C GLY F 221 -32.30 -13.22 -29.90
N GLU F 222 -32.12 -14.42 -30.48
CA GLU F 222 -32.72 -15.67 -29.98
C GLU F 222 -31.75 -16.84 -30.15
N GLN F 226 -28.46 -24.45 -35.14
CA GLN F 226 -27.18 -24.19 -35.84
C GLN F 226 -25.98 -24.64 -35.02
N ASP F 227 -24.87 -24.81 -35.74
CA ASP F 227 -23.63 -25.31 -35.17
C ASP F 227 -22.98 -24.18 -34.37
N THR F 228 -22.78 -24.42 -33.06
CA THR F 228 -22.05 -23.53 -32.17
C THR F 228 -20.82 -24.23 -31.54
N GLU F 229 -19.67 -24.11 -32.21
CA GLU F 229 -18.39 -24.65 -31.77
C GLU F 229 -17.66 -23.67 -30.84
N LEU F 230 -17.27 -24.19 -29.67
CA LEU F 230 -16.70 -23.41 -28.58
C LEU F 230 -15.37 -24.02 -28.18
N VAL F 231 -14.26 -23.32 -28.36
CA VAL F 231 -12.97 -23.80 -27.88
C VAL F 231 -12.78 -23.53 -26.37
N GLU F 232 -12.00 -24.40 -25.73
CA GLU F 232 -11.70 -24.38 -24.30
C GLU F 232 -10.89 -23.14 -23.95
N THR F 233 -11.18 -22.49 -22.81
CA THR F 233 -10.51 -21.24 -22.49
C THR F 233 -9.02 -21.53 -22.33
N ARG F 234 -8.14 -20.70 -22.86
CA ARG F 234 -6.75 -21.10 -22.92
C ARG F 234 -5.89 -19.92 -22.50
N PRO F 235 -4.71 -20.19 -21.89
CA PRO F 235 -3.81 -19.11 -21.49
C PRO F 235 -2.99 -18.55 -22.65
N ALA F 236 -2.80 -17.24 -22.60
CA ALA F 236 -2.07 -16.48 -23.60
C ALA F 236 -0.58 -16.50 -23.27
N GLY F 237 -0.28 -16.87 -22.01
CA GLY F 237 1.08 -17.04 -21.51
C GLY F 237 1.62 -15.78 -20.83
N ASP F 238 0.80 -14.73 -20.78
CA ASP F 238 1.21 -13.50 -20.14
C ASP F 238 0.34 -13.24 -18.92
N GLY F 239 -0.42 -14.26 -18.50
CA GLY F 239 -1.30 -14.13 -17.36
C GLY F 239 -2.76 -13.84 -17.71
N THR F 240 -3.03 -13.65 -19.01
CA THR F 240 -4.40 -13.48 -19.47
C THR F 240 -4.83 -14.70 -20.29
N PHE F 241 -6.09 -14.69 -20.73
CA PHE F 241 -6.76 -15.86 -21.27
C PHE F 241 -7.40 -15.51 -22.61
N GLN F 242 -7.74 -16.54 -23.39
CA GLN F 242 -8.37 -16.42 -24.69
C GLN F 242 -9.48 -17.44 -24.85
N LYS F 243 -10.49 -17.07 -25.63
CA LYS F 243 -11.57 -17.99 -26.01
C LYS F 243 -12.14 -17.51 -27.33
N TRP F 244 -12.66 -18.45 -28.13
CA TRP F 244 -13.48 -18.07 -29.26
C TRP F 244 -14.71 -18.98 -29.37
N ALA F 245 -15.78 -18.39 -29.94
CA ALA F 245 -16.99 -19.13 -30.30
C ALA F 245 -17.29 -18.89 -31.79
N ALA F 246 -17.78 -19.94 -32.45
CA ALA F 246 -17.95 -19.93 -33.90
C ALA F 246 -19.32 -20.50 -34.26
N VAL F 247 -19.91 -19.91 -35.32
CA VAL F 247 -21.18 -20.33 -35.86
C VAL F 247 -21.02 -20.39 -37.38
N VAL F 248 -21.67 -21.38 -37.99
CA VAL F 248 -21.72 -21.47 -39.44
C VAL F 248 -23.03 -20.83 -39.88
N VAL F 249 -22.96 -19.92 -40.86
CA VAL F 249 -24.13 -19.12 -41.22
C VAL F 249 -24.37 -19.17 -42.73
N PRO F 250 -25.67 -19.10 -43.13
CA PRO F 250 -26.06 -18.85 -44.50
C PRO F 250 -25.40 -17.57 -45.02
N SER F 251 -24.50 -17.73 -45.99
CA SER F 251 -23.82 -16.61 -46.59
C SER F 251 -24.82 -15.58 -47.10
N GLY F 252 -24.48 -14.30 -46.86
CA GLY F 252 -25.32 -13.17 -47.17
C GLY F 252 -26.20 -12.78 -45.97
N GLU F 253 -26.30 -13.66 -44.96
CA GLU F 253 -27.18 -13.43 -43.82
C GLU F 253 -26.38 -13.23 -42.52
N GLU F 254 -25.12 -12.77 -42.66
CA GLU F 254 -24.19 -12.56 -41.55
C GLU F 254 -24.76 -11.60 -40.51
N GLN F 255 -25.44 -10.55 -40.99
CA GLN F 255 -25.80 -9.46 -40.11
C GLN F 255 -26.97 -9.83 -39.21
N ARG F 256 -27.51 -11.04 -39.32
CA ARG F 256 -28.58 -11.46 -38.41
C ARG F 256 -28.01 -12.07 -37.13
N TYR F 257 -26.67 -12.01 -37.00
CA TYR F 257 -25.94 -12.77 -36.00
C TYR F 257 -25.10 -11.87 -35.11
N THR F 258 -25.38 -11.97 -33.80
CA THR F 258 -24.71 -11.21 -32.75
C THR F 258 -24.00 -12.14 -31.78
N CYS F 259 -22.76 -11.76 -31.43
CA CYS F 259 -21.99 -12.41 -30.37
C CYS F 259 -22.10 -11.64 -29.05
N HIS F 260 -22.40 -12.35 -27.95
CA HIS F 260 -22.58 -11.76 -26.63
C HIS F 260 -21.49 -12.26 -25.68
N VAL F 261 -20.76 -11.30 -25.10
CA VAL F 261 -19.66 -11.56 -24.20
C VAL F 261 -19.98 -11.05 -22.81
N GLN F 262 -19.86 -11.94 -21.83
CA GLN F 262 -19.96 -11.62 -20.42
C GLN F 262 -18.61 -11.86 -19.74
N HIS F 263 -18.17 -10.85 -18.99
CA HIS F 263 -16.91 -10.95 -18.26
C HIS F 263 -16.92 -9.95 -17.10
N GLU F 264 -16.38 -10.37 -15.96
CA GLU F 264 -16.45 -9.60 -14.73
C GLU F 264 -15.73 -8.26 -14.91
N GLY F 265 -14.83 -8.19 -15.91
CA GLY F 265 -14.06 -6.98 -16.15
C GLY F 265 -14.74 -5.97 -17.05
N LEU F 266 -15.91 -6.31 -17.56
CA LEU F 266 -16.68 -5.41 -18.41
C LEU F 266 -17.68 -4.68 -17.55
N PRO F 267 -17.84 -3.35 -17.69
CA PRO F 267 -18.94 -2.63 -17.02
C PRO F 267 -20.28 -3.32 -17.24
N GLU F 268 -20.52 -3.75 -18.47
CA GLU F 268 -21.78 -4.29 -18.94
C GLU F 268 -21.47 -5.35 -19.99
N PRO F 269 -22.29 -6.42 -20.14
CA PRO F 269 -22.18 -7.36 -21.27
C PRO F 269 -22.03 -6.65 -22.60
N VAL F 270 -21.19 -7.16 -23.52
CA VAL F 270 -21.04 -6.50 -24.81
C VAL F 270 -21.54 -7.42 -25.91
N THR F 271 -21.92 -6.81 -27.03
CA THR F 271 -22.46 -7.55 -28.15
C THR F 271 -21.76 -7.00 -29.37
N LEU F 272 -21.47 -7.89 -30.31
CA LEU F 272 -20.71 -7.49 -31.48
C LEU F 272 -21.18 -8.32 -32.68
N ARG F 273 -20.75 -7.87 -33.87
CA ARG F 273 -21.22 -8.37 -35.15
C ARG F 273 -20.07 -8.33 -36.15
N TRP F 274 -20.19 -9.03 -37.26
CA TRP F 274 -19.15 -8.92 -38.27
C TRP F 274 -19.13 -7.50 -38.85
N LYS F 275 -17.95 -6.90 -38.96
CA LYS F 275 -17.78 -5.61 -39.61
C LYS F 275 -16.99 -5.85 -40.89
N PRO F 276 -17.67 -5.94 -42.05
CA PRO F 276 -17.02 -6.22 -43.33
C PRO F 276 -15.96 -5.20 -43.77
N MET G 1 -5.24 -47.11 -11.65
CA MET G 1 -4.32 -46.34 -12.53
C MET G 1 -5.14 -45.74 -13.67
N ILE G 2 -5.83 -44.62 -13.40
CA ILE G 2 -6.64 -43.98 -14.43
C ILE G 2 -5.68 -43.25 -15.39
N GLN G 3 -6.00 -43.22 -16.70
CA GLN G 3 -5.13 -42.59 -17.68
C GLN G 3 -5.97 -41.73 -18.61
N ARG G 4 -5.53 -40.48 -18.83
CA ARG G 4 -6.30 -39.59 -19.67
C ARG G 4 -5.38 -39.01 -20.74
N THR G 5 -5.88 -39.00 -21.97
CA THR G 5 -5.11 -38.49 -23.09
C THR G 5 -5.16 -36.98 -23.07
N PRO G 6 -4.06 -36.32 -23.48
CA PRO G 6 -4.05 -34.86 -23.54
C PRO G 6 -4.99 -34.34 -24.61
N LYS G 7 -5.53 -33.15 -24.33
CA LYS G 7 -6.13 -32.30 -25.34
C LYS G 7 -5.09 -31.27 -25.68
N ILE G 8 -5.09 -30.78 -26.93
CA ILE G 8 -4.03 -29.92 -27.42
C ILE G 8 -4.62 -28.72 -28.17
N GLN G 9 -4.05 -27.54 -27.94
CA GLN G 9 -4.33 -26.40 -28.80
C GLN G 9 -3.01 -25.74 -29.11
N VAL G 10 -2.90 -25.18 -30.33
CA VAL G 10 -1.74 -24.44 -30.77
C VAL G 10 -2.19 -23.07 -31.27
N TYR G 11 -1.49 -22.00 -30.91
CA TYR G 11 -2.02 -20.66 -31.15
C TYR G 11 -0.97 -19.63 -30.77
N SER G 12 -1.10 -18.44 -31.36
CA SER G 12 -0.25 -17.32 -30.99
C SER G 12 -0.88 -16.57 -29.79
N ARG G 13 0.00 -16.02 -28.95
CA ARG G 13 -0.43 -15.14 -27.88
C ARG G 13 -1.28 -13.99 -28.41
N HIS G 14 -0.78 -13.35 -29.48
CA HIS G 14 -1.44 -12.24 -30.14
C HIS G 14 -1.83 -12.63 -31.57
N PRO G 15 -2.84 -11.96 -32.18
CA PRO G 15 -3.14 -12.15 -33.60
C PRO G 15 -1.91 -11.96 -34.51
N ALA G 16 -1.80 -12.86 -35.49
CA ALA G 16 -0.58 -13.03 -36.24
C ALA G 16 -0.46 -11.90 -37.26
N GLU G 17 0.74 -11.33 -37.36
CA GLU G 17 1.08 -10.41 -38.42
C GLU G 17 2.47 -10.77 -38.96
N ASN G 18 2.57 -11.01 -40.27
CA ASN G 18 3.85 -11.44 -40.82
C ASN G 18 4.92 -10.40 -40.52
N GLY G 19 6.07 -10.88 -40.07
CA GLY G 19 7.20 -10.01 -39.83
C GLY G 19 7.17 -9.43 -38.42
N LYS G 20 6.08 -9.64 -37.68
CA LYS G 20 5.95 -9.04 -36.36
C LYS G 20 6.15 -10.11 -35.28
N SER G 21 6.95 -9.74 -34.28
CA SER G 21 7.33 -10.65 -33.23
C SER G 21 6.10 -11.05 -32.39
N ASN G 22 6.10 -12.26 -31.83
CA ASN G 22 4.91 -12.89 -31.27
C ASN G 22 5.35 -14.08 -30.41
N PHE G 23 4.39 -14.85 -29.89
CA PHE G 23 4.67 -16.08 -29.15
C PHE G 23 3.80 -17.18 -29.70
N LEU G 24 4.39 -18.38 -29.76
CA LEU G 24 3.68 -19.56 -30.25
C LEU G 24 3.44 -20.47 -29.05
N ASN G 25 2.18 -20.86 -28.88
CA ASN G 25 1.74 -21.57 -27.70
C ASN G 25 1.26 -22.98 -28.09
N CYS G 26 1.62 -23.95 -27.26
CA CYS G 26 0.96 -25.23 -27.25
C CYS G 26 0.45 -25.54 -25.83
N TYR G 27 -0.87 -25.67 -25.72
CA TYR G 27 -1.52 -25.90 -24.46
C TYR G 27 -2.02 -27.34 -24.43
N VAL G 28 -1.41 -28.13 -23.52
CA VAL G 28 -1.80 -29.51 -23.29
C VAL G 28 -2.43 -29.60 -21.91
N SER G 29 -3.54 -30.34 -21.84
CA SER G 29 -4.36 -30.37 -20.65
C SER G 29 -5.21 -31.64 -20.66
N GLY G 30 -5.77 -31.98 -19.49
CA GLY G 30 -6.70 -33.08 -19.38
C GLY G 30 -6.00 -34.42 -19.29
N PHE G 31 -4.66 -34.43 -19.09
CA PHE G 31 -3.89 -35.66 -19.19
C PHE G 31 -3.48 -36.19 -17.83
N HIS G 32 -3.24 -37.50 -17.79
CA HIS G 32 -2.76 -38.17 -16.60
C HIS G 32 -2.25 -39.54 -17.05
N PRO G 33 -1.06 -39.99 -16.62
CA PRO G 33 -0.19 -39.27 -15.67
C PRO G 33 0.50 -38.05 -16.28
N SER G 34 1.48 -37.50 -15.54
CA SER G 34 2.02 -36.17 -15.79
C SER G 34 3.20 -36.21 -16.75
N ASP G 35 3.86 -37.36 -16.87
CA ASP G 35 4.96 -37.48 -17.83
C ASP G 35 4.44 -37.16 -19.22
N ILE G 36 5.09 -36.21 -19.89
CA ILE G 36 4.68 -35.85 -21.23
C ILE G 36 5.90 -35.29 -21.96
N GLU G 37 5.92 -35.47 -23.30
CA GLU G 37 6.91 -34.81 -24.15
C GLU G 37 6.16 -33.94 -25.15
N VAL G 38 6.64 -32.71 -25.35
CA VAL G 38 6.00 -31.71 -26.19
C VAL G 38 7.11 -30.99 -27.00
N ASP G 39 7.02 -30.94 -28.34
CA ASP G 39 7.88 -30.05 -29.10
C ASP G 39 7.09 -29.09 -29.96
N LEU G 40 7.69 -27.93 -30.20
CA LEU G 40 7.20 -27.02 -31.20
C LEU G 40 8.04 -27.18 -32.47
N LEU G 41 7.37 -27.40 -33.60
CA LEU G 41 8.04 -27.60 -34.89
C LEU G 41 7.98 -26.36 -35.78
N LYS G 42 9.12 -25.99 -36.34
CA LYS G 42 9.19 -25.04 -37.45
C LYS G 42 9.58 -25.75 -38.73
N ASN G 43 8.60 -25.88 -39.64
CA ASN G 43 8.75 -26.62 -40.88
C ASN G 43 9.23 -28.03 -40.57
N GLY G 44 8.57 -28.70 -39.61
CA GLY G 44 8.84 -30.09 -39.28
C GLY G 44 10.12 -30.28 -38.47
N GLU G 45 10.91 -29.23 -38.24
CA GLU G 45 12.10 -29.31 -37.39
C GLU G 45 11.78 -28.81 -35.98
N ARG G 46 12.42 -29.44 -34.99
CA ARG G 46 12.22 -29.14 -33.59
C ARG G 46 12.83 -27.77 -33.28
N ILE G 47 12.06 -26.87 -32.69
CA ILE G 47 12.59 -25.60 -32.20
C ILE G 47 13.35 -25.90 -30.92
N GLU G 48 14.42 -25.17 -30.60
CA GLU G 48 15.18 -25.45 -29.39
C GLU G 48 14.94 -24.30 -28.41
N LYS G 49 15.13 -24.53 -27.10
CA LYS G 49 14.95 -23.48 -26.10
C LYS G 49 13.49 -23.03 -25.96
N VAL G 50 12.55 -23.92 -26.24
CA VAL G 50 11.14 -23.80 -25.87
C VAL G 50 11.01 -23.87 -24.36
N GLU G 51 10.19 -22.99 -23.79
CA GLU G 51 10.00 -22.98 -22.36
C GLU G 51 8.61 -23.53 -22.07
N HIS G 52 8.35 -23.82 -20.79
CA HIS G 52 7.04 -24.28 -20.38
C HIS G 52 6.71 -23.82 -18.94
N SER G 53 5.43 -23.94 -18.60
CA SER G 53 4.86 -23.49 -17.34
C SER G 53 5.07 -24.58 -16.28
N ASP G 54 4.74 -24.21 -15.02
CA ASP G 54 4.88 -25.04 -13.84
C ASP G 54 3.73 -26.03 -13.77
N LEU G 55 4.05 -27.31 -13.59
CA LEU G 55 3.04 -28.35 -13.62
C LEU G 55 1.95 -28.10 -12.56
N SER G 56 0.70 -28.02 -13.04
CA SER G 56 -0.48 -27.75 -12.21
C SER G 56 -1.58 -28.68 -12.68
N PHE G 57 -2.66 -28.78 -11.88
CA PHE G 57 -3.78 -29.61 -12.25
C PHE G 57 -5.14 -28.96 -11.97
N SER G 58 -6.14 -29.51 -12.66
CA SER G 58 -7.53 -29.12 -12.66
C SER G 58 -8.31 -29.83 -11.55
N LYS G 59 -9.61 -29.53 -11.48
CA LYS G 59 -10.45 -30.04 -10.41
C LYS G 59 -10.45 -31.56 -10.45
N ASP G 60 -10.41 -32.12 -11.67
CA ASP G 60 -10.49 -33.56 -11.92
C ASP G 60 -9.14 -34.25 -11.79
N TRP G 61 -8.10 -33.55 -11.31
CA TRP G 61 -6.77 -34.12 -11.11
C TRP G 61 -5.94 -34.16 -12.41
N SER G 62 -6.57 -33.90 -13.55
CA SER G 62 -5.88 -33.95 -14.83
C SER G 62 -4.91 -32.77 -14.93
N PHE G 63 -3.75 -33.02 -15.55
CA PHE G 63 -2.68 -32.03 -15.57
C PHE G 63 -2.88 -31.05 -16.71
N TYR G 64 -2.25 -29.86 -16.60
CA TYR G 64 -2.16 -28.94 -17.72
C TYR G 64 -0.78 -28.29 -17.73
N LEU G 65 -0.34 -27.95 -18.96
CA LEU G 65 0.93 -27.27 -19.19
C LEU G 65 0.81 -26.39 -20.41
N LEU G 66 1.55 -25.26 -20.37
CA LEU G 66 1.75 -24.46 -21.56
C LEU G 66 3.23 -24.46 -21.98
N TYR G 67 3.49 -24.85 -23.25
CA TYR G 67 4.80 -24.72 -23.90
C TYR G 67 4.76 -23.52 -24.84
N TYR G 68 5.79 -22.71 -24.88
CA TYR G 68 5.75 -21.49 -25.64
C TYR G 68 7.15 -21.11 -26.14
N THR G 69 7.21 -20.32 -27.22
CA THR G 69 8.47 -19.78 -27.71
C THR G 69 8.21 -18.48 -28.48
N GLU G 70 9.16 -17.54 -28.41
CA GLU G 70 9.08 -16.32 -29.20
C GLU G 70 9.19 -16.72 -30.67
N PHE G 71 8.42 -16.07 -31.56
CA PHE G 71 8.57 -16.32 -32.98
C PHE G 71 8.05 -15.18 -33.81
N THR G 72 8.50 -15.18 -35.06
CA THR G 72 8.02 -14.25 -36.06
C THR G 72 7.42 -15.02 -37.21
N PRO G 73 6.09 -15.08 -37.29
CA PRO G 73 5.41 -15.74 -38.40
C PRO G 73 5.71 -15.02 -39.72
N THR G 74 5.61 -15.79 -40.80
CA THR G 74 5.77 -15.34 -42.17
C THR G 74 4.64 -16.01 -42.94
N GLU G 75 4.39 -15.62 -44.21
CA GLU G 75 3.27 -16.28 -44.90
C GLU G 75 3.63 -17.74 -45.17
N LYS G 76 4.93 -18.03 -45.25
CA LYS G 76 5.40 -19.31 -45.76
C LYS G 76 5.56 -20.34 -44.64
N ASP G 77 6.12 -19.91 -43.49
CA ASP G 77 6.63 -20.85 -42.51
C ASP G 77 5.47 -21.57 -41.84
N GLU G 78 5.64 -22.87 -41.64
CA GLU G 78 4.65 -23.71 -40.99
C GLU G 78 5.14 -24.10 -39.60
N TYR G 79 4.22 -24.13 -38.65
CA TYR G 79 4.57 -24.38 -37.26
C TYR G 79 3.59 -25.43 -36.77
N ALA G 80 4.05 -26.34 -35.91
CA ALA G 80 3.12 -27.27 -35.31
C ALA G 80 3.57 -27.64 -33.90
N CYS G 81 2.75 -28.47 -33.26
CA CYS G 81 3.02 -28.97 -31.93
C CYS G 81 2.97 -30.50 -31.94
N ARG G 82 4.06 -31.12 -31.49
CA ARG G 82 4.15 -32.57 -31.39
C ARG G 82 4.08 -32.97 -29.92
N VAL G 83 3.11 -33.84 -29.60
CA VAL G 83 2.89 -34.27 -28.23
C VAL G 83 2.94 -35.78 -28.15
N ASN G 84 3.61 -36.28 -27.11
CA ASN G 84 3.63 -37.71 -26.86
C ASN G 84 3.41 -37.98 -25.36
N HIS G 85 2.70 -39.06 -25.11
CA HIS G 85 2.17 -39.38 -23.80
C HIS G 85 1.91 -40.88 -23.78
N VAL G 86 1.95 -41.48 -22.60
CA VAL G 86 1.75 -42.91 -22.50
C VAL G 86 0.45 -43.38 -23.16
N THR G 87 -0.52 -42.47 -23.36
CA THR G 87 -1.85 -42.87 -23.82
C THR G 87 -1.90 -42.92 -25.35
N LEU G 88 -0.81 -42.57 -26.03
CA LEU G 88 -0.82 -42.45 -27.48
C LEU G 88 0.07 -43.53 -28.11
N SER G 89 -0.42 -44.13 -29.22
CA SER G 89 0.35 -45.09 -30.00
C SER G 89 1.54 -44.41 -30.70
N GLN G 90 1.37 -43.12 -31.02
CA GLN G 90 2.44 -42.37 -31.63
C GLN G 90 2.24 -40.89 -31.34
N PRO G 91 3.32 -40.06 -31.41
CA PRO G 91 3.20 -38.61 -31.37
C PRO G 91 1.94 -38.14 -32.07
N LYS G 92 1.20 -37.23 -31.44
CA LYS G 92 0.19 -36.46 -32.13
C LYS G 92 0.81 -35.12 -32.47
N ILE G 93 0.56 -34.71 -33.70
CA ILE G 93 1.07 -33.45 -34.23
C ILE G 93 -0.14 -32.59 -34.52
N VAL G 94 -0.10 -31.31 -34.11
CA VAL G 94 -1.19 -30.40 -34.44
C VAL G 94 -0.58 -29.15 -35.07
N LYS G 95 -1.10 -28.78 -36.26
CA LYS G 95 -0.52 -27.68 -37.01
C LYS G 95 -1.05 -26.35 -36.47
N TRP G 96 -0.16 -25.36 -36.39
CA TRP G 96 -0.58 -24.03 -36.04
C TRP G 96 -1.39 -23.46 -37.19
N ASP G 97 -2.66 -23.13 -36.90
CA ASP G 97 -3.50 -22.39 -37.81
C ASP G 97 -3.82 -21.04 -37.19
N ARG G 98 -3.43 -19.97 -37.89
CA ARG G 98 -3.43 -18.64 -37.31
C ARG G 98 -4.85 -18.11 -37.18
N ASP G 99 -5.86 -18.77 -37.75
CA ASP G 99 -7.23 -18.31 -37.62
C ASP G 99 -7.95 -19.10 -36.53
N MET G 100 -7.21 -19.78 -35.67
CA MET G 100 -7.85 -20.61 -34.66
C MET G 100 -7.10 -20.54 -33.32
N ILE H 1 0.69 -18.38 2.06
CA ILE H 1 1.82 -19.28 2.33
C ILE H 1 1.36 -20.73 2.28
N LEU H 2 2.36 -21.60 2.17
CA LEU H 2 2.12 -23.04 2.24
C LEU H 2 1.56 -23.38 3.60
N ASN H 3 0.79 -24.44 3.59
CA ASN H 3 0.28 -25.06 4.80
C ASN H 3 1.39 -25.65 5.66
N PRO H 4 1.48 -25.29 6.98
CA PRO H 4 2.45 -25.91 7.88
C PRO H 4 2.08 -27.28 8.41
N PHE H 5 0.82 -27.72 8.23
CA PHE H 5 0.37 -28.96 8.82
C PHE H 5 0.24 -29.98 7.68
N LEU H 6 0.91 -31.12 7.85
CA LEU H 6 1.20 -32.09 6.80
C LEU H 6 0.66 -33.45 7.24
N PRO H 7 -0.51 -33.83 6.72
CA PRO H 7 -1.10 -35.13 7.04
C PRO H 7 -0.18 -36.28 6.63
N LEU H 8 -0.09 -37.26 7.54
CA LEU H 8 0.50 -38.58 7.33
C LEU H 8 -0.59 -39.59 7.02
N LEU H 9 -0.53 -40.12 5.79
CA LEU H 9 -1.53 -41.03 5.25
C LEU H 9 -1.20 -42.45 5.71
N LYS I 3 12.25 -13.02 26.44
CA LYS I 3 11.79 -14.37 25.99
C LYS I 3 10.66 -14.22 24.96
N GLU I 4 10.72 -15.07 23.93
CA GLU I 4 9.72 -15.19 22.89
C GLU I 4 8.38 -15.58 23.51
N VAL I 5 8.39 -16.58 24.40
CA VAL I 5 7.19 -17.02 25.07
C VAL I 5 7.29 -16.59 26.53
N GLU I 6 6.36 -15.71 26.96
CA GLU I 6 6.36 -15.16 28.32
C GLU I 6 5.27 -15.78 29.18
N GLN I 7 5.66 -16.39 30.29
CA GLN I 7 4.79 -16.77 31.39
C GLN I 7 5.35 -16.17 32.69
N ASN I 8 4.49 -15.74 33.61
CA ASN I 8 5.00 -15.38 34.93
C ASN I 8 5.39 -16.66 35.68
N SER I 9 6.57 -16.67 36.35
CA SER I 9 7.02 -17.90 37.02
C SER I 9 6.25 -18.16 38.31
N GLY I 10 5.70 -17.08 38.88
CA GLY I 10 4.86 -17.17 40.07
C GLY I 10 5.76 -17.37 41.27
N PRO I 11 5.50 -18.36 42.14
CA PRO I 11 4.35 -19.24 42.01
C PRO I 11 3.02 -18.59 42.31
N LEU I 12 1.94 -19.30 41.97
CA LEU I 12 0.57 -18.87 42.18
C LEU I 12 -0.08 -19.88 43.11
N SER I 13 -0.90 -19.38 44.03
CA SER I 13 -1.73 -20.18 44.91
C SER I 13 -3.15 -20.15 44.40
N VAL I 14 -3.80 -21.28 44.53
CA VAL I 14 -5.24 -21.31 44.34
C VAL I 14 -5.76 -22.16 45.49
N PRO I 15 -6.86 -21.74 46.15
CA PRO I 15 -7.51 -22.61 47.13
C PRO I 15 -8.02 -23.83 46.39
N GLU I 16 -7.94 -24.98 47.06
CA GLU I 16 -8.45 -26.23 46.53
C GLU I 16 -9.94 -26.07 46.30
N GLY I 17 -10.42 -26.54 45.13
CA GLY I 17 -11.83 -26.36 44.77
C GLY I 17 -12.07 -25.11 43.90
N ALA I 18 -11.20 -24.10 44.04
CA ALA I 18 -11.36 -22.86 43.29
C ALA I 18 -10.79 -23.00 41.84
N ILE I 19 -10.94 -21.95 41.03
CA ILE I 19 -10.51 -21.96 39.64
C ILE I 19 -9.09 -21.42 39.50
N ALA I 20 -8.22 -22.17 38.83
CA ALA I 20 -6.89 -21.65 38.52
C ALA I 20 -6.88 -21.09 37.10
N SER I 21 -6.22 -19.94 36.90
CA SER I 21 -6.07 -19.39 35.55
C SER I 21 -4.59 -19.08 35.28
N LEU I 22 -4.11 -19.52 34.13
CA LEU I 22 -2.71 -19.39 33.77
C LEU I 22 -2.67 -18.62 32.45
N ASN I 23 -1.72 -17.70 32.27
CA ASN I 23 -1.68 -16.98 31.03
C ASN I 23 -0.30 -17.07 30.40
N CYS I 24 -0.29 -16.83 29.09
CA CYS I 24 0.87 -16.97 28.23
C CYS I 24 0.78 -15.97 27.10
N THR I 25 1.84 -15.19 26.86
CA THR I 25 1.91 -14.35 25.67
C THR I 25 3.12 -14.73 24.82
N TYR I 26 3.09 -14.33 23.52
CA TYR I 26 4.14 -14.70 22.59
C TYR I 26 4.31 -13.57 21.58
N SER I 27 5.54 -13.36 21.16
CA SER I 27 5.89 -12.21 20.37
C SER I 27 5.64 -12.39 18.87
N ASP I 28 5.58 -13.61 18.29
CA ASP I 28 5.66 -13.72 16.82
C ASP I 28 4.31 -14.09 16.22
N ARG I 29 3.72 -13.16 15.44
CA ARG I 29 2.46 -13.35 14.72
C ARG I 29 2.44 -14.61 13.86
N GLY I 30 3.62 -15.15 13.55
CA GLY I 30 3.71 -16.29 12.65
C GLY I 30 3.52 -17.62 13.39
N SER I 31 3.18 -17.56 14.68
CA SER I 31 2.94 -18.77 15.47
C SER I 31 1.59 -19.38 15.06
N VAL I 32 1.50 -20.73 15.03
CA VAL I 32 0.31 -21.40 14.49
C VAL I 32 -0.10 -22.63 15.28
N SER I 33 0.66 -23.02 16.28
CA SER I 33 0.26 -24.10 17.19
C SER I 33 0.56 -23.68 18.64
N PHE I 34 -0.28 -24.12 19.59
CA PHE I 34 -0.14 -23.69 20.97
C PHE I 34 -0.40 -24.87 21.90
N PHE I 35 0.44 -25.00 22.93
CA PHE I 35 0.38 -26.17 23.80
C PHE I 35 0.51 -25.77 25.27
N TRP I 36 -0.17 -26.54 26.13
CA TRP I 36 -0.01 -26.47 27.58
C TRP I 36 0.53 -27.81 28.08
N TYR I 37 1.72 -27.77 28.64
CA TYR I 37 2.34 -28.95 29.21
C TYR I 37 2.35 -28.79 30.72
N ARG I 38 2.17 -29.91 31.41
CA ARG I 38 2.31 -29.97 32.85
C ARG I 38 3.57 -30.75 33.24
N GLN I 39 4.32 -30.24 34.20
CA GLN I 39 5.50 -30.93 34.68
C GLN I 39 5.40 -31.03 36.20
N TYR I 40 5.45 -32.25 36.74
CA TYR I 40 5.71 -32.47 38.15
C TYR I 40 7.20 -32.42 38.40
N SER I 41 7.60 -31.91 39.55
CA SER I 41 8.99 -31.54 39.75
C SER I 41 9.89 -32.73 39.40
N GLY I 42 10.98 -32.48 38.67
CA GLY I 42 11.88 -33.52 38.21
C GLY I 42 11.16 -34.63 37.42
N LYS I 43 10.34 -34.24 36.43
CA LYS I 43 9.60 -35.22 35.65
C LYS I 43 9.46 -34.65 34.24
N SER I 44 8.91 -35.45 33.32
CA SER I 44 8.95 -35.04 31.95
C SER I 44 7.65 -34.31 31.65
N PRO I 45 7.66 -33.32 30.74
CA PRO I 45 6.47 -32.53 30.46
C PRO I 45 5.43 -33.44 29.86
N GLU I 46 4.19 -33.31 30.33
CA GLU I 46 3.12 -34.18 29.89
C GLU I 46 2.09 -33.22 29.30
N LEU I 47 1.46 -33.59 28.18
CA LEU I 47 0.66 -32.64 27.45
C LEU I 47 -0.71 -32.60 28.07
N ILE I 48 -1.22 -31.40 28.35
CA ILE I 48 -2.56 -31.22 28.85
C ILE I 48 -3.45 -30.94 27.68
N MET I 49 -3.10 -29.92 26.91
CA MET I 49 -4.00 -29.53 25.84
C MET I 49 -3.22 -28.83 24.74
N SER I 50 -3.70 -29.08 23.52
CA SER I 50 -3.29 -28.41 22.31
C SER I 50 -4.36 -27.42 21.90
N ILE I 51 -3.99 -26.30 21.27
CA ILE I 51 -5.01 -25.51 20.60
C ILE I 51 -4.42 -24.82 19.38
N TYR I 52 -5.25 -24.69 18.33
CA TYR I 52 -4.85 -24.23 17.00
C TYR I 52 -5.81 -23.18 16.43
N LEU I 53 -7.13 -23.27 16.67
CA LEU I 53 -8.07 -22.25 16.20
C LEU I 53 -8.35 -21.25 17.29
N ASN I 54 -8.54 -19.98 16.94
CA ASN I 54 -8.96 -19.01 17.94
C ASN I 54 -10.26 -19.44 18.58
N GLY I 55 -10.35 -19.22 19.88
CA GLY I 55 -11.56 -19.43 20.62
C GLY I 55 -11.27 -20.28 21.84
N LEU I 56 -12.27 -21.10 22.18
CA LEU I 56 -12.25 -21.87 23.41
C LEU I 56 -12.13 -23.33 23.08
N LYS I 57 -11.53 -24.09 23.98
CA LYS I 57 -11.45 -25.51 23.76
C LYS I 57 -11.45 -26.16 25.13
N GLU I 58 -12.30 -27.17 25.30
CA GLU I 58 -12.70 -27.69 26.58
C GLU I 58 -12.35 -29.17 26.65
N ASP I 59 -11.92 -29.64 27.81
CA ASP I 59 -11.58 -31.04 27.99
C ASP I 59 -11.56 -31.31 29.49
N GLY I 60 -12.67 -31.87 29.98
CA GLY I 60 -12.81 -32.15 31.40
C GLY I 60 -12.80 -30.85 32.19
N ARG I 61 -11.86 -30.75 33.13
CA ARG I 61 -11.76 -29.60 34.02
C ARG I 61 -10.99 -28.48 33.32
N PHE I 62 -10.45 -28.76 32.13
CA PHE I 62 -9.51 -27.85 31.48
C PHE I 62 -10.16 -27.13 30.33
N THR I 63 -10.00 -25.80 30.29
CA THR I 63 -10.39 -25.00 29.15
C THR I 63 -9.19 -24.21 28.68
N ALA I 64 -8.98 -24.14 27.36
CA ALA I 64 -7.94 -23.28 26.82
C ALA I 64 -8.62 -22.24 25.97
N GLN I 65 -8.11 -21.02 26.07
CA GLN I 65 -8.54 -19.94 25.21
C GLN I 65 -7.30 -19.47 24.42
N LEU I 66 -7.47 -19.34 23.10
CA LEU I 66 -6.43 -18.84 22.21
C LEU I 66 -6.93 -17.56 21.58
N ASN I 67 -6.11 -16.51 21.56
CA ASN I 67 -6.46 -15.38 20.70
C ASN I 67 -5.24 -14.92 19.90
N LYS I 68 -5.18 -15.25 18.60
CA LYS I 68 -3.98 -15.00 17.81
C LYS I 68 -3.80 -13.53 17.50
N ALA I 69 -4.91 -12.78 17.39
CA ALA I 69 -4.81 -11.34 17.20
C ALA I 69 -4.16 -10.67 18.40
N SER I 70 -4.34 -11.21 19.62
CA SER I 70 -3.79 -10.56 20.81
C SER I 70 -2.56 -11.27 21.32
N GLN I 71 -2.26 -12.41 20.69
CA GLN I 71 -1.03 -13.16 20.91
C GLN I 71 -0.95 -13.55 22.37
N TYR I 72 -1.96 -14.27 22.83
CA TYR I 72 -1.96 -14.89 24.16
C TYR I 72 -2.71 -16.19 24.05
N VAL I 73 -2.29 -17.13 24.89
CA VAL I 73 -3.10 -18.29 25.13
C VAL I 73 -3.25 -18.41 26.63
N SER I 74 -4.37 -18.97 27.07
CA SER I 74 -4.51 -19.19 28.50
C SER I 74 -5.03 -20.60 28.79
N LEU I 75 -4.87 -21.02 30.05
CA LEU I 75 -5.43 -22.26 30.56
C LEU I 75 -6.24 -21.96 31.82
N LEU I 76 -7.41 -22.58 31.88
CA LEU I 76 -8.29 -22.52 33.03
C LEU I 76 -8.45 -23.93 33.61
N ILE I 77 -8.26 -24.07 34.92
CA ILE I 77 -8.49 -25.33 35.63
C ILE I 77 -9.66 -25.16 36.61
N ARG I 78 -10.76 -25.86 36.33
CA ARG I 78 -11.88 -25.92 37.26
C ARG I 78 -11.56 -26.91 38.39
N ASP I 79 -11.97 -26.54 39.60
CA ASP I 79 -12.14 -27.47 40.71
C ASP I 79 -10.78 -28.06 41.04
N SER I 80 -9.88 -27.15 41.39
CA SER I 80 -8.46 -27.42 41.57
C SER I 80 -8.23 -28.46 42.66
N GLN I 81 -7.36 -29.42 42.33
CA GLN I 81 -7.04 -30.51 43.21
C GLN I 81 -5.54 -30.50 43.50
N PRO I 82 -5.12 -31.10 44.62
CA PRO I 82 -3.70 -31.21 44.96
C PRO I 82 -2.86 -31.73 43.81
N SER I 83 -3.43 -32.60 42.98
CA SER I 83 -2.69 -33.25 41.90
C SER I 83 -2.40 -32.27 40.76
N ASP I 84 -3.13 -31.14 40.72
CA ASP I 84 -2.91 -30.05 39.79
C ASP I 84 -1.71 -29.18 40.22
N SER I 85 -1.08 -29.46 41.36
CA SER I 85 0.11 -28.71 41.74
C SER I 85 1.27 -29.16 40.86
N ALA I 86 1.87 -28.21 40.16
CA ALA I 86 2.80 -28.51 39.09
C ALA I 86 3.28 -27.25 38.43
N THR I 87 4.26 -27.42 37.53
CA THR I 87 4.70 -26.37 36.63
C THR I 87 3.91 -26.53 35.33
N TYR I 88 3.25 -25.44 34.91
CA TYR I 88 2.52 -25.43 33.65
C TYR I 88 3.40 -24.71 32.65
N LEU I 89 3.75 -25.41 31.55
CA LEU I 89 4.63 -24.86 30.51
C LEU I 89 3.78 -24.53 29.30
N CYS I 90 3.94 -23.31 28.80
CA CYS I 90 3.34 -22.90 27.54
C CYS I 90 4.32 -23.11 26.38
N ALA I 91 3.84 -23.64 25.26
CA ALA I 91 4.70 -23.79 24.10
C ALA I 91 3.99 -23.31 22.85
N VAL I 92 4.75 -22.69 21.93
CA VAL I 92 4.23 -22.30 20.62
C VAL I 92 5.08 -22.94 19.51
N GLY I 93 4.41 -23.24 18.39
CA GLY I 93 5.04 -23.54 17.11
C GLY I 93 5.19 -22.28 16.25
N ASN I 94 6.44 -21.80 16.15
CA ASN I 94 6.73 -20.60 15.39
C ASN I 94 7.10 -20.99 13.94
N HIS I 95 6.21 -20.67 12.99
CA HIS I 95 6.34 -21.14 11.62
C HIS I 95 7.31 -20.26 10.85
N ASN I 96 7.58 -19.06 11.39
CA ASN I 96 8.59 -18.18 10.83
C ASN I 96 10.00 -18.70 11.11
N THR I 97 10.23 -19.31 12.28
CA THR I 97 11.60 -19.69 12.61
C THR I 97 11.82 -21.20 12.49
N GLY I 98 10.79 -22.01 12.77
CA GLY I 98 10.76 -23.42 12.41
C GLY I 98 11.43 -24.31 13.45
N ASN I 99 11.79 -23.77 14.60
CA ASN I 99 12.59 -24.54 15.55
C ASN I 99 11.73 -25.38 16.48
N MET I 100 11.12 -26.43 15.91
CA MET I 100 10.22 -27.28 16.67
C MET I 100 9.39 -26.40 17.60
N LEU I 101 9.22 -26.77 18.89
CA LEU I 101 8.37 -25.99 19.78
C LEU I 101 9.21 -25.07 20.65
N THR I 102 8.76 -23.82 20.78
CA THR I 102 9.38 -22.86 21.67
C THR I 102 8.59 -22.77 23.00
N PHE I 103 9.31 -22.89 24.13
CA PHE I 103 8.71 -23.00 25.44
C PHE I 103 8.92 -21.71 26.22
N GLY I 104 7.90 -21.38 27.00
CA GLY I 104 8.06 -20.32 27.97
C GLY I 104 8.78 -20.82 29.20
N GLY I 105 9.06 -19.87 30.11
CA GLY I 105 9.74 -20.16 31.36
C GLY I 105 8.91 -20.97 32.36
N GLY I 106 7.60 -21.19 32.15
CA GLY I 106 6.80 -22.06 33.02
C GLY I 106 6.19 -21.31 34.22
N THR I 107 4.97 -21.67 34.61
CA THR I 107 4.36 -21.08 35.79
C THR I 107 4.10 -22.16 36.82
N ARG I 108 4.59 -21.97 38.04
CA ARG I 108 4.41 -22.95 39.09
C ARG I 108 3.13 -22.63 39.86
N LEU I 109 2.22 -23.63 39.95
CA LEU I 109 0.95 -23.51 40.63
C LEU I 109 0.93 -24.37 41.89
N MET I 110 0.49 -23.77 43.02
CA MET I 110 0.26 -24.50 44.26
C MET I 110 -1.22 -24.47 44.60
N VAL I 111 -1.88 -25.62 44.57
CA VAL I 111 -3.24 -25.75 45.08
C VAL I 111 -3.17 -25.89 46.60
N LYS I 112 -3.68 -24.91 47.35
CA LYS I 112 -3.54 -24.89 48.81
C LYS I 112 -4.83 -25.43 49.42
N PRO I 113 -4.76 -26.50 50.25
CA PRO I 113 -5.96 -27.05 50.89
C PRO I 113 -6.29 -26.28 52.16
N HIS I 114 -7.57 -26.32 52.56
CA HIS I 114 -7.98 -25.68 53.80
C HIS I 114 -7.56 -26.54 54.99
N ILE I 115 -6.71 -26.04 55.85
CA ILE I 115 -6.51 -26.68 57.15
C ILE I 115 -7.73 -26.46 58.04
N GLN I 116 -8.39 -27.57 58.43
CA GLN I 116 -9.62 -27.58 59.22
C GLN I 116 -9.41 -26.97 60.61
N ASN I 117 -8.39 -27.44 61.35
CA ASN I 117 -8.21 -27.07 62.75
C ASN I 117 -6.75 -26.70 63.03
N PRO I 118 -6.32 -25.50 62.62
CA PRO I 118 -4.91 -25.12 62.74
C PRO I 118 -4.48 -25.06 64.19
N ASP I 119 -3.31 -25.64 64.48
CA ASP I 119 -2.76 -25.72 65.82
C ASP I 119 -1.24 -25.59 65.68
N PRO I 120 -0.77 -24.39 65.26
CA PRO I 120 0.67 -24.19 65.02
C PRO I 120 1.44 -24.72 66.22
N ALA I 121 2.35 -25.67 66.00
CA ALA I 121 3.13 -26.27 67.07
C ALA I 121 4.55 -26.56 66.58
N VAL I 122 5.53 -26.42 67.46
CA VAL I 122 6.91 -26.83 67.19
C VAL I 122 7.26 -27.99 68.13
N TYR I 123 7.64 -29.14 67.59
CA TYR I 123 8.08 -30.28 68.38
C TYR I 123 9.58 -30.49 68.19
N GLN I 124 10.16 -31.46 68.90
CA GLN I 124 11.57 -31.73 68.80
C GLN I 124 11.83 -33.23 68.68
N LEU I 125 12.68 -33.57 67.72
CA LEU I 125 12.98 -34.94 67.36
C LEU I 125 14.50 -35.13 67.49
N ARG I 126 14.94 -36.00 68.41
CA ARG I 126 16.37 -36.31 68.55
C ARG I 126 16.66 -37.59 67.78
N ASP I 127 17.94 -37.81 67.42
CA ASP I 127 18.35 -38.88 66.52
C ASP I 127 18.04 -40.24 67.15
N SER I 128 17.54 -41.19 66.34
CA SER I 128 17.23 -42.55 66.81
C SER I 128 18.51 -43.29 67.21
N LYS I 129 19.68 -42.85 66.69
CA LYS I 129 20.99 -43.32 67.14
C LYS I 129 21.73 -42.18 67.85
N SER I 130 21.20 -41.77 69.03
CA SER I 130 21.71 -40.73 69.96
C SER I 130 20.80 -39.48 69.92
N SER I 134 19.70 -34.10 66.43
CA SER I 134 18.33 -33.59 66.74
C SER I 134 17.81 -32.63 65.66
N VAL I 135 16.46 -32.60 65.50
CA VAL I 135 15.77 -31.86 64.44
C VAL I 135 14.45 -31.31 64.99
N CYS I 136 14.04 -30.14 64.48
CA CYS I 136 12.84 -29.45 64.94
C CYS I 136 11.74 -29.53 63.89
N LEU I 137 10.49 -29.79 64.33
CA LEU I 137 9.36 -29.92 63.41
C LEU I 137 8.30 -28.86 63.71
N PHE I 138 8.16 -27.87 62.81
CA PHE I 138 7.01 -26.98 62.77
C PHE I 138 5.88 -27.63 61.98
N THR I 139 4.72 -27.90 62.61
CA THR I 139 3.61 -28.60 61.98
C THR I 139 2.24 -28.00 62.36
N ASP I 140 1.20 -28.44 61.62
CA ASP I 140 -0.21 -28.22 61.89
C ASP I 140 -0.61 -26.75 61.78
N PHE I 141 0.18 -25.97 61.02
CA PHE I 141 -0.17 -24.59 60.71
C PHE I 141 -1.06 -24.56 59.47
N ASP I 142 -1.68 -23.39 59.24
CA ASP I 142 -2.59 -23.14 58.13
C ASP I 142 -1.80 -22.85 56.85
N SER I 143 -2.50 -22.87 55.71
CA SER I 143 -1.81 -22.81 54.42
C SER I 143 -1.40 -21.38 54.06
N GLN I 144 -1.78 -20.41 54.90
CA GLN I 144 -1.47 -19.02 54.72
C GLN I 144 -0.19 -18.64 55.44
N THR I 145 0.32 -19.56 56.28
CA THR I 145 1.52 -19.30 57.07
C THR I 145 2.77 -19.64 56.26
N ASN I 146 3.66 -18.65 56.20
CA ASN I 146 4.95 -18.76 55.55
C ASN I 146 5.98 -19.19 56.57
N VAL I 147 7.01 -19.90 56.10
CA VAL I 147 8.06 -20.42 56.94
C VAL I 147 9.36 -19.72 56.55
N SER I 148 9.89 -18.88 57.45
CA SER I 148 10.96 -17.94 57.11
C SER I 148 12.28 -18.69 56.93
N GLN I 149 13.36 -17.94 56.68
CA GLN I 149 14.66 -18.56 56.53
C GLN I 149 15.69 -17.82 57.39
N ASP I 152 20.19 -17.96 58.89
CA ASP I 152 21.60 -17.77 59.35
C ASP I 152 22.47 -18.95 58.87
N SER I 153 23.78 -18.91 59.18
CA SER I 153 24.78 -19.70 58.49
C SER I 153 24.73 -21.19 58.82
N ASP I 154 24.78 -21.57 60.11
CA ASP I 154 24.61 -22.96 60.50
C ASP I 154 23.15 -23.15 60.96
N VAL I 155 22.24 -22.43 60.32
CA VAL I 155 20.81 -22.60 60.51
C VAL I 155 20.22 -23.22 59.22
N TYR I 156 19.59 -24.40 59.37
CA TYR I 156 18.93 -25.05 58.26
C TYR I 156 17.43 -25.15 58.52
N ILE I 157 16.65 -24.59 57.58
CA ILE I 157 15.20 -24.72 57.59
C ILE I 157 14.73 -25.10 56.19
N THR I 158 13.86 -26.11 56.10
CA THR I 158 13.31 -26.54 54.82
C THR I 158 12.14 -25.66 54.40
N ASP I 159 11.65 -25.87 53.18
CA ASP I 159 10.37 -25.32 52.78
C ASP I 159 9.27 -26.12 53.45
N LYS I 160 8.03 -25.63 53.34
CA LYS I 160 6.86 -26.30 53.86
C LYS I 160 6.36 -27.33 52.85
N CYS I 161 5.84 -28.46 53.30
CA CYS I 161 5.19 -29.37 52.37
C CYS I 161 4.01 -30.01 53.11
N VAL I 162 3.01 -30.45 52.32
CA VAL I 162 1.71 -30.84 52.83
C VAL I 162 1.49 -32.33 52.58
N LEU I 163 1.03 -33.05 53.60
CA LEU I 163 0.86 -34.50 53.56
C LEU I 163 -0.63 -34.83 53.68
N ASP I 164 -0.99 -36.04 53.23
CA ASP I 164 -2.38 -36.45 53.21
C ASP I 164 -2.53 -37.84 53.84
N MET I 165 -3.04 -37.88 55.08
CA MET I 165 -3.41 -39.11 55.74
C MET I 165 -4.83 -39.49 55.29
N ARG I 166 -4.97 -40.06 54.08
CA ARG I 166 -6.29 -40.22 53.48
C ARG I 166 -7.17 -41.09 54.38
N SER I 167 -6.53 -41.92 55.21
CA SER I 167 -7.17 -42.82 56.15
C SER I 167 -7.95 -42.09 57.25
N MET I 168 -7.63 -40.82 57.48
CA MET I 168 -8.37 -40.00 58.43
C MET I 168 -9.09 -38.88 57.70
N ASP I 169 -8.75 -38.63 56.43
CA ASP I 169 -9.33 -37.53 55.67
C ASP I 169 -8.73 -36.22 56.18
N PHE I 170 -7.40 -36.12 56.21
CA PHE I 170 -6.72 -35.13 57.04
C PHE I 170 -5.39 -34.71 56.40
N LYS I 171 -5.19 -33.39 56.35
CA LYS I 171 -4.02 -32.78 55.75
C LYS I 171 -3.34 -31.84 56.75
N SER I 172 -2.02 -31.91 56.77
CA SER I 172 -1.18 -31.17 57.68
C SER I 172 -0.06 -30.54 56.85
N ASN I 173 0.37 -29.36 57.29
CA ASN I 173 1.58 -28.74 56.76
C ASN I 173 2.73 -29.03 57.74
N SER I 174 3.98 -28.92 57.25
CA SER I 174 5.17 -29.38 57.96
C SER I 174 6.41 -28.69 57.40
N ALA I 175 7.33 -28.26 58.26
CA ALA I 175 8.64 -27.78 57.85
C ALA I 175 9.65 -28.18 58.93
N VAL I 176 10.87 -28.56 58.54
CA VAL I 176 11.80 -29.11 59.51
C VAL I 176 13.03 -28.21 59.56
N ALA I 177 13.69 -28.21 60.72
CA ALA I 177 14.86 -27.38 60.92
C ALA I 177 15.85 -28.11 61.82
N TRP I 178 17.15 -27.89 61.56
CA TRP I 178 18.19 -28.61 62.29
C TRP I 178 19.50 -27.82 62.20
N SER I 179 20.38 -28.02 63.23
CA SER I 179 21.71 -27.44 63.32
C SER I 179 22.39 -27.95 64.59
N ASN I 180 23.46 -28.75 64.47
CA ASN I 180 24.01 -29.50 65.59
C ASN I 180 25.20 -28.74 66.19
N ALA I 185 18.25 -24.80 69.93
CA ALA I 185 17.03 -25.12 70.70
C ALA I 185 15.77 -24.90 69.84
N CYS I 186 14.85 -25.87 69.94
CA CYS I 186 13.76 -25.98 68.98
C CYS I 186 12.69 -24.90 69.14
N ALA I 187 12.26 -24.64 70.38
CA ALA I 187 10.98 -23.98 70.60
C ALA I 187 10.87 -22.68 69.79
N ASN I 188 11.99 -21.96 69.58
CA ASN I 188 11.98 -20.69 68.89
C ASN I 188 12.86 -20.73 67.64
N ALA I 189 13.09 -21.94 67.12
CA ALA I 189 13.86 -22.13 65.89
C ALA I 189 13.26 -21.35 64.72
N PHE I 190 11.92 -21.31 64.58
CA PHE I 190 11.26 -20.94 63.33
C PHE I 190 10.79 -19.48 63.33
N ASN I 191 11.73 -18.53 63.48
CA ASN I 191 11.40 -17.12 63.58
C ASN I 191 12.14 -16.36 62.49
N GLY J 4 6.22 -43.87 24.21
CA GLY J 4 7.04 -44.78 23.40
C GLY J 4 8.34 -44.10 22.95
N VAL J 5 8.88 -43.28 23.85
CA VAL J 5 10.17 -42.67 23.68
C VAL J 5 11.02 -43.11 24.86
N THR J 6 12.00 -43.96 24.56
CA THR J 6 12.90 -44.45 25.57
C THR J 6 14.14 -43.60 25.52
N GLN J 7 14.47 -43.03 26.68
CA GLN J 7 15.65 -42.22 26.84
C GLN J 7 16.43 -42.79 28.02
N THR J 8 17.75 -42.88 27.86
CA THR J 8 18.64 -43.37 28.89
C THR J 8 19.93 -42.58 28.80
N PRO J 9 20.75 -42.46 29.87
CA PRO J 9 20.40 -42.97 31.20
C PRO J 9 19.48 -42.03 31.96
N LYS J 10 18.89 -42.52 33.07
CA LYS J 10 18.01 -41.68 33.85
C LYS J 10 18.84 -40.65 34.62
N PHE J 11 19.97 -41.09 35.22
CA PHE J 11 20.91 -40.18 35.86
C PHE J 11 22.33 -40.42 35.37
N GLN J 12 23.23 -39.48 35.68
CA GLN J 12 24.60 -39.61 35.22
C GLN J 12 25.48 -38.49 35.76
N VAL J 13 26.63 -38.88 36.31
CA VAL J 13 27.62 -37.92 36.76
C VAL J 13 28.87 -38.03 35.88
N LEU J 14 29.52 -36.88 35.62
CA LEU J 14 30.60 -36.76 34.67
C LEU J 14 31.66 -35.82 35.25
N LYS J 15 32.92 -36.13 34.96
CA LYS J 15 34.04 -35.29 35.32
C LYS J 15 34.26 -34.36 34.14
N THR J 16 34.54 -33.06 34.42
CA THR J 16 34.89 -32.12 33.38
C THR J 16 35.80 -32.80 32.36
N GLY J 17 35.35 -32.84 31.10
CA GLY J 17 36.20 -33.25 30.00
C GLY J 17 35.83 -34.63 29.45
N GLN J 18 35.12 -35.44 30.25
CA GLN J 18 34.65 -36.73 29.78
C GLN J 18 33.63 -36.55 28.66
N SER J 19 33.42 -37.63 27.93
CA SER J 19 32.45 -37.66 26.85
C SER J 19 31.34 -38.62 27.25
N MET J 20 30.22 -38.56 26.54
CA MET J 20 28.98 -39.10 27.03
C MET J 20 27.98 -39.09 25.88
N THR J 21 27.22 -40.17 25.73
CA THR J 21 26.11 -40.21 24.79
C THR J 21 24.80 -40.43 25.53
N LEU J 22 23.78 -39.62 25.24
CA LEU J 22 22.42 -39.87 25.72
C LEU J 22 21.68 -40.60 24.61
N GLN J 23 21.04 -41.71 24.95
CA GLN J 23 20.29 -42.49 24.00
C GLN J 23 18.84 -42.01 23.98
N CYS J 24 18.28 -42.02 22.76
CA CYS J 24 16.88 -41.76 22.54
C CYS J 24 16.35 -42.60 21.38
N ALA J 25 15.29 -43.36 21.68
CA ALA J 25 14.66 -44.24 20.71
C ALA J 25 13.16 -43.98 20.69
N GLN J 26 12.55 -44.00 19.49
CA GLN J 26 11.12 -43.86 19.31
C GLN J 26 10.56 -45.03 18.49
N ASP J 27 9.37 -45.50 18.88
CA ASP J 27 8.70 -46.59 18.19
C ASP J 27 7.70 -46.05 17.18
N MET J 28 7.46 -44.74 17.14
CA MET J 28 6.28 -44.19 16.47
C MET J 28 6.59 -43.94 15.00
N ASN J 29 7.87 -43.94 14.66
CA ASN J 29 8.34 -43.82 13.29
C ASN J 29 8.11 -42.41 12.74
N TYR J 30 8.07 -41.39 13.60
CA TYR J 30 7.86 -40.04 13.12
C TYR J 30 9.13 -39.50 12.49
N GLU J 31 8.99 -38.55 11.59
CA GLU J 31 10.12 -37.95 10.92
C GLU J 31 11.00 -37.10 11.84
N TYR J 32 10.40 -36.39 12.79
CA TYR J 32 11.06 -35.32 13.53
C TYR J 32 11.44 -35.78 14.95
N MET J 33 12.69 -35.53 15.35
CA MET J 33 13.14 -35.82 16.71
C MET J 33 13.91 -34.61 17.23
N SER J 34 13.95 -34.41 18.56
CA SER J 34 14.58 -33.22 19.13
C SER J 34 15.28 -33.52 20.46
N TRP J 35 16.16 -32.61 20.88
CA TRP J 35 16.79 -32.58 22.19
C TRP J 35 16.57 -31.22 22.85
N TYR J 36 16.03 -31.23 24.06
CA TYR J 36 15.87 -30.00 24.82
C TYR J 36 16.64 -30.12 26.13
N ARG J 37 17.04 -29.00 26.71
CA ARG J 37 17.51 -29.04 28.09
C ARG J 37 16.76 -27.99 28.91
N GLN J 38 16.66 -28.28 30.21
CA GLN J 38 15.90 -27.49 31.15
C GLN J 38 16.74 -27.28 32.40
N ASP J 39 17.01 -26.02 32.71
CA ASP J 39 17.70 -25.70 33.94
C ASP J 39 16.67 -25.50 35.04
N PRO J 40 17.06 -25.46 36.33
CA PRO J 40 16.08 -25.24 37.40
C PRO J 40 15.48 -23.83 37.38
N GLY J 41 16.23 -22.81 36.93
CA GLY J 41 15.71 -21.46 36.78
C GLY J 41 15.28 -21.07 35.36
N MET J 42 14.72 -22.02 34.58
CA MET J 42 14.30 -21.76 33.20
C MET J 42 13.16 -22.70 32.80
N GLY J 43 12.71 -22.59 31.55
CA GLY J 43 11.94 -23.64 30.90
C GLY J 43 12.84 -24.50 30.00
N LEU J 44 12.23 -25.22 29.06
CA LEU J 44 12.98 -26.03 28.11
C LEU J 44 13.56 -25.13 27.03
N ARG J 45 14.82 -25.39 26.67
CA ARG J 45 15.48 -24.74 25.54
C ARG J 45 16.01 -25.80 24.58
N LEU J 46 15.68 -25.64 23.28
CA LEU J 46 15.98 -26.63 22.24
C LEU J 46 17.47 -26.61 21.95
N ILE J 47 18.10 -27.79 21.98
CA ILE J 47 19.51 -27.94 21.65
C ILE J 47 19.70 -28.19 20.15
N HIS J 48 19.22 -29.33 19.66
CA HIS J 48 19.35 -29.68 18.26
C HIS J 48 18.11 -30.48 17.86
N TYR J 49 17.88 -30.65 16.58
CA TYR J 49 16.80 -31.52 16.15
C TYR J 49 17.07 -32.13 14.77
N SER J 50 16.16 -32.95 14.30
CA SER J 50 16.35 -33.65 13.04
C SER J 50 15.00 -33.89 12.39
N VAL J 51 14.90 -33.46 11.14
CA VAL J 51 13.65 -33.48 10.41
C VAL J 51 13.43 -34.84 9.74
N SER J 52 14.50 -35.61 9.52
CA SER J 52 14.39 -36.94 8.91
C SER J 52 15.70 -37.69 9.07
N ALA J 53 15.65 -39.01 8.83
CA ALA J 53 16.84 -39.85 8.84
C ALA J 53 17.92 -39.15 8.02
N GLY J 54 19.08 -38.96 8.63
CA GLY J 54 20.21 -38.34 7.95
C GLY J 54 20.13 -36.82 7.87
N LEU J 55 19.22 -36.15 8.59
CA LEU J 55 19.29 -34.68 8.66
C LEU J 55 19.38 -34.18 10.11
N THR J 56 20.09 -33.04 10.30
CA THR J 56 20.23 -32.39 11.60
C THR J 56 20.28 -30.87 11.42
N ASP J 57 19.82 -30.15 12.46
CA ASP J 57 19.82 -28.70 12.50
C ASP J 57 20.06 -28.23 13.93
N GLN J 58 20.33 -26.93 14.08
CA GLN J 58 20.68 -26.37 15.37
C GLN J 58 19.47 -25.68 15.99
N GLY J 59 19.27 -25.94 17.30
CA GLY J 59 18.26 -25.25 18.08
C GLY J 59 18.75 -23.90 18.60
N GLU J 60 18.28 -23.53 19.78
CA GLU J 60 18.57 -22.23 20.38
C GLU J 60 19.95 -22.26 21.06
N VAL J 61 20.39 -23.45 21.51
CA VAL J 61 21.58 -23.54 22.35
C VAL J 61 22.40 -24.75 21.92
N PRO J 62 22.95 -24.73 20.68
CA PRO J 62 23.62 -25.90 20.11
C PRO J 62 25.00 -26.22 20.71
N ASN J 63 25.66 -25.15 21.18
CA ASN J 63 27.06 -25.17 21.59
C ASN J 63 27.29 -26.28 22.61
N GLY J 64 28.34 -27.06 22.37
CA GLY J 64 28.79 -28.11 23.29
C GLY J 64 28.26 -29.50 22.95
N TYR J 65 27.37 -29.58 21.94
CA TYR J 65 26.71 -30.85 21.71
C TYR J 65 26.66 -31.19 20.24
N ASN J 66 26.75 -32.50 19.96
CA ASN J 66 26.64 -33.06 18.63
C ASN J 66 25.50 -34.09 18.64
N VAL J 67 24.91 -34.32 17.45
CA VAL J 67 23.86 -35.31 17.25
C VAL J 67 24.04 -35.96 15.88
N SER J 68 23.39 -37.10 15.66
CA SER J 68 23.27 -37.65 14.32
C SER J 68 21.98 -38.46 14.24
N ARG J 69 21.52 -38.68 13.00
CA ARG J 69 20.28 -39.40 12.79
C ARG J 69 20.49 -40.41 11.67
N SER J 70 21.17 -41.52 11.99
CA SER J 70 21.37 -42.59 11.02
C SER J 70 20.02 -43.16 10.63
N THR J 71 19.29 -43.62 11.64
CA THR J 71 17.99 -44.25 11.48
C THR J 71 16.86 -43.30 11.92
N THR J 72 15.66 -43.59 11.41
CA THR J 72 14.44 -42.94 11.85
C THR J 72 14.30 -42.99 13.36
N GLU J 73 14.67 -44.15 13.96
CA GLU J 73 14.27 -44.54 15.30
C GLU J 73 15.07 -43.87 16.40
N ASP J 74 16.35 -43.57 16.15
CA ASP J 74 17.26 -43.19 17.22
C ASP J 74 17.80 -41.80 16.94
N PHE J 75 18.09 -41.05 18.01
CA PHE J 75 18.64 -39.71 17.89
C PHE J 75 19.59 -39.46 19.05
N PRO J 76 20.81 -40.08 19.06
CA PRO J 76 21.74 -39.89 20.17
C PRO J 76 22.21 -38.44 20.30
N LEU J 77 22.38 -37.99 21.55
CA LEU J 77 23.03 -36.72 21.82
C LEU J 77 24.37 -36.98 22.48
N ARG J 78 25.36 -36.15 22.12
CA ARG J 78 26.74 -36.47 22.36
C ARG J 78 27.43 -35.26 22.96
N LEU J 79 27.78 -35.36 24.25
CA LEU J 79 28.61 -34.35 24.89
C LEU J 79 30.07 -34.71 24.62
N LEU J 80 30.75 -33.86 23.84
CA LEU J 80 32.09 -34.13 23.36
C LEU J 80 33.07 -34.03 24.52
N SER J 81 33.08 -32.85 25.18
CA SER J 81 33.94 -32.56 26.31
C SER J 81 33.15 -31.83 27.40
N ALA J 82 32.77 -32.58 28.44
CA ALA J 82 31.85 -32.14 29.48
C ALA J 82 32.31 -30.86 30.17
N ALA J 83 31.34 -30.01 30.51
CA ALA J 83 31.64 -28.72 31.10
C ALA J 83 30.55 -28.36 32.12
N PRO J 84 30.87 -27.54 33.15
CA PRO J 84 29.96 -27.33 34.29
C PRO J 84 28.55 -26.93 33.86
N SER J 85 28.57 -26.00 32.91
CA SER J 85 27.35 -25.35 32.45
C SER J 85 26.42 -26.33 31.74
N GLN J 86 26.82 -27.60 31.59
CA GLN J 86 25.99 -28.60 30.92
C GLN J 86 25.27 -29.46 31.95
N THR J 87 25.55 -29.19 33.24
CA THR J 87 24.72 -29.67 34.32
C THR J 87 23.28 -29.22 34.05
N SER J 88 22.38 -30.18 33.86
CA SER J 88 21.02 -29.85 33.44
C SER J 88 20.17 -31.12 33.36
N VAL J 89 18.86 -30.97 33.12
CA VAL J 89 17.98 -32.10 32.81
C VAL J 89 17.75 -32.07 31.30
N TYR J 90 17.95 -33.20 30.65
CA TYR J 90 17.89 -33.29 29.20
C TYR J 90 16.66 -34.10 28.83
N PHE J 91 15.81 -33.54 27.96
CA PHE J 91 14.65 -34.26 27.45
C PHE J 91 14.76 -34.40 25.93
N CYS J 92 14.45 -35.61 25.49
CA CYS J 92 14.39 -35.99 24.09
C CYS J 92 12.93 -35.98 23.66
N ALA J 93 12.60 -35.64 22.39
CA ALA J 93 11.24 -35.77 21.90
C ALA J 93 11.14 -36.29 20.46
N SER J 94 9.93 -36.76 20.12
CA SER J 94 9.52 -37.10 18.78
C SER J 94 8.29 -36.29 18.37
N HIS J 95 8.10 -36.08 17.07
CA HIS J 95 7.05 -35.21 16.58
C HIS J 95 6.62 -35.64 15.17
N ARG J 96 5.30 -35.69 14.90
CA ARG J 96 4.74 -36.05 13.61
C ARG J 96 5.02 -35.00 12.55
N ASN J 97 4.89 -33.71 12.94
CA ASN J 97 5.19 -32.56 12.10
C ASN J 97 6.16 -31.66 12.87
N ARG J 98 6.77 -30.75 12.12
CA ARG J 98 7.62 -29.73 12.69
C ARG J 98 6.98 -29.02 13.91
N LEU J 99 5.66 -28.76 13.90
CA LEU J 99 5.07 -27.76 14.78
C LEU J 99 3.92 -28.35 15.60
N THR J 100 3.82 -29.68 15.65
CA THR J 100 2.73 -30.32 16.38
C THR J 100 3.31 -30.82 17.70
N GLU J 101 2.45 -31.50 18.47
CA GLU J 101 2.76 -32.05 19.79
C GLU J 101 4.16 -32.70 19.79
N ALA J 102 4.95 -32.31 20.79
CA ALA J 102 6.15 -33.01 21.14
C ALA J 102 5.87 -34.05 22.21
N PHE J 103 6.36 -35.26 21.95
CA PHE J 103 6.23 -36.39 22.86
C PHE J 103 7.59 -36.69 23.48
N PHE J 104 7.74 -36.37 24.76
CA PHE J 104 9.04 -36.35 25.41
C PHE J 104 9.42 -37.73 25.98
N GLY J 105 10.72 -37.95 26.20
CA GLY J 105 11.21 -39.07 26.99
C GLY J 105 11.19 -38.74 28.47
N GLN J 106 11.56 -39.73 29.30
CA GLN J 106 11.50 -39.65 30.74
C GLN J 106 12.55 -38.65 31.29
N GLY J 107 13.57 -38.30 30.51
CA GLY J 107 14.50 -37.29 30.95
C GLY J 107 15.83 -37.89 31.40
N THR J 108 16.86 -37.06 31.53
CA THR J 108 18.15 -37.48 32.02
C THR J 108 18.72 -36.36 32.87
N ARG J 109 19.06 -36.68 34.11
CA ARG J 109 19.71 -35.67 34.92
C ARG J 109 21.21 -35.86 34.82
N LEU J 110 21.93 -34.78 34.54
CA LEU J 110 23.35 -34.83 34.25
C LEU J 110 24.06 -33.75 35.07
N THR J 111 24.96 -34.19 35.96
CA THR J 111 25.83 -33.26 36.67
C THR J 111 27.28 -33.47 36.25
N VAL J 112 27.93 -32.39 35.79
CA VAL J 112 29.34 -32.44 35.47
C VAL J 112 30.12 -31.85 36.66
N VAL J 113 31.02 -32.64 37.23
CA VAL J 113 31.74 -32.24 38.43
C VAL J 113 33.20 -32.01 38.06
N GLU J 114 33.81 -31.07 38.80
CA GLU J 114 35.19 -30.64 38.62
C GLU J 114 36.16 -31.77 38.98
N ASP J 115 35.75 -32.67 39.89
CA ASP J 115 36.50 -33.87 40.17
C ASP J 115 35.66 -34.83 41.00
N LEU J 116 35.83 -36.13 40.74
CA LEU J 116 34.94 -37.12 41.32
C LEU J 116 35.09 -37.17 42.84
N LYS J 117 36.05 -36.44 43.42
CA LYS J 117 36.24 -36.46 44.86
C LYS J 117 35.32 -35.46 45.53
N ASN J 118 34.42 -34.87 44.74
CA ASN J 118 33.35 -34.06 45.28
C ASN J 118 32.12 -34.94 45.50
N VAL J 119 32.10 -36.13 44.91
CA VAL J 119 30.94 -37.00 45.01
C VAL J 119 30.94 -37.65 46.39
N PHE J 120 29.76 -37.72 47.01
CA PHE J 120 29.55 -38.31 48.32
C PHE J 120 28.16 -38.91 48.34
N PRO J 121 27.97 -40.12 48.92
CA PRO J 121 26.62 -40.65 49.08
C PRO J 121 26.01 -39.91 50.26
N PRO J 122 24.69 -40.07 50.52
CA PRO J 122 24.06 -39.42 51.66
C PRO J 122 24.16 -40.27 52.92
N GLU J 123 24.33 -39.60 54.05
CA GLU J 123 23.99 -40.21 55.33
C GLU J 123 22.50 -40.00 55.57
N VAL J 124 21.86 -41.03 56.13
CA VAL J 124 20.44 -41.06 56.38
C VAL J 124 20.19 -41.25 57.87
N ALA J 125 19.22 -40.53 58.42
CA ALA J 125 18.84 -40.70 59.81
C ALA J 125 17.33 -40.56 59.92
N VAL J 126 16.69 -41.47 60.67
CA VAL J 126 15.26 -41.40 60.96
C VAL J 126 15.05 -40.89 62.37
N PHE J 127 14.76 -39.59 62.50
CA PHE J 127 14.52 -38.97 63.79
C PHE J 127 13.17 -39.41 64.37
N GLU J 128 13.12 -39.54 65.70
CA GLU J 128 11.99 -40.15 66.37
C GLU J 128 10.97 -39.09 66.75
N PRO J 129 9.65 -39.41 66.66
CA PRO J 129 8.56 -38.48 66.98
C PRO J 129 8.74 -37.62 68.24
N SER J 130 7.61 -37.19 68.82
CA SER J 130 7.56 -36.48 70.08
C SER J 130 6.31 -36.91 70.83
N GLU J 131 6.36 -37.00 72.16
CA GLU J 131 5.16 -37.31 72.94
C GLU J 131 4.31 -36.05 73.01
N ALA J 132 4.98 -34.88 72.99
CA ALA J 132 4.31 -33.59 72.84
C ALA J 132 3.29 -33.72 71.70
N GLU J 133 3.78 -34.09 70.51
CA GLU J 133 2.94 -34.38 69.36
C GLU J 133 1.95 -35.52 69.67
N ILE J 134 2.46 -36.64 70.20
CA ILE J 134 1.73 -37.89 70.33
C ILE J 134 0.35 -37.67 70.95
N SER J 135 0.28 -36.90 72.07
CA SER J 135 -0.95 -36.77 72.85
C SER J 135 -1.71 -35.48 72.55
N HIS J 136 -0.97 -34.40 72.24
CA HIS J 136 -1.61 -33.15 71.88
C HIS J 136 -2.53 -33.38 70.67
N THR J 137 -2.14 -34.31 69.78
CA THR J 137 -2.71 -34.43 68.44
C THR J 137 -3.18 -35.85 68.07
N GLN J 138 -2.77 -36.89 68.81
CA GLN J 138 -3.20 -38.27 68.52
C GLN J 138 -2.59 -38.74 67.19
N LYS J 139 -1.39 -38.23 66.86
CA LYS J 139 -0.71 -38.50 65.59
C LYS J 139 0.80 -38.40 65.79
N ALA J 140 1.55 -39.16 64.99
CA ALA J 140 3.00 -39.25 65.13
C ALA J 140 3.66 -39.00 63.78
N THR J 141 4.61 -38.05 63.80
CA THR J 141 5.37 -37.63 62.62
C THR J 141 6.81 -38.12 62.72
N LEU J 142 7.18 -39.07 61.83
CA LEU J 142 8.56 -39.45 61.60
C LEU J 142 9.20 -38.47 60.62
N VAL J 143 10.46 -38.09 60.85
CA VAL J 143 11.24 -37.26 59.94
C VAL J 143 12.48 -38.03 59.48
N CYS J 144 12.67 -38.10 58.16
CA CYS J 144 13.94 -38.56 57.61
C CYS J 144 14.81 -37.39 57.17
N LEU J 145 16.13 -37.52 57.30
CA LEU J 145 17.03 -36.46 56.94
C LEU J 145 18.29 -37.08 56.30
N ALA J 146 18.53 -36.71 55.04
CA ALA J 146 19.61 -37.22 54.22
C ALA J 146 20.62 -36.12 53.98
N THR J 147 21.91 -36.40 54.26
CA THR J 147 22.91 -35.36 54.48
C THR J 147 24.18 -35.60 53.66
N GLY J 148 24.79 -34.48 53.25
CA GLY J 148 26.12 -34.48 52.66
C GLY J 148 26.22 -35.28 51.37
N PHE J 149 25.16 -35.27 50.55
CA PHE J 149 25.19 -36.00 49.29
C PHE J 149 25.55 -35.04 48.16
N TYR J 150 26.03 -35.61 47.06
CA TYR J 150 26.42 -34.88 45.87
C TYR J 150 26.89 -35.84 44.78
N PRO J 151 26.39 -35.70 43.54
CA PRO J 151 25.50 -34.62 43.13
C PRO J 151 24.07 -34.83 43.62
N ASP J 152 23.19 -33.84 43.39
CA ASP J 152 21.81 -33.92 43.84
C ASP J 152 21.01 -34.94 43.02
N HIS J 153 21.31 -36.24 43.17
CA HIS J 153 20.64 -37.28 42.38
C HIS J 153 20.13 -38.39 43.29
N VAL J 154 18.98 -38.14 43.94
CA VAL J 154 18.54 -38.92 45.07
C VAL J 154 17.06 -39.21 44.90
N GLU J 155 16.60 -40.35 45.41
CA GLU J 155 15.17 -40.64 45.45
C GLU J 155 14.83 -41.21 46.84
N LEU J 156 13.97 -40.49 47.56
CA LEU J 156 13.62 -40.82 48.94
C LEU J 156 12.27 -41.53 48.96
N SER J 157 12.17 -42.60 49.76
CA SER J 157 10.94 -43.38 49.92
C SER J 157 10.74 -43.77 51.39
N TRP J 158 9.52 -44.22 51.70
CA TRP J 158 9.15 -44.67 53.03
C TRP J 158 8.61 -46.09 52.93
N TRP J 159 9.16 -46.97 53.78
CA TRP J 159 8.76 -48.38 53.82
C TRP J 159 8.27 -48.68 55.23
N VAL J 160 7.01 -49.14 55.33
CA VAL J 160 6.42 -49.50 56.62
C VAL J 160 6.19 -51.01 56.59
N ASN J 161 6.89 -51.69 57.50
CA ASN J 161 6.95 -53.15 57.49
C ASN J 161 7.23 -53.58 56.05
N GLY J 162 8.33 -53.03 55.51
CA GLY J 162 9.00 -53.52 54.31
C GLY J 162 8.21 -53.31 53.02
N LYS J 163 7.03 -52.67 53.10
CA LYS J 163 6.27 -52.33 51.91
C LYS J 163 6.23 -50.81 51.80
N GLU J 164 6.40 -50.28 50.58
CA GLU J 164 6.50 -48.85 50.35
C GLU J 164 5.13 -48.17 50.52
N VAL J 165 5.12 -46.96 51.10
CA VAL J 165 3.88 -46.24 51.39
C VAL J 165 3.85 -44.90 50.65
N HIS J 166 2.64 -44.39 50.38
CA HIS J 166 2.50 -43.04 49.85
C HIS J 166 1.67 -42.17 50.77
N SER J 167 0.46 -42.61 51.14
CA SER J 167 -0.36 -41.81 52.04
C SER J 167 0.46 -41.41 53.28
N GLY J 168 0.27 -40.16 53.72
CA GLY J 168 0.90 -39.65 54.93
C GLY J 168 2.33 -39.17 54.71
N VAL J 169 2.76 -39.05 53.45
CA VAL J 169 4.15 -38.75 53.14
C VAL J 169 4.31 -37.37 52.47
N CYS J 170 5.52 -36.82 52.57
CA CYS J 170 5.83 -35.44 52.19
C CYS J 170 7.35 -35.21 52.18
N THR J 171 7.98 -35.12 51.00
CA THR J 171 9.41 -34.86 50.93
C THR J 171 9.63 -33.45 50.40
N ASP J 172 10.61 -32.75 50.95
CA ASP J 172 10.98 -31.44 50.42
C ASP J 172 11.09 -31.50 48.89
N PRO J 173 10.74 -30.40 48.19
CA PRO J 173 10.67 -30.42 46.72
C PRO J 173 12.08 -30.45 46.12
N GLN J 174 12.91 -29.44 46.44
CA GLN J 174 14.35 -29.50 46.22
C GLN J 174 15.10 -29.58 47.55
N PRO J 175 16.38 -30.00 47.53
CA PRO J 175 17.21 -29.99 48.72
C PRO J 175 17.88 -28.65 49.00
N LEU J 176 18.53 -28.56 50.17
CA LEU J 176 19.30 -27.41 50.60
C LEU J 176 20.78 -27.65 50.35
N LYS J 177 21.44 -26.57 49.98
CA LYS J 177 22.88 -26.52 49.94
C LYS J 177 23.38 -26.42 51.38
N GLU J 178 24.28 -27.32 51.76
CA GLU J 178 24.85 -27.31 53.11
C GLU J 178 25.80 -26.12 53.20
N GLN J 179 26.55 -25.86 52.13
CA GLN J 179 27.41 -24.68 52.05
C GLN J 179 26.92 -23.78 50.91
N PRO J 180 25.90 -22.93 51.17
CA PRO J 180 25.38 -21.98 50.18
C PRO J 180 26.44 -21.28 49.34
N ALA J 181 27.59 -20.99 49.95
CA ALA J 181 28.74 -20.38 49.29
C ALA J 181 29.18 -21.19 48.07
N LEU J 182 29.58 -22.44 48.31
CA LEU J 182 30.22 -23.28 47.31
C LEU J 182 29.24 -23.72 46.22
N ASN J 183 29.72 -23.78 44.97
CA ASN J 183 28.97 -24.39 43.87
C ASN J 183 29.38 -25.85 43.72
N ASP J 184 30.34 -26.30 44.53
CA ASP J 184 30.49 -27.73 44.81
C ASP J 184 30.08 -27.97 46.25
N SER J 185 28.84 -27.54 46.60
CA SER J 185 28.23 -27.80 47.89
C SER J 185 27.42 -29.10 47.84
N ARG J 186 27.52 -29.87 48.93
CA ARG J 186 26.73 -31.07 49.11
C ARG J 186 25.37 -30.66 49.66
N TYR J 187 24.43 -31.60 49.66
CA TYR J 187 23.03 -31.24 49.80
C TYR J 187 22.43 -31.99 50.98
N ALA J 188 21.36 -31.42 51.54
CA ALA J 188 20.55 -32.09 52.54
C ALA J 188 19.13 -32.20 52.01
N LEU J 189 18.39 -33.21 52.48
CA LEU J 189 17.00 -33.36 52.07
C LEU J 189 16.18 -33.96 53.21
N SER J 190 14.97 -33.43 53.48
CA SER J 190 14.13 -33.99 54.53
C SER J 190 12.85 -34.59 53.96
N SER J 191 12.23 -35.49 54.73
CA SER J 191 10.94 -36.09 54.42
C SER J 191 10.14 -36.26 55.72
N ARG J 192 8.85 -36.58 55.62
CA ARG J 192 8.00 -36.84 56.79
C ARG J 192 6.99 -37.93 56.42
N LEU J 193 6.86 -38.90 57.33
CA LEU J 193 5.80 -39.88 57.31
C LEU J 193 4.96 -39.73 58.59
N ARG J 194 3.64 -39.67 58.43
CA ARG J 194 2.74 -39.50 59.56
C ARG J 194 1.76 -40.64 59.58
N VAL J 195 1.51 -41.14 60.80
CA VAL J 195 0.36 -41.98 61.09
C VAL J 195 -0.04 -41.71 62.53
N SER J 196 -1.24 -42.21 62.88
CA SER J 196 -1.80 -42.17 64.22
C SER J 196 -0.78 -42.65 65.24
N ALA J 197 -0.81 -42.04 66.43
CA ALA J 197 0.11 -42.37 67.50
C ALA J 197 0.11 -43.88 67.76
N THR J 198 -1.10 -44.52 67.73
CA THR J 198 -1.31 -45.94 67.94
C THR J 198 -0.20 -46.80 67.31
N PHE J 199 0.10 -46.57 66.02
CA PHE J 199 1.08 -47.37 65.31
C PHE J 199 2.47 -47.18 65.93
N TRP J 200 2.84 -45.93 66.25
CA TRP J 200 4.21 -45.63 66.64
C TRP J 200 4.55 -46.31 67.97
N ARG J 208 11.05 -47.61 57.82
CA ARG J 208 12.37 -47.41 57.16
C ARG J 208 12.31 -46.36 56.05
N CYS J 209 13.29 -45.46 56.12
CA CYS J 209 13.50 -44.39 55.16
C CYS J 209 14.64 -44.78 54.22
N GLN J 210 14.30 -45.07 52.96
CA GLN J 210 15.27 -45.52 51.96
C GLN J 210 15.66 -44.37 51.03
N VAL J 211 16.97 -44.18 50.82
CA VAL J 211 17.47 -43.12 49.97
C VAL J 211 18.33 -43.71 48.85
N GLN J 212 17.76 -43.80 47.65
CA GLN J 212 18.47 -44.27 46.46
C GLN J 212 19.40 -43.17 45.98
N PHE J 213 20.68 -43.52 45.77
CA PHE J 213 21.67 -42.56 45.30
C PHE J 213 22.21 -43.02 43.95
N TYR J 214 22.54 -42.05 43.10
CA TYR J 214 23.10 -42.29 41.78
C TYR J 214 24.41 -41.53 41.69
N GLY J 215 25.52 -42.27 41.75
CA GLY J 215 26.84 -41.69 41.67
C GLY J 215 27.75 -42.67 40.94
N LEU J 216 29.06 -42.60 41.24
CA LEU J 216 30.12 -43.17 40.42
C LEU J 216 29.79 -44.59 39.97
N SER J 217 30.30 -44.91 38.77
CA SER J 217 30.06 -46.21 38.15
C SER J 217 31.18 -47.15 38.57
N GLU J 218 30.91 -48.46 38.48
CA GLU J 218 31.89 -49.49 38.77
C GLU J 218 33.21 -49.15 38.09
N ASN J 219 33.13 -48.82 36.80
CA ASN J 219 34.31 -48.59 35.97
C ASN J 219 35.20 -47.46 36.52
N ASP J 220 34.61 -46.44 37.14
CA ASP J 220 35.31 -45.19 37.42
C ASP J 220 36.54 -45.41 38.29
N GLU J 221 37.46 -44.44 38.24
CA GLU J 221 38.75 -44.49 38.93
C GLU J 221 38.68 -43.86 40.32
N TRP J 222 39.52 -44.32 41.27
CA TRP J 222 39.42 -43.84 42.64
C TRP J 222 40.76 -43.95 43.36
N THR J 223 41.13 -42.90 44.11
CA THR J 223 42.40 -42.82 44.81
C THR J 223 42.21 -42.01 46.10
N GLN J 224 41.32 -42.46 47.01
CA GLN J 224 40.96 -41.66 48.18
C GLN J 224 40.55 -42.56 49.34
N ASP J 225 41.02 -42.24 50.55
CA ASP J 225 40.98 -43.16 51.69
C ASP J 225 39.54 -43.60 52.00
N ARG J 226 38.56 -42.77 51.60
CA ARG J 226 37.14 -43.04 51.76
C ARG J 226 36.72 -44.21 50.87
N ALA J 227 35.54 -44.79 51.13
CA ALA J 227 34.88 -45.72 50.21
C ALA J 227 34.68 -45.04 48.84
N LYS J 228 34.22 -45.82 47.86
CA LYS J 228 33.98 -45.26 46.53
C LYS J 228 32.50 -44.88 46.44
N PRO J 229 32.15 -43.59 46.22
CA PRO J 229 30.75 -43.16 46.16
C PRO J 229 29.95 -43.75 45.00
N VAL J 230 29.56 -45.01 45.14
CA VAL J 230 28.90 -45.72 44.05
C VAL J 230 27.38 -45.57 44.20
N THR J 231 26.66 -45.79 43.10
CA THR J 231 25.21 -45.96 43.09
C THR J 231 24.80 -47.06 44.06
N GLN J 232 23.85 -46.75 44.95
CA GLN J 232 23.55 -47.57 46.11
C GLN J 232 22.34 -47.01 46.87
N ILE J 233 21.66 -47.88 47.62
CA ILE J 233 20.69 -47.46 48.61
C ILE J 233 21.42 -47.13 49.92
N VAL J 234 20.84 -46.21 50.70
CA VAL J 234 21.24 -45.97 52.07
C VAL J 234 19.95 -45.76 52.86
N SER J 235 19.80 -46.56 53.91
CA SER J 235 18.58 -46.65 54.69
C SER J 235 18.86 -46.23 56.12
N ALA J 236 17.77 -46.01 56.87
CA ALA J 236 17.76 -45.89 58.31
C ALA J 236 16.36 -46.28 58.73
N GLU J 237 16.22 -46.74 59.98
CA GLU J 237 14.94 -47.26 60.47
C GLU J 237 14.90 -47.03 61.98
N ALA J 238 13.67 -47.07 62.51
CA ALA J 238 13.42 -47.12 63.95
C ALA J 238 12.11 -47.88 64.17
N TRP J 239 11.93 -48.31 65.43
CA TRP J 239 10.70 -48.91 65.90
C TRP J 239 10.02 -47.93 66.86
#